data_8SFH
#
_entry.id   8SFH
#
_cell.length_a   1.00
_cell.length_b   1.00
_cell.length_c   1.00
_cell.angle_alpha   90.00
_cell.angle_beta   90.00
_cell.angle_gamma   90.00
#
_symmetry.space_group_name_H-M   'P 1'
#
loop_
_entity.id
_entity.type
_entity.pdbx_description
1 polymer 'CRISPR-associated endonuclease Cas12a'
2 polymer 'RNA (27-MER)'
3 polymer 'DNA (32-MER)'
4 polymer 'DNA (32-MER)'
#
loop_
_entity_poly.entity_id
_entity_poly.type
_entity_poly.pdbx_seq_one_letter_code
_entity_poly.pdbx_strand_id
1 'polypeptide(L)'
;MTQFEGFTNLYQVSKTLRFELIPQGKTLKHIQEQGFIEEDKARNDHYKELKPIIDRIYKTYADQCLQLVQLDWENLSAAI
DSYRKEKTEETRNALIEEQATYRNAIHDYFIGRTDNLTDAINKRHAEIYKGLFKAELFNGKVLKQLGTVTTTEHENALLR
SFDKFTTYFSGFYENRKNVFSAEDISTAIPHRIVQDNFPKFKENCHIFTRLITAVPSLREHFENVKKAIGIFVSTSIEEV
FSFPFYNQLLTQTQIDLYNQLLGGISREAGTEKIKGLNEVLNLAIQKNDETAHIIASLPHRFIPLFKQILSDRNTLSFIL
EEFKSDEEVIQSFCKYKTLLRNENVLETAEALFNELNSIDLTHIFISHKKLETISSALCDHWDTLRNALYERRISELTGK
ITKSAKEKVQRSLKHEDINLQEIISAAGKELSEAFKQKTSEILSHAHAALDQPLPTTLKKQEEKEILKSQLDSLLGLYHL
LDWFAVDESNEVDPEFSARLTGIKLEMEPSLSFYNKARNYATKKPYSVEKFKLNFQMPTLASGWDVNKEKNNGAILFVKN
GLYYLGIMPKQKGRYKALSFEPTEKTSEGFDKMYYDYFPDAAKMIPKCSTQLKAVTAHFQTHTTPILLSNNFIEPLEITK
EIYDLNNPEKEPKKFQTAYAKKTGDQKGYREALCKWIDFTRDFLSKYTKTTSIDLSSLRPSSQYKDLGEYYAELNPLLYH
ISFQRIAEKEIMDAVETGKLYLFQIYNKDFAKGHHGKPNLHTLYWTGLFSPENLAKTSIKLNGQAELFYRPKSRMKRMAH
RLGEKMLNKKLKDQKTPIPDTLYQELYDYVNHRLSHDLSDEARALLPNVITKEVSHEIIKDRRFTSDKFFFHVPITLNYQ
AANSPSKFNQRVNAYLKEHPETPIIGIDRGERNLIYITVIDSTGKILEQRSLNTIQQFDYQKKLDNREKERVAARQAWSV
VGTIKDLKQGYLSQVIHEIVDLMIHYQAVVVLENLNFGFKSKRTGIAEKAVYQQFEKMLIDKLNCLVLKDYPAEKVGGVL
NPYQLTDQFTSFAKMGTQSGFLFYVPAPYTSKIDPLTGFVDPFVWKTIKNHESRKHFLEGFDFLHYDVKTGDFILHFKMN
RNLSFQRGLPGFMPAWDIVFEKNETQFDAKGTPFIAGKRIVPVIENHRFTGRYRDLYPANELIALLEEKGIVFRDGSNIL
PKLLENDDSHAIDTMVALIRSVLQMRNSNAATGEDYINSPVRDLNGVCFDSRFQNPEWPMDADANGAYHIALKGQLLLNH
LKESKDLKLQNGISNQDWLAYIQELRN
;
A
2 'polyribonucleotide' AAUUUCUACUCUUGUAGAUGUGAUAAG B
3 'polydeoxyribonucleotide'
;(DA)(DC)(DC)(DG)(DT)(DA)(DA)(DG)(DG)(DT)(DC)(DT)(DT)(DA)(DT)(DC)(DA)(DC)(DT)(DA)
(DA)(DA)(DA)(DG)(DA)(DT)(DC)(DG)(DG)(DA)(DA)(DG)
;
C
4 'polydeoxyribonucleotide'
;(DC)(DT)(DT)(DC)(DC)(DG)(DA)(DT)(DC)(DT)(DT)(DT)(DT)(DA)(DG)(DT)(DG)(DA)(DT)(DA)
(DA)(DG)(DA)(DC)(DC)(DT)(DT)(DA)(DC)(DG)(DG)(DT)
;
D
#
loop_
_chem_comp.id
_chem_comp.type
_chem_comp.name
_chem_comp.formula
A RNA linking ADENOSINE-5'-MONOPHOSPHATE 'C10 H14 N5 O7 P'
C RNA linking CYTIDINE-5'-MONOPHOSPHATE 'C9 H14 N3 O8 P'
DA DNA linking 2'-DEOXYADENOSINE-5'-MONOPHOSPHATE 'C10 H14 N5 O6 P'
DC DNA linking 2'-DEOXYCYTIDINE-5'-MONOPHOSPHATE 'C9 H14 N3 O7 P'
DG DNA linking 2'-DEOXYGUANOSINE-5'-MONOPHOSPHATE 'C10 H14 N5 O7 P'
DT DNA linking THYMIDINE-5'-MONOPHOSPHATE 'C10 H15 N2 O8 P'
G RNA linking GUANOSINE-5'-MONOPHOSPHATE 'C10 H14 N5 O8 P'
U RNA linking URIDINE-5'-MONOPHOSPHATE 'C9 H13 N2 O9 P'
#
# COMPACT_ATOMS: atom_id res chain seq x y z
N MET A 1 -15.83 -26.45 26.46
CA MET A 1 -14.92 -26.39 25.32
C MET A 1 -15.10 -25.09 24.54
N THR A 2 -14.04 -24.68 23.84
CA THR A 2 -14.11 -23.49 23.00
C THR A 2 -15.02 -23.73 21.80
N GLN A 3 -15.64 -22.66 21.32
CA GLN A 3 -16.66 -22.76 20.28
C GLN A 3 -16.41 -21.69 19.22
N PHE A 4 -16.88 -21.99 18.00
CA PHE A 4 -16.68 -21.06 16.88
C PHE A 4 -17.46 -19.77 17.08
N GLU A 5 -18.63 -19.85 17.71
CA GLU A 5 -19.39 -18.64 18.02
C GLU A 5 -18.74 -17.81 19.12
N GLY A 6 -17.72 -18.34 19.79
CA GLY A 6 -16.97 -17.56 20.76
C GLY A 6 -16.03 -16.53 20.15
N PHE A 7 -15.82 -16.57 18.84
CA PHE A 7 -15.02 -15.57 18.13
C PHE A 7 -15.86 -14.33 17.85
N THR A 8 -16.23 -13.65 18.92
CA THR A 8 -16.96 -12.40 18.82
C THR A 8 -16.63 -11.55 20.04
N ASN A 9 -16.84 -10.24 19.90
CA ASN A 9 -16.65 -9.26 20.97
C ASN A 9 -15.23 -9.29 21.53
N LEU A 10 -14.23 -9.44 20.67
CA LEU A 10 -12.87 -9.56 21.14
C LEU A 10 -12.09 -8.25 21.15
N TYR A 11 -12.34 -7.36 20.21
CA TYR A 11 -11.66 -6.07 20.20
C TYR A 11 -12.50 -5.02 19.50
N GLN A 12 -12.32 -3.77 19.94
CA GLN A 12 -13.08 -2.65 19.40
C GLN A 12 -12.66 -2.37 17.96
N VAL A 13 -13.64 -2.15 17.09
CA VAL A 13 -13.39 -1.85 15.68
C VAL A 13 -14.03 -0.51 15.39
N SER A 14 -13.21 0.49 15.09
CA SER A 14 -13.74 1.81 14.77
C SER A 14 -14.02 1.92 13.28
N LYS A 15 -15.13 2.57 12.95
CA LYS A 15 -15.56 2.75 11.57
C LYS A 15 -16.18 4.13 11.46
N THR A 16 -16.50 4.55 10.25
CA THR A 16 -17.33 5.74 10.10
C THR A 16 -18.42 5.49 9.07
N LEU A 17 -19.53 6.21 9.23
CA LEU A 17 -20.66 6.13 8.34
C LEU A 17 -20.82 7.49 7.66
N ARG A 18 -21.02 7.48 6.35
CA ARG A 18 -21.26 8.69 5.59
C ARG A 18 -22.72 8.74 5.16
N PHE A 19 -23.31 9.93 5.24
CA PHE A 19 -24.70 10.10 4.83
C PHE A 19 -24.85 11.42 4.09
N GLU A 20 -25.88 11.52 3.26
CA GLU A 20 -26.26 12.81 2.72
C GLU A 20 -27.15 13.53 3.72
N LEU A 21 -27.11 14.85 3.71
CA LEU A 21 -28.00 15.66 4.54
C LEU A 21 -28.95 16.42 3.63
N ILE A 22 -30.24 16.17 3.76
CA ILE A 22 -31.26 16.84 2.98
C ILE A 22 -31.84 17.97 3.83
N PRO A 23 -31.70 19.23 3.43
CA PRO A 23 -32.18 20.33 4.27
C PRO A 23 -33.71 20.37 4.30
N GLN A 24 -34.27 20.27 5.50
CA GLN A 24 -35.71 20.30 5.69
C GLN A 24 -36.20 21.73 5.86
N GLY A 25 -37.41 21.99 5.37
CA GLY A 25 -38.08 23.25 5.61
C GLY A 25 -37.33 24.47 5.11
N LYS A 26 -37.21 25.48 5.98
CA LYS A 26 -36.67 26.78 5.61
C LYS A 26 -35.14 26.82 5.61
N THR A 27 -34.46 25.77 6.10
CA THR A 27 -33.05 25.86 6.51
C THR A 27 -32.15 26.35 5.40
N LEU A 28 -32.34 25.79 4.19
CA LEU A 28 -31.50 26.13 3.06
C LEU A 28 -31.54 27.62 2.77
N LYS A 29 -32.73 28.22 2.86
CA LYS A 29 -32.87 29.65 2.65
C LYS A 29 -32.03 30.42 3.67
N HIS A 30 -32.10 30.01 4.95
CA HIS A 30 -31.26 30.64 5.97
C HIS A 30 -29.79 30.40 5.69
N ILE A 31 -29.44 29.18 5.26
CA ILE A 31 -28.06 28.90 4.92
C ILE A 31 -27.63 29.73 3.72
N GLN A 32 -28.56 29.96 2.79
CA GLN A 32 -28.27 30.86 1.68
C GLN A 32 -28.28 32.30 2.14
N GLU A 33 -29.09 32.63 3.15
CA GLU A 33 -29.17 34.02 3.58
C GLU A 33 -27.93 34.42 4.37
N GLN A 34 -27.49 33.57 5.30
CA GLN A 34 -26.31 33.89 6.09
C GLN A 34 -25.01 33.69 5.32
N GLY A 35 -25.03 32.90 4.26
CA GLY A 35 -23.83 32.71 3.46
C GLY A 35 -22.72 31.92 4.11
N PHE A 36 -23.05 30.86 4.84
CA PHE A 36 -22.03 29.99 5.42
C PHE A 36 -21.24 29.28 4.33
N ILE A 37 -21.91 28.90 3.23
CA ILE A 37 -21.29 28.11 2.18
C ILE A 37 -20.15 28.88 1.52
N GLU A 38 -20.39 30.15 1.18
CA GLU A 38 -19.38 30.95 0.51
C GLU A 38 -18.18 31.21 1.42
N GLU A 39 -18.43 31.47 2.69
CA GLU A 39 -17.32 31.74 3.60
C GLU A 39 -16.53 30.48 3.90
N ASP A 40 -17.17 29.31 3.88
CA ASP A 40 -16.41 28.07 4.05
C ASP A 40 -15.59 27.73 2.80
N LYS A 41 -16.14 28.00 1.61
CA LYS A 41 -15.35 27.86 0.39
C LYS A 41 -14.13 28.78 0.43
N ALA A 42 -14.33 30.03 0.84
CA ALA A 42 -13.23 30.98 0.97
C ALA A 42 -12.22 30.53 2.00
N ARG A 43 -12.69 29.99 3.14
CA ARG A 43 -11.80 29.53 4.18
C ARG A 43 -10.94 28.35 3.71
N ASN A 44 -11.55 27.42 2.96
CA ASN A 44 -10.77 26.31 2.42
C ASN A 44 -9.73 26.78 1.42
N ASP A 45 -10.10 27.73 0.55
CA ASP A 45 -9.15 28.27 -0.41
C ASP A 45 -8.01 29.00 0.30
N HIS A 46 -8.33 29.77 1.35
CA HIS A 46 -7.31 30.49 2.10
C HIS A 46 -6.38 29.53 2.84
N TYR A 47 -6.92 28.43 3.37
CA TYR A 47 -6.08 27.42 4.01
C TYR A 47 -5.10 26.81 3.01
N LYS A 48 -5.59 26.48 1.80
CA LYS A 48 -4.72 25.92 0.77
C LYS A 48 -3.64 26.91 0.35
N GLU A 49 -4.00 28.20 0.23
CA GLU A 49 -3.00 29.22 -0.10
C GLU A 49 -2.04 29.44 1.06
N LEU A 50 -2.51 29.25 2.29
CA LEU A 50 -1.78 29.72 3.45
C LEU A 50 -0.75 28.73 3.95
N LYS A 51 -0.94 27.43 3.69
CA LYS A 51 0.07 26.44 4.09
C LYS A 51 1.50 26.73 3.59
N PRO A 52 1.75 27.02 2.30
CA PRO A 52 3.15 27.32 1.92
C PRO A 52 3.67 28.63 2.51
N ILE A 53 2.80 29.60 2.78
CA ILE A 53 3.25 30.84 3.42
C ILE A 53 3.73 30.58 4.84
N ILE A 54 3.00 29.75 5.58
CA ILE A 54 3.44 29.41 6.93
C ILE A 54 4.72 28.57 6.87
N ASP A 55 4.86 27.73 5.83
CA ASP A 55 6.12 27.03 5.62
C ASP A 55 7.27 28.01 5.38
N ARG A 56 7.01 29.10 4.65
CA ARG A 56 8.05 30.11 4.43
C ARG A 56 8.40 30.82 5.74
N ILE A 57 7.40 31.06 6.60
CA ILE A 57 7.66 31.63 7.93
C ILE A 57 8.56 30.72 8.74
N TYR A 58 8.26 29.41 8.73
CA TYR A 58 9.08 28.44 9.44
C TYR A 58 10.50 28.38 8.87
N LYS A 59 10.63 28.46 7.55
CA LYS A 59 11.96 28.54 6.94
C LYS A 59 12.72 29.77 7.41
N THR A 60 12.04 30.92 7.47
CA THR A 60 12.67 32.15 7.91
C THR A 60 13.17 32.04 9.35
N TYR A 61 12.33 31.49 10.24
CA TYR A 61 12.77 31.30 11.61
C TYR A 61 13.91 30.31 11.73
N ALA A 62 13.86 29.20 10.97
CA ALA A 62 14.93 28.21 11.02
C ALA A 62 16.26 28.80 10.57
N ASP A 63 16.23 29.57 9.48
CA ASP A 63 17.46 30.19 8.99
C ASP A 63 17.96 31.27 9.94
N GLN A 64 17.05 32.01 10.57
CA GLN A 64 17.47 33.01 11.55
C GLN A 64 18.10 32.35 12.78
N CYS A 65 17.58 31.19 13.18
CA CYS A 65 18.03 30.59 14.44
C CYS A 65 19.28 29.73 14.25
N LEU A 66 19.44 29.08 13.09
CA LEU A 66 20.58 28.17 12.91
C LEU A 66 21.91 28.92 12.87
N GLN A 67 21.90 30.20 12.50
CA GLN A 67 23.14 30.96 12.44
C GLN A 67 23.77 31.18 13.81
N LEU A 68 22.98 31.11 14.88
CA LEU A 68 23.55 31.24 16.22
C LEU A 68 24.18 29.95 16.72
N VAL A 69 23.98 28.84 16.01
CA VAL A 69 24.48 27.54 16.46
C VAL A 69 26.00 27.49 16.33
N GLN A 70 26.68 27.33 17.46
CA GLN A 70 28.12 27.09 17.50
C GLN A 70 28.40 25.93 18.46
N LEU A 71 29.06 24.89 17.95
CA LEU A 71 29.41 23.74 18.77
C LEU A 71 30.80 23.26 18.39
N ASP A 72 31.42 22.48 19.28
CA ASP A 72 32.65 21.78 18.99
C ASP A 72 32.34 20.31 18.76
N TRP A 73 32.67 19.81 17.58
CA TRP A 73 32.18 18.52 17.10
C TRP A 73 33.15 17.38 17.37
N GLU A 74 34.24 17.63 18.10
CA GLU A 74 35.31 16.64 18.25
C GLU A 74 34.83 15.39 18.98
N ASN A 75 33.99 15.55 20.01
CA ASN A 75 33.58 14.41 20.83
C ASN A 75 32.75 13.42 20.03
N LEU A 76 31.73 13.92 19.31
CA LEU A 76 30.92 13.08 18.46
C LEU A 76 31.72 12.47 17.32
N SER A 77 32.69 13.22 16.79
CA SER A 77 33.60 12.68 15.79
C SER A 77 34.40 11.51 16.35
N ALA A 78 34.88 11.63 17.58
CA ALA A 78 35.63 10.56 18.22
C ALA A 78 34.76 9.33 18.42
N ALA A 79 33.49 9.53 18.77
CA ALA A 79 32.56 8.40 18.87
C ALA A 79 32.35 7.74 17.52
N ILE A 80 32.24 8.54 16.45
CA ILE A 80 32.08 8.00 15.10
C ILE A 80 33.26 7.13 14.72
N ASP A 81 34.49 7.63 14.99
CA ASP A 81 35.68 6.78 14.78
C ASP A 81 35.58 5.50 15.59
N SER A 82 35.32 5.62 16.90
CA SER A 82 35.39 4.47 17.82
C SER A 82 34.44 3.36 17.39
N TYR A 83 33.23 3.74 16.95
CA TYR A 83 32.34 2.75 16.33
C TYR A 83 32.95 2.18 15.06
N ARG A 84 33.46 3.03 14.16
CA ARG A 84 33.85 2.51 12.86
C ARG A 84 35.12 1.65 12.92
N LYS A 85 35.94 1.81 13.96
CA LYS A 85 37.09 0.90 14.12
C LYS A 85 36.67 -0.36 14.85
N GLU A 86 35.94 -0.23 15.95
CA GLU A 86 35.81 -1.35 16.87
C GLU A 86 34.57 -2.20 16.69
N LYS A 87 33.41 -1.59 16.37
CA LYS A 87 32.09 -2.23 16.36
C LYS A 87 31.70 -2.81 17.71
N THR A 88 32.37 -2.38 18.79
CA THR A 88 32.06 -2.84 20.13
C THR A 88 30.68 -2.34 20.55
N GLU A 89 29.94 -3.18 21.27
CA GLU A 89 28.57 -2.86 21.64
C GLU A 89 28.49 -1.68 22.62
N GLU A 90 29.57 -1.40 23.36
CA GLU A 90 29.59 -0.17 24.13
C GLU A 90 29.66 1.06 23.22
N THR A 91 30.31 0.93 22.06
CA THR A 91 30.50 2.07 21.18
C THR A 91 29.21 2.52 20.55
N ARG A 92 28.33 1.58 20.16
CA ARG A 92 27.06 1.98 19.54
C ARG A 92 26.18 2.74 20.53
N ASN A 93 26.11 2.27 21.78
CA ASN A 93 25.31 2.96 22.78
C ASN A 93 25.90 4.32 23.13
N ALA A 94 27.23 4.39 23.25
CA ALA A 94 27.88 5.67 23.51
C ALA A 94 27.65 6.64 22.36
N LEU A 95 27.71 6.15 21.12
CA LEU A 95 27.47 6.98 19.95
C LEU A 95 26.02 7.46 19.89
N ILE A 96 25.06 6.59 20.21
CA ILE A 96 23.66 7.00 20.21
C ILE A 96 23.40 8.04 21.29
N GLU A 97 23.99 7.86 22.46
CA GLU A 97 23.86 8.86 23.53
C GLU A 97 24.51 10.18 23.13
N GLU A 98 25.67 10.12 22.47
CA GLU A 98 26.35 11.33 22.00
C GLU A 98 25.53 12.05 20.94
N GLN A 99 24.97 11.29 19.99
CA GLN A 99 24.10 11.86 18.97
C GLN A 99 22.86 12.49 19.59
N ALA A 100 22.29 11.85 20.60
CA ALA A 100 21.15 12.42 21.31
C ALA A 100 21.54 13.71 22.02
N THR A 101 22.73 13.75 22.62
CA THR A 101 23.20 14.97 23.28
C THR A 101 23.37 16.10 22.27
N TYR A 102 23.93 15.80 21.10
CA TYR A 102 24.09 16.83 20.07
C TYR A 102 22.73 17.27 19.51
N ARG A 103 21.79 16.34 19.35
CA ARG A 103 20.45 16.71 18.91
C ARG A 103 19.76 17.62 19.93
N ASN A 104 19.91 17.31 21.22
CA ASN A 104 19.37 18.19 22.26
C ASN A 104 20.06 19.54 22.24
N ALA A 105 21.36 19.56 22.00
CA ALA A 105 22.10 20.82 21.91
C ALA A 105 21.61 21.68 20.77
N ILE A 106 21.33 21.08 19.61
CA ILE A 106 20.74 21.83 18.49
C ILE A 106 19.34 22.30 18.86
N HIS A 107 18.54 21.39 19.42
CA HIS A 107 17.12 21.66 19.69
C HIS A 107 16.94 22.77 20.72
N ASP A 108 17.90 22.93 21.63
CA ASP A 108 17.84 24.02 22.60
C ASP A 108 17.88 25.40 21.96
N TYR A 109 18.46 25.55 20.77
CA TYR A 109 18.49 26.86 20.14
C TYR A 109 17.10 27.33 19.72
N PHE A 110 16.29 26.42 19.17
CA PHE A 110 14.94 26.79 18.76
C PHE A 110 14.06 27.11 19.96
N ILE A 111 14.01 26.21 20.94
CA ILE A 111 13.12 26.35 22.09
C ILE A 111 13.69 27.30 23.12
N GLY A 112 14.92 27.75 22.92
CA GLY A 112 15.55 28.64 23.87
C GLY A 112 15.93 27.98 25.18
N ARG A 113 16.80 26.99 25.12
CA ARG A 113 17.34 26.34 26.30
C ARG A 113 18.87 26.28 26.16
N THR A 114 19.42 27.20 25.40
CA THR A 114 20.85 27.21 25.08
C THR A 114 21.57 28.09 26.10
N ASP A 115 22.43 27.46 26.90
CA ASP A 115 23.23 28.20 27.88
C ASP A 115 24.39 28.94 27.22
N ASN A 116 24.69 28.65 25.96
CA ASN A 116 25.72 29.36 25.22
C ASN A 116 25.24 30.69 24.67
N LEU A 117 24.00 31.08 24.95
CA LEU A 117 23.43 32.35 24.52
C LEU A 117 23.07 33.18 25.73
N THR A 118 23.01 34.49 25.53
CA THR A 118 22.58 35.40 26.57
C THR A 118 21.11 35.18 26.91
N ASP A 119 20.74 35.47 28.16
CA ASP A 119 19.40 35.16 28.66
C ASP A 119 18.32 35.93 27.92
N ALA A 120 18.60 37.17 27.53
CA ALA A 120 17.61 37.96 26.79
C ALA A 120 17.34 37.37 25.41
N ILE A 121 18.41 37.03 24.68
CA ILE A 121 18.26 36.42 23.36
C ILE A 121 17.62 35.05 23.47
N ASN A 122 18.03 34.27 24.49
CA ASN A 122 17.49 32.94 24.70
C ASN A 122 15.99 33.01 24.99
N LYS A 123 15.58 33.97 25.83
CA LYS A 123 14.16 34.16 26.12
C LYS A 123 13.40 34.62 24.89
N ARG A 124 14.01 35.47 24.06
CA ARG A 124 13.38 35.90 22.82
C ARG A 124 13.13 34.72 21.89
N HIS A 125 14.12 33.85 21.72
CA HIS A 125 13.95 32.67 20.88
C HIS A 125 12.91 31.72 21.44
N ALA A 126 12.87 31.57 22.77
CA ALA A 126 11.84 30.76 23.40
C ALA A 126 10.44 31.30 23.11
N GLU A 127 10.28 32.62 23.22
CA GLU A 127 8.99 33.24 22.93
C GLU A 127 8.59 33.07 21.48
N ILE A 128 9.56 33.23 20.55
CA ILE A 128 9.27 33.06 19.12
C ILE A 128 8.82 31.64 18.84
N TYR A 129 9.53 30.66 19.39
CA TYR A 129 9.18 29.26 19.12
C TYR A 129 7.83 28.90 19.72
N LYS A 130 7.57 29.32 20.96
CA LYS A 130 6.30 28.97 21.58
C LYS A 130 5.13 29.75 21.00
N GLY A 131 5.39 30.91 20.39
CA GLY A 131 4.34 31.62 19.68
C GLY A 131 4.07 31.12 18.27
N LEU A 132 4.99 30.32 17.72
CA LEU A 132 4.88 29.90 16.33
C LEU A 132 3.82 28.84 16.09
N PHE A 133 3.31 28.20 17.14
CA PHE A 133 2.30 27.15 17.00
C PHE A 133 1.03 27.51 17.76
N LYS A 134 0.68 28.79 17.77
CA LYS A 134 -0.43 29.31 18.55
C LYS A 134 -1.28 30.20 17.67
N ALA A 135 -2.40 30.66 18.24
CA ALA A 135 -3.16 31.74 17.63
C ALA A 135 -2.36 33.02 17.50
N GLU A 136 -1.32 33.19 18.34
CA GLU A 136 -0.44 34.35 18.28
C GLU A 136 0.23 34.51 16.92
N LEU A 137 0.44 33.40 16.21
CA LEU A 137 0.94 33.47 14.85
C LEU A 137 -0.03 34.23 13.94
N PHE A 138 -1.31 33.89 14.03
CA PHE A 138 -2.29 34.50 13.15
C PHE A 138 -2.62 35.94 13.57
N ASN A 139 -2.54 36.23 14.86
CA ASN A 139 -2.73 37.59 15.34
C ASN A 139 -1.60 38.52 14.92
N GLY A 140 -0.45 37.97 14.52
CA GLY A 140 0.59 38.71 13.87
C GLY A 140 1.67 39.29 14.74
N LYS A 141 1.55 39.23 16.07
CA LYS A 141 2.59 39.82 16.90
C LYS A 141 3.87 38.98 16.93
N VAL A 142 3.78 37.67 16.66
CA VAL A 142 5.00 36.89 16.54
C VAL A 142 5.76 37.31 15.28
N LEU A 143 5.05 37.72 14.23
CA LEU A 143 5.71 38.31 13.08
C LEU A 143 6.24 39.70 13.38
N LYS A 144 5.66 40.40 14.35
CA LYS A 144 6.25 41.65 14.81
C LYS A 144 7.56 41.40 15.54
N GLN A 145 7.61 40.35 16.37
CA GLN A 145 8.84 40.05 17.09
C GLN A 145 9.90 39.44 16.17
N LEU A 146 9.47 38.59 15.24
CA LEU A 146 10.37 37.98 14.26
C LEU A 146 10.66 39.01 13.18
N GLY A 147 11.83 39.64 13.27
CA GLY A 147 12.17 40.69 12.34
C GLY A 147 12.39 40.17 10.93
N THR A 148 12.42 41.13 9.98
CA THR A 148 12.71 41.00 8.54
C THR A 148 11.97 39.81 7.92
N VAL A 149 10.65 39.93 7.95
CA VAL A 149 9.75 38.92 7.39
C VAL A 149 8.97 39.57 6.26
N THR A 150 8.83 38.84 5.14
CA THR A 150 8.54 39.43 3.84
C THR A 150 7.06 39.40 3.45
N THR A 151 6.14 39.19 4.38
CA THR A 151 4.72 39.14 4.02
C THR A 151 4.18 40.52 3.66
N THR A 152 3.25 40.54 2.71
CA THR A 152 2.53 41.74 2.30
C THR A 152 1.17 41.82 2.99
N GLU A 153 0.43 42.89 2.68
CA GLU A 153 -0.88 43.10 3.29
C GLU A 153 -1.88 41.99 2.96
N HIS A 154 -1.76 41.40 1.77
CA HIS A 154 -2.65 40.29 1.42
C HIS A 154 -2.35 39.05 2.25
N GLU A 155 -1.06 38.74 2.41
CA GLU A 155 -0.66 37.63 3.26
C GLU A 155 -1.02 37.90 4.72
N ASN A 156 -0.85 39.14 5.18
CA ASN A 156 -1.27 39.50 6.53
C ASN A 156 -2.78 39.31 6.71
N ALA A 157 -3.57 39.67 5.69
CA ALA A 157 -5.01 39.46 5.77
C ALA A 157 -5.37 37.98 5.81
N LEU A 158 -4.63 37.15 5.07
CA LEU A 158 -4.83 35.70 5.14
C LEU A 158 -4.54 35.17 6.54
N LEU A 159 -3.47 35.68 7.18
CA LEU A 159 -3.22 35.33 8.57
C LEU A 159 -4.35 35.78 9.50
N ARG A 160 -4.81 37.01 9.36
CA ARG A 160 -5.86 37.53 10.25
C ARG A 160 -7.18 36.80 10.06
N SER A 161 -7.43 36.26 8.88
CA SER A 161 -8.70 35.57 8.62
C SER A 161 -8.86 34.30 9.45
N PHE A 162 -7.76 33.68 9.88
CA PHE A 162 -7.82 32.49 10.72
C PHE A 162 -7.63 32.78 12.20
N ASP A 163 -7.63 34.05 12.60
CA ASP A 163 -7.62 34.37 14.02
C ASP A 163 -8.92 33.88 14.66
N LYS A 164 -8.81 33.42 15.92
CA LYS A 164 -9.86 32.74 16.67
C LYS A 164 -10.37 31.49 15.97
N PHE A 165 -9.59 30.93 15.04
CA PHE A 165 -9.99 29.76 14.27
C PHE A 165 -8.81 28.81 14.06
N THR A 166 -7.95 28.70 15.07
CA THR A 166 -6.70 27.97 14.96
C THR A 166 -6.91 26.47 14.70
N THR A 167 -8.10 25.94 15.01
CA THR A 167 -8.36 24.51 14.95
C THR A 167 -8.23 23.92 13.54
N TYR A 168 -8.27 24.76 12.50
CA TYR A 168 -8.04 24.27 11.15
C TYR A 168 -6.63 23.72 10.97
N PHE A 169 -5.66 24.34 11.63
CA PHE A 169 -4.24 24.08 11.41
C PHE A 169 -3.65 23.08 12.39
N SER A 170 -4.48 22.43 13.22
CA SER A 170 -3.97 21.58 14.29
C SER A 170 -3.17 20.40 13.76
N GLY A 171 -3.64 19.77 12.67
CA GLY A 171 -2.87 18.69 12.08
C GLY A 171 -1.59 19.18 11.46
N PHE A 172 -1.63 20.36 10.83
CA PHE A 172 -0.43 20.95 10.26
C PHE A 172 0.59 21.30 11.35
N TYR A 173 0.12 21.84 12.48
CA TYR A 173 0.97 22.03 13.65
C TYR A 173 1.55 20.71 14.14
N GLU A 174 0.72 19.67 14.23
CA GLU A 174 1.17 18.37 14.70
C GLU A 174 2.26 17.80 13.80
N ASN A 175 2.18 18.09 12.50
CA ASN A 175 3.27 17.70 11.62
C ASN A 175 4.51 18.56 11.84
N ARG A 176 4.39 19.87 11.65
CA ARG A 176 5.55 20.75 11.59
C ARG A 176 6.28 20.86 12.92
N LYS A 177 5.63 20.48 14.03
CA LYS A 177 6.30 20.46 15.33
C LYS A 177 7.46 19.47 15.34
N ASN A 178 7.29 18.29 14.73
CA ASN A 178 8.32 17.27 14.79
C ASN A 178 9.58 17.65 14.01
N VAL A 179 9.45 18.59 13.06
CA VAL A 179 10.59 19.05 12.29
C VAL A 179 11.61 19.75 13.17
N PHE A 180 11.15 20.53 14.15
CA PHE A 180 12.03 21.23 15.06
C PHE A 180 12.42 20.40 16.27
N SER A 181 11.84 19.21 16.43
CA SER A 181 12.04 18.42 17.63
C SER A 181 13.41 17.75 17.65
N ALA A 182 13.79 17.27 18.83
CA ALA A 182 15.05 16.57 19.04
C ALA A 182 14.94 15.07 18.81
N GLU A 183 13.82 14.62 18.26
CA GLU A 183 13.60 13.19 18.05
C GLU A 183 14.50 12.65 16.96
N ASP A 184 14.69 11.33 16.97
CA ASP A 184 15.58 10.63 16.06
C ASP A 184 14.92 10.33 14.71
N ILE A 185 13.81 10.99 14.40
CA ILE A 185 13.09 10.78 13.16
C ILE A 185 13.85 11.45 12.03
N SER A 186 13.65 10.94 10.81
CA SER A 186 14.41 11.42 9.66
C SER A 186 14.06 12.86 9.31
N THR A 187 12.78 13.22 9.37
CA THR A 187 12.34 14.53 8.92
C THR A 187 12.49 15.63 9.98
N ALA A 188 13.69 15.79 10.53
CA ALA A 188 13.93 16.78 11.57
C ALA A 188 15.22 17.54 11.28
N ILE A 189 15.27 18.80 11.72
CA ILE A 189 16.50 19.60 11.57
C ILE A 189 17.70 18.98 12.30
N PRO A 190 17.62 18.60 13.60
CA PRO A 190 18.82 18.02 14.22
C PRO A 190 19.26 16.69 13.62
N HIS A 191 18.33 15.85 13.17
CA HIS A 191 18.73 14.60 12.53
C HIS A 191 19.46 14.86 11.22
N ARG A 192 18.98 15.80 10.43
CA ARG A 192 19.64 16.12 9.16
C ARG A 192 21.01 16.74 9.41
N ILE A 193 21.15 17.53 10.47
CA ILE A 193 22.45 18.12 10.77
C ILE A 193 23.43 17.04 11.27
N VAL A 194 23.04 16.30 12.30
CA VAL A 194 24.02 15.58 13.09
C VAL A 194 24.24 14.14 12.61
N GLN A 195 23.27 13.53 11.94
CA GLN A 195 23.41 12.14 11.52
C GLN A 195 23.56 11.97 10.02
N ASP A 196 22.90 12.81 9.23
CA ASP A 196 23.01 12.70 7.77
C ASP A 196 24.21 13.47 7.24
N ASN A 197 24.29 14.76 7.53
CA ASN A 197 25.28 15.61 6.87
C ASN A 197 26.64 15.56 7.55
N PHE A 198 26.66 15.52 8.90
CA PHE A 198 27.93 15.58 9.62
C PHE A 198 28.89 14.42 9.35
N PRO A 199 28.47 13.14 9.29
CA PRO A 199 29.44 12.10 8.87
C PRO A 199 30.01 12.34 7.49
N LYS A 200 29.22 12.89 6.58
CA LYS A 200 29.74 13.21 5.25
C LYS A 200 30.76 14.33 5.30
N PHE A 201 30.52 15.35 6.15
CA PHE A 201 31.51 16.40 6.30
C PHE A 201 32.79 15.89 6.95
N LYS A 202 32.66 14.98 7.93
CA LYS A 202 33.82 14.34 8.53
C LYS A 202 34.62 13.55 7.50
N GLU A 203 33.92 12.80 6.64
CA GLU A 203 34.58 12.06 5.57
C GLU A 203 35.29 13.00 4.62
N ASN A 204 34.66 14.14 4.30
CA ASN A 204 35.31 15.15 3.46
C ASN A 204 36.59 15.67 4.11
N CYS A 205 36.52 15.98 5.41
CA CYS A 205 37.68 16.49 6.14
C CYS A 205 38.83 15.49 6.13
N HIS A 206 38.52 14.22 6.44
CA HIS A 206 39.57 13.20 6.46
C HIS A 206 40.14 12.91 5.08
N ILE A 207 39.28 12.88 4.05
CA ILE A 207 39.75 12.64 2.70
C ILE A 207 40.66 13.79 2.25
N PHE A 208 40.27 15.02 2.58
CA PHE A 208 41.10 16.18 2.25
C PHE A 208 42.45 16.12 2.95
N THR A 209 42.47 15.79 4.25
CA THR A 209 43.73 15.72 4.98
C THR A 209 44.64 14.64 4.40
N ARG A 210 44.06 13.49 4.03
CA ARG A 210 44.84 12.41 3.43
C ARG A 210 45.44 12.83 2.10
N LEU A 211 44.65 13.49 1.25
CA LEU A 211 45.18 13.95 -0.05
C LEU A 211 46.26 15.03 0.14
N ILE A 212 46.09 15.93 1.12
CA ILE A 212 47.10 16.95 1.38
C ILE A 212 48.41 16.32 1.84
N THR A 213 48.34 15.34 2.74
CA THR A 213 49.55 14.64 3.15
C THR A 213 50.14 13.82 2.02
N ALA A 214 49.32 13.39 1.06
CA ALA A 214 49.85 12.64 -0.07
C ALA A 214 50.50 13.54 -1.10
N VAL A 215 49.80 14.58 -1.54
CA VAL A 215 50.33 15.51 -2.54
C VAL A 215 50.29 16.93 -1.98
N PRO A 216 51.41 17.45 -1.47
CA PRO A 216 51.41 18.83 -0.95
C PRO A 216 51.17 19.89 -2.02
N SER A 217 51.68 19.68 -3.24
CA SER A 217 51.53 20.68 -4.30
C SER A 217 50.09 20.84 -4.75
N LEU A 218 49.23 19.88 -4.42
CA LEU A 218 47.80 19.99 -4.67
C LEU A 218 47.17 21.09 -3.82
N ARG A 219 47.74 21.37 -2.63
CA ARG A 219 47.15 22.28 -1.65
C ARG A 219 46.88 23.66 -2.24
N GLU A 220 47.93 24.31 -2.73
CA GLU A 220 47.76 25.63 -3.34
C GLU A 220 46.88 25.54 -4.57
N HIS A 221 46.96 24.41 -5.29
CA HIS A 221 46.10 24.21 -6.45
C HIS A 221 44.64 24.20 -6.03
N PHE A 222 44.33 23.47 -4.94
CA PHE A 222 42.97 23.48 -4.41
C PHE A 222 42.58 24.89 -4.01
N GLU A 223 43.52 25.61 -3.37
CA GLU A 223 43.28 26.97 -2.95
C GLU A 223 42.97 27.86 -4.16
N ASN A 224 43.69 27.63 -5.27
CA ASN A 224 43.48 28.42 -6.46
C ASN A 224 42.07 28.21 -7.00
N VAL A 225 41.56 26.97 -6.88
CA VAL A 225 40.19 26.69 -7.32
C VAL A 225 39.21 27.50 -6.49
N LYS A 226 39.44 27.59 -5.17
CA LYS A 226 38.60 28.40 -4.32
C LYS A 226 38.73 29.88 -4.67
N LYS A 227 39.92 30.29 -5.09
CA LYS A 227 40.06 31.66 -5.58
C LYS A 227 39.34 31.85 -6.91
N ALA A 228 39.27 30.78 -7.71
CA ALA A 228 38.54 30.86 -8.97
C ALA A 228 37.03 30.97 -8.74
N ILE A 229 36.47 30.08 -7.91
CA ILE A 229 35.02 30.06 -7.76
C ILE A 229 34.57 31.20 -6.84
N GLY A 230 35.42 31.58 -5.89
CA GLY A 230 35.15 32.71 -5.03
C GLY A 230 34.09 32.49 -3.96
N ILE A 231 34.05 31.31 -3.35
CA ILE A 231 33.17 31.02 -2.23
C ILE A 231 34.03 30.92 -0.98
N PHE A 232 33.52 31.45 0.14
CA PHE A 232 34.18 31.43 1.44
C PHE A 232 35.54 32.12 1.39
N VAL A 233 35.58 33.31 0.76
CA VAL A 233 36.81 34.05 0.58
C VAL A 233 37.41 34.54 1.89
N SER A 234 36.61 34.62 2.97
CA SER A 234 37.14 35.07 4.24
C SER A 234 37.99 34.01 4.95
N THR A 235 38.00 32.77 4.46
CA THR A 235 38.66 31.68 5.16
C THR A 235 39.36 30.77 4.17
N SER A 236 40.37 30.05 4.66
CA SER A 236 41.14 29.16 3.81
C SER A 236 40.48 27.79 3.67
N ILE A 237 40.86 27.08 2.60
CA ILE A 237 40.38 25.72 2.36
C ILE A 237 40.78 24.78 3.48
N GLU A 238 41.99 24.96 4.02
CA GLU A 238 42.43 24.19 5.19
C GLU A 238 41.50 24.42 6.38
N GLU A 239 40.97 25.62 6.52
CA GLU A 239 39.97 25.87 7.56
C GLU A 239 38.57 25.46 7.13
N VAL A 240 38.29 25.46 5.82
CA VAL A 240 36.99 24.98 5.34
C VAL A 240 36.82 23.49 5.63
N PHE A 241 37.81 22.69 5.28
CA PHE A 241 37.74 21.26 5.57
C PHE A 241 38.22 20.96 6.98
N SER A 242 37.58 21.58 7.97
CA SER A 242 37.86 21.37 9.38
C SER A 242 36.54 21.41 10.15
N PHE A 243 36.53 20.77 11.31
CA PHE A 243 35.31 20.65 12.13
C PHE A 243 34.63 21.95 12.52
N PRO A 244 35.32 23.01 13.01
CA PRO A 244 34.59 24.24 13.36
C PRO A 244 33.92 24.94 12.18
N PHE A 245 34.35 24.68 10.94
CA PHE A 245 33.63 25.25 9.81
C PHE A 245 32.30 24.56 9.57
N TYR A 246 32.03 23.43 10.25
CA TYR A 246 30.66 22.91 10.33
C TYR A 246 29.79 23.70 11.32
N ASN A 247 30.32 24.77 11.91
CA ASN A 247 29.50 25.75 12.58
C ASN A 247 28.70 26.57 11.57
N GLN A 248 29.25 26.79 10.38
CA GLN A 248 28.47 27.15 9.20
C GLN A 248 27.94 25.87 8.57
N LEU A 249 27.51 25.95 7.31
CA LEU A 249 26.96 24.84 6.52
C LEU A 249 25.70 24.25 7.13
N LEU A 250 25.02 25.00 8.00
CA LEU A 250 23.77 24.55 8.58
C LEU A 250 22.56 25.08 7.81
N THR A 251 22.62 26.32 7.35
CA THR A 251 21.56 26.88 6.52
C THR A 251 21.68 26.33 5.10
N GLN A 252 20.55 26.37 4.39
CA GLN A 252 20.49 25.79 3.05
C GLN A 252 21.40 26.53 2.08
N THR A 253 21.58 27.84 2.26
CA THR A 253 22.44 28.63 1.38
C THR A 253 23.88 28.17 1.47
N GLN A 254 24.39 28.00 2.70
CA GLN A 254 25.77 27.55 2.88
C GLN A 254 25.96 26.12 2.38
N ILE A 255 24.94 25.27 2.53
CA ILE A 255 25.00 23.91 2.01
C ILE A 255 25.12 23.93 0.48
N ASP A 256 24.33 24.77 -0.17
CA ASP A 256 24.40 24.90 -1.62
C ASP A 256 25.76 25.45 -2.06
N LEU A 257 26.30 26.41 -1.30
CA LEU A 257 27.61 26.94 -1.65
C LEU A 257 28.72 25.90 -1.48
N TYR A 258 28.62 25.07 -0.43
CA TYR A 258 29.61 24.02 -0.24
C TYR A 258 29.53 22.97 -1.35
N ASN A 259 28.31 22.57 -1.73
CA ASN A 259 28.15 21.63 -2.83
C ASN A 259 28.59 22.23 -4.16
N GLN A 260 28.33 23.51 -4.36
CA GLN A 260 28.82 24.21 -5.56
C GLN A 260 30.33 24.29 -5.57
N LEU A 261 30.95 24.46 -4.40
CA LEU A 261 32.40 24.41 -4.31
C LEU A 261 32.92 23.05 -4.72
N LEU A 262 32.31 21.97 -4.22
CA LEU A 262 32.77 20.63 -4.56
C LEU A 262 32.58 20.32 -6.04
N GLY A 263 31.41 20.63 -6.59
CA GLY A 263 31.10 20.22 -7.95
C GLY A 263 31.38 21.21 -9.05
N GLY A 264 31.49 22.49 -8.71
CA GLY A 264 31.62 23.52 -9.73
C GLY A 264 30.27 24.04 -10.15
N ILE A 265 30.20 25.30 -10.59
CA ILE A 265 28.96 25.86 -11.15
C ILE A 265 28.49 25.01 -12.33
N SER A 266 27.19 24.73 -12.37
CA SER A 266 26.63 23.89 -13.40
C SER A 266 26.20 24.71 -14.61
N LYS A 273 32.66 27.96 -17.59
CA LYS A 273 32.29 27.40 -16.30
C LYS A 273 33.44 27.42 -15.31
N ILE A 274 33.21 26.88 -14.12
CA ILE A 274 34.22 26.80 -13.06
C ILE A 274 34.31 25.36 -12.61
N LYS A 275 35.53 24.81 -12.61
CA LYS A 275 35.78 23.42 -12.25
C LYS A 275 35.78 23.26 -10.73
N GLY A 276 34.96 22.32 -10.24
CA GLY A 276 34.94 21.99 -8.83
C GLY A 276 36.12 21.11 -8.44
N LEU A 277 36.18 20.75 -7.16
CA LEU A 277 37.30 19.98 -6.66
C LEU A 277 37.34 18.58 -7.29
N ASN A 278 36.16 17.98 -7.48
CA ASN A 278 36.08 16.63 -8.05
C ASN A 278 36.58 16.59 -9.49
N GLU A 279 36.17 17.60 -10.28
CA GLU A 279 36.63 17.68 -11.66
C GLU A 279 38.13 17.89 -11.73
N VAL A 280 38.68 18.71 -10.82
CA VAL A 280 40.12 18.94 -10.78
C VAL A 280 40.85 17.65 -10.39
N LEU A 281 40.29 16.89 -9.44
CA LEU A 281 40.90 15.62 -9.05
C LEU A 281 40.93 14.63 -10.20
N ASN A 282 39.84 14.52 -10.96
CA ASN A 282 39.84 13.56 -12.05
C ASN A 282 40.66 14.05 -13.25
N LEU A 283 40.73 15.36 -13.47
CA LEU A 283 41.67 15.88 -14.47
C LEU A 283 43.12 15.64 -14.06
N ALA A 284 43.40 15.62 -12.75
CA ALA A 284 44.72 15.21 -12.29
C ALA A 284 44.94 13.72 -12.51
N ILE A 285 43.91 12.91 -12.27
CA ILE A 285 44.05 11.46 -12.40
C ILE A 285 44.18 11.03 -13.86
N GLN A 286 43.65 11.82 -14.80
CA GLN A 286 43.86 11.51 -16.21
C GLN A 286 45.21 12.00 -16.74
N LYS A 287 45.96 12.75 -15.94
CA LYS A 287 47.27 13.24 -16.38
C LYS A 287 48.30 12.13 -16.47
N ASN A 288 48.10 11.03 -15.74
CA ASN A 288 48.94 9.83 -15.75
C ASN A 288 50.40 10.15 -15.40
N ASP A 289 50.58 10.55 -14.14
CA ASP A 289 51.90 10.66 -13.53
C ASP A 289 51.85 9.98 -12.17
N GLU A 290 52.97 10.00 -11.45
CA GLU A 290 53.05 9.28 -10.17
C GLU A 290 52.13 9.91 -9.12
N THR A 291 51.92 11.22 -9.18
CA THR A 291 50.94 11.85 -8.30
C THR A 291 49.53 11.40 -8.64
N ALA A 292 49.24 11.25 -9.94
CA ALA A 292 47.96 10.70 -10.35
C ALA A 292 47.78 9.27 -9.86
N HIS A 293 48.84 8.47 -9.89
CA HIS A 293 48.76 7.10 -9.39
C HIS A 293 48.52 7.05 -7.89
N ILE A 294 49.20 7.90 -7.12
CA ILE A 294 49.01 7.84 -5.68
C ILE A 294 47.66 8.41 -5.26
N ILE A 295 47.13 9.42 -5.98
CA ILE A 295 45.77 9.85 -5.66
C ILE A 295 44.75 8.83 -6.15
N ALA A 296 45.10 8.03 -7.17
CA ALA A 296 44.26 6.89 -7.52
C ALA A 296 44.29 5.80 -6.46
N SER A 297 45.37 5.72 -5.68
CA SER A 297 45.43 4.75 -4.60
C SER A 297 44.60 5.17 -3.39
N LEU A 298 44.26 6.44 -3.27
CA LEU A 298 43.47 6.99 -2.19
C LEU A 298 42.02 7.19 -2.64
N PRO A 299 41.07 7.26 -1.71
CA PRO A 299 39.74 7.76 -2.09
C PRO A 299 39.81 9.22 -2.53
N HIS A 300 39.22 9.50 -3.69
CA HIS A 300 39.53 10.72 -4.43
C HIS A 300 38.28 11.43 -4.92
N ARG A 301 37.21 11.43 -4.13
CA ARG A 301 36.04 12.22 -4.47
C ARG A 301 35.37 12.68 -3.19
N PHE A 302 34.84 13.90 -3.21
CA PHE A 302 34.04 14.42 -2.11
C PHE A 302 32.58 14.08 -2.31
N ILE A 303 31.90 13.76 -1.21
CA ILE A 303 30.47 13.45 -1.23
C ILE A 303 29.71 14.72 -0.87
N PRO A 304 28.83 15.22 -1.73
CA PRO A 304 28.04 16.42 -1.40
C PRO A 304 27.07 16.16 -0.26
N LEU A 305 26.79 17.23 0.48
CA LEU A 305 25.85 17.16 1.59
C LEU A 305 24.41 17.12 1.08
N PHE A 306 23.54 16.51 1.88
CA PHE A 306 22.11 16.58 1.61
C PHE A 306 21.57 17.98 1.78
N LYS A 307 20.51 18.27 1.02
CA LYS A 307 19.79 19.52 1.19
C LYS A 307 19.10 19.55 2.55
N GLN A 308 18.90 20.75 3.08
CA GLN A 308 18.26 20.92 4.37
C GLN A 308 16.77 20.57 4.26
N ILE A 309 16.17 20.22 5.41
CA ILE A 309 14.75 19.89 5.44
C ILE A 309 13.92 21.12 5.09
N LEU A 310 12.77 20.88 4.44
CA LEU A 310 11.80 21.91 4.04
C LEU A 310 12.42 22.98 3.13
N SER A 311 13.40 22.57 2.33
CA SER A 311 14.12 23.45 1.43
C SER A 311 14.12 22.88 0.02
N ASP A 312 12.95 22.46 -0.46
CA ASP A 312 12.83 21.98 -1.82
C ASP A 312 12.73 23.15 -2.80
N SER A 317 11.50 22.39 -11.65
CA SER A 317 10.33 22.86 -10.93
C SER A 317 9.15 23.10 -11.87
N PHE A 318 9.30 22.65 -13.11
CA PHE A 318 8.24 22.80 -14.11
C PHE A 318 7.11 21.84 -13.77
N ILE A 319 6.14 22.30 -12.99
CA ILE A 319 5.03 21.45 -12.54
C ILE A 319 3.79 22.33 -12.41
N LEU A 320 2.63 21.73 -12.64
CA LEU A 320 1.34 22.42 -12.57
C LEU A 320 0.30 21.45 -12.06
N GLU A 321 -0.85 22.01 -11.67
CA GLU A 321 -1.96 21.21 -11.16
C GLU A 321 -2.57 20.36 -12.28
N GLU A 322 -3.37 19.38 -11.87
CA GLU A 322 -3.99 18.45 -12.80
C GLU A 322 -4.91 19.17 -13.79
N PHE A 323 -4.90 18.70 -15.04
CA PHE A 323 -5.54 19.42 -16.12
C PHE A 323 -7.06 19.37 -16.01
N LYS A 324 -7.70 20.50 -16.29
CA LYS A 324 -9.15 20.61 -16.23
C LYS A 324 -9.82 20.47 -17.59
N SER A 325 -9.07 20.63 -18.68
CA SER A 325 -9.64 20.56 -20.02
C SER A 325 -8.59 20.03 -20.98
N ASP A 326 -9.07 19.53 -22.12
CA ASP A 326 -8.16 19.04 -23.16
C ASP A 326 -7.33 20.17 -23.76
N GLU A 327 -7.92 21.37 -23.87
CA GLU A 327 -7.14 22.53 -24.30
C GLU A 327 -6.02 22.84 -23.32
N GLU A 328 -6.28 22.68 -22.02
CA GLU A 328 -5.26 22.98 -21.02
C GLU A 328 -4.08 22.02 -21.12
N VAL A 329 -4.34 20.72 -21.25
CA VAL A 329 -3.26 19.75 -21.35
C VAL A 329 -2.52 19.89 -22.68
N ILE A 330 -3.24 20.17 -23.77
CA ILE A 330 -2.57 20.32 -25.06
C ILE A 330 -1.70 21.58 -25.08
N GLN A 331 -2.17 22.66 -24.44
CA GLN A 331 -1.38 23.89 -24.37
C GLN A 331 -0.15 23.70 -23.50
N SER A 332 -0.31 23.06 -22.34
CA SER A 332 0.82 22.84 -21.45
C SER A 332 1.86 21.91 -22.09
N PHE A 333 1.40 20.87 -22.79
CA PHE A 333 2.35 19.95 -23.40
C PHE A 333 3.02 20.59 -24.61
N CYS A 334 2.32 21.46 -25.33
CA CYS A 334 2.95 22.23 -26.39
C CYS A 334 4.03 23.15 -25.84
N LYS A 335 3.76 23.76 -24.69
CA LYS A 335 4.79 24.56 -24.01
C LYS A 335 5.99 23.71 -23.62
N TYR A 336 5.74 22.51 -23.10
CA TYR A 336 6.85 21.65 -22.69
C TYR A 336 7.68 21.19 -23.88
N LYS A 337 7.03 20.83 -25.00
CA LYS A 337 7.78 20.45 -26.20
C LYS A 337 8.54 21.64 -26.77
N THR A 338 7.97 22.84 -26.69
CA THR A 338 8.68 24.04 -27.12
C THR A 338 9.92 24.27 -26.26
N LEU A 339 9.81 24.06 -24.95
CA LEU A 339 10.96 24.19 -24.06
C LEU A 339 12.03 23.15 -24.39
N LEU A 340 11.61 21.92 -24.68
CA LEU A 340 12.59 20.88 -25.06
C LEU A 340 13.29 21.22 -26.36
N ARG A 341 12.55 21.73 -27.35
CA ARG A 341 13.17 22.08 -28.62
C ARG A 341 14.07 23.30 -28.49
N ASN A 342 13.71 24.25 -27.64
CA ASN A 342 14.52 25.45 -27.47
C ASN A 342 15.83 25.15 -26.74
N GLU A 343 15.78 24.35 -25.68
CA GLU A 343 17.01 23.92 -25.04
C GLU A 343 17.76 22.88 -25.87
N ASN A 344 17.08 22.30 -26.86
CA ASN A 344 17.63 21.31 -27.80
C ASN A 344 18.20 20.13 -27.00
N VAL A 345 17.32 19.51 -26.21
CA VAL A 345 17.76 18.49 -25.25
C VAL A 345 18.19 17.21 -25.95
N LEU A 346 17.44 16.81 -27.00
CA LEU A 346 17.69 15.53 -27.65
C LEU A 346 19.06 15.48 -28.31
N GLU A 347 19.57 16.60 -28.81
CA GLU A 347 20.92 16.61 -29.35
C GLU A 347 21.96 16.48 -28.25
N THR A 348 21.69 17.00 -27.05
CA THR A 348 22.58 16.74 -25.93
C THR A 348 22.55 15.27 -25.53
N ALA A 349 21.39 14.63 -25.63
CA ALA A 349 21.30 13.18 -25.42
C ALA A 349 22.14 12.45 -26.45
N GLU A 350 22.03 12.84 -27.72
CA GLU A 350 22.82 12.21 -28.78
C GLU A 350 24.31 12.40 -28.55
N ALA A 351 24.72 13.60 -28.12
CA ALA A 351 26.13 13.85 -27.84
C ALA A 351 26.63 13.01 -26.68
N LEU A 352 25.81 12.85 -25.63
CA LEU A 352 26.15 11.94 -24.55
C LEU A 352 26.31 10.51 -25.05
N PHE A 353 25.40 10.06 -25.91
CA PHE A 353 25.42 8.67 -26.36
C PHE A 353 26.51 8.43 -27.40
N ASN A 354 27.06 9.48 -28.01
CA ASN A 354 28.34 9.31 -28.69
C ASN A 354 29.48 9.22 -27.67
N GLU A 355 29.54 10.16 -26.72
CA GLU A 355 30.74 10.26 -25.88
C GLU A 355 30.86 9.13 -24.88
N LEU A 356 29.83 8.29 -24.71
CA LEU A 356 30.03 7.02 -24.01
C LEU A 356 31.14 6.16 -24.62
N ASN A 357 31.39 6.26 -25.93
CA ASN A 357 32.42 5.41 -26.53
C ASN A 357 33.84 5.85 -26.19
N SER A 358 34.03 7.04 -25.65
CA SER A 358 35.36 7.58 -25.40
C SER A 358 35.68 7.74 -23.92
N ILE A 359 34.70 8.01 -23.07
CA ILE A 359 34.95 8.15 -21.64
C ILE A 359 35.33 6.79 -21.06
N ASP A 360 36.20 6.82 -20.04
CA ASP A 360 36.70 5.60 -19.41
C ASP A 360 35.53 4.95 -18.68
N LEU A 361 35.18 3.74 -19.09
CA LEU A 361 33.95 3.07 -18.65
C LEU A 361 33.99 2.62 -17.19
N THR A 362 35.13 2.67 -16.52
CA THR A 362 35.19 2.23 -15.12
C THR A 362 34.57 3.24 -14.17
N HIS A 363 34.39 4.48 -14.62
CA HIS A 363 33.82 5.54 -13.79
C HIS A 363 32.37 5.85 -14.15
N ILE A 364 31.70 4.96 -14.87
CA ILE A 364 30.29 5.10 -15.23
C ILE A 364 29.57 3.87 -14.71
N PHE A 365 28.42 4.06 -14.07
CA PHE A 365 27.71 2.98 -13.40
C PHE A 365 26.26 2.87 -13.84
N ILE A 366 25.78 1.62 -13.91
CA ILE A 366 24.36 1.28 -14.03
C ILE A 366 23.76 1.06 -12.65
N SER A 367 22.55 1.57 -12.45
CA SER A 367 21.73 1.16 -11.33
C SER A 367 21.39 -0.31 -11.47
N HIS A 368 21.76 -1.09 -10.45
CA HIS A 368 21.56 -2.54 -10.47
C HIS A 368 20.08 -2.93 -10.59
N LYS A 369 19.18 -2.13 -9.99
CA LYS A 369 17.76 -2.46 -10.05
C LYS A 369 17.17 -2.35 -11.45
N LYS A 370 17.83 -1.64 -12.36
CA LYS A 370 17.41 -1.59 -13.75
C LYS A 370 17.97 -2.74 -14.59
N LEU A 371 18.86 -3.55 -14.01
CA LEU A 371 19.71 -4.46 -14.78
C LEU A 371 18.92 -5.40 -15.67
N GLU A 372 17.94 -6.10 -15.09
CA GLU A 372 17.16 -7.08 -15.85
C GLU A 372 16.41 -6.40 -16.98
N THR A 373 15.91 -5.18 -16.76
CA THR A 373 15.21 -4.46 -17.81
C THR A 373 16.14 -4.18 -18.97
N ILE A 374 17.36 -3.74 -18.66
CA ILE A 374 18.35 -3.48 -19.70
C ILE A 374 18.70 -4.77 -20.42
N SER A 375 18.70 -5.88 -19.66
CA SER A 375 18.91 -7.19 -20.27
C SER A 375 17.81 -7.47 -21.29
N SER A 376 16.56 -7.23 -20.92
CA SER A 376 15.48 -7.42 -21.89
C SER A 376 15.53 -6.34 -22.96
N ALA A 377 16.21 -5.23 -22.69
CA ALA A 377 16.43 -4.23 -23.72
C ALA A 377 17.57 -4.61 -24.66
N LEU A 378 18.54 -5.41 -24.20
CA LEU A 378 19.73 -5.66 -25.00
C LEU A 378 20.01 -7.14 -25.26
N CYS A 379 19.26 -8.06 -24.66
CA CYS A 379 19.46 -9.48 -24.89
C CYS A 379 18.10 -10.15 -24.96
N ASP A 380 18.13 -11.46 -25.21
CA ASP A 380 16.91 -12.18 -25.58
C ASP A 380 15.93 -12.32 -24.43
N HIS A 381 16.41 -12.51 -23.19
CA HIS A 381 15.53 -12.78 -22.07
C HIS A 381 15.99 -12.00 -20.85
N TRP A 382 15.06 -11.81 -19.90
CA TRP A 382 15.31 -10.95 -18.75
C TRP A 382 16.29 -11.53 -17.75
N ASP A 383 16.63 -12.82 -17.87
CA ASP A 383 17.58 -13.46 -16.98
C ASP A 383 18.97 -13.64 -17.60
N THR A 384 19.15 -13.24 -18.86
CA THR A 384 20.38 -13.54 -19.59
C THR A 384 21.58 -12.79 -19.02
N LEU A 385 21.49 -11.46 -18.96
CA LEU A 385 22.66 -10.67 -18.55
C LEU A 385 22.99 -10.88 -17.09
N ARG A 386 21.98 -11.07 -16.23
CA ARG A 386 22.24 -11.36 -14.83
C ARG A 386 23.03 -12.66 -14.67
N ASN A 387 22.65 -13.69 -15.42
CA ASN A 387 23.40 -14.94 -15.43
C ASN A 387 24.78 -14.74 -16.03
N ALA A 388 24.91 -13.84 -17.01
CA ALA A 388 26.22 -13.55 -17.59
C ALA A 388 27.17 -12.95 -16.57
N LEU A 389 26.70 -11.96 -15.80
CA LEU A 389 27.54 -11.43 -14.72
C LEU A 389 27.81 -12.47 -13.64
N TYR A 390 26.84 -13.35 -13.37
CA TYR A 390 27.07 -14.36 -12.33
C TYR A 390 28.18 -15.31 -12.74
N GLU A 391 28.11 -15.83 -13.97
CA GLU A 391 29.13 -16.74 -14.45
C GLU A 391 30.47 -16.04 -14.63
N ARG A 392 30.46 -14.75 -14.97
CA ARG A 392 31.71 -13.98 -15.02
C ARG A 392 32.32 -13.86 -13.63
N ARG A 393 31.54 -13.41 -12.65
CA ARG A 393 32.06 -13.17 -11.30
C ARG A 393 32.43 -14.47 -10.59
N ILE A 394 31.89 -15.60 -11.02
CA ILE A 394 32.37 -16.89 -10.54
C ILE A 394 33.66 -17.28 -11.26
N SER A 395 33.67 -17.19 -12.59
CA SER A 395 34.81 -17.67 -13.37
C SER A 395 36.04 -16.79 -13.23
N GLU A 396 35.90 -15.54 -12.78
CA GLU A 396 37.07 -14.70 -12.57
C GLU A 396 37.84 -15.06 -11.31
N LEU A 397 37.24 -15.84 -10.40
CA LEU A 397 37.87 -16.19 -9.13
C LEU A 397 39.04 -17.14 -9.34
N LYS A 403 29.97 -22.34 -2.25
CA LYS A 403 28.66 -21.86 -1.83
C LYS A 403 28.76 -20.48 -1.19
N SER A 404 29.79 -20.30 -0.35
CA SER A 404 30.04 -18.98 0.24
C SER A 404 30.43 -17.96 -0.82
N ALA A 405 31.28 -18.37 -1.77
CA ALA A 405 31.62 -17.50 -2.89
C ALA A 405 30.41 -17.23 -3.77
N LYS A 406 29.55 -18.24 -3.96
CA LYS A 406 28.31 -18.04 -4.70
C LYS A 406 27.41 -17.03 -4.00
N GLU A 407 27.33 -17.11 -2.66
CA GLU A 407 26.56 -16.14 -1.90
C GLU A 407 27.13 -14.75 -2.03
N LYS A 408 28.46 -14.63 -2.02
CA LYS A 408 29.09 -13.32 -2.19
C LYS A 408 28.81 -12.73 -3.57
N VAL A 409 28.86 -13.57 -4.62
CA VAL A 409 28.53 -13.11 -5.97
C VAL A 409 27.08 -12.66 -6.05
N GLN A 410 26.17 -13.44 -5.46
CA GLN A 410 24.76 -13.08 -5.41
C GLN A 410 24.54 -11.75 -4.69
N ARG A 411 25.27 -11.56 -3.59
CA ARG A 411 25.20 -10.30 -2.84
C ARG A 411 25.71 -9.13 -3.67
N SER A 412 26.82 -9.34 -4.36
CA SER A 412 27.47 -8.32 -5.20
C SER A 412 26.71 -8.05 -6.49
N LEU A 413 25.73 -8.88 -6.83
CA LEU A 413 24.87 -8.57 -7.96
C LEU A 413 23.46 -8.16 -7.54
N LYS A 414 23.10 -8.35 -6.28
CA LYS A 414 21.73 -8.06 -5.87
C LYS A 414 21.62 -6.60 -5.45
N HIS A 415 22.63 -6.04 -4.77
CA HIS A 415 22.55 -4.69 -4.20
C HIS A 415 23.91 -3.98 -4.42
N GLU A 416 24.52 -4.20 -5.58
CA GLU A 416 25.78 -3.50 -5.88
C GLU A 416 25.80 -3.06 -7.33
N ASP A 417 26.03 -1.77 -7.54
CA ASP A 417 26.03 -1.21 -8.88
C ASP A 417 27.25 -1.68 -9.67
N ILE A 418 27.09 -1.76 -10.99
CA ILE A 418 28.09 -2.34 -11.87
C ILE A 418 28.62 -1.26 -12.79
N ASN A 419 29.94 -1.20 -12.96
CA ASN A 419 30.54 -0.27 -13.90
C ASN A 419 30.39 -0.77 -15.34
N LEU A 420 30.52 0.17 -16.29
CA LEU A 420 30.31 -0.14 -17.70
C LEU A 420 31.37 -1.10 -18.23
N GLN A 421 32.59 -0.98 -17.72
CA GLN A 421 33.71 -1.81 -18.17
C GLN A 421 33.42 -3.29 -17.97
N GLU A 422 32.90 -3.64 -16.79
CA GLU A 422 32.61 -5.04 -16.48
C GLU A 422 31.50 -5.60 -17.37
N ILE A 423 30.43 -4.82 -17.56
CA ILE A 423 29.29 -5.26 -18.37
C ILE A 423 29.71 -5.46 -19.82
N ILE A 424 30.42 -4.48 -20.36
CA ILE A 424 30.87 -4.56 -21.76
C ILE A 424 31.88 -5.69 -21.94
N SER A 425 32.73 -5.93 -20.95
CA SER A 425 33.63 -7.06 -21.02
C SER A 425 32.93 -8.41 -20.87
N ALA A 426 31.79 -8.44 -20.18
CA ALA A 426 31.11 -9.71 -19.94
C ALA A 426 30.21 -10.14 -21.08
N ALA A 427 29.33 -9.24 -21.55
CA ALA A 427 28.33 -9.67 -22.52
C ALA A 427 28.80 -9.64 -23.96
N GLY A 428 30.01 -9.14 -24.22
CA GLY A 428 30.51 -9.08 -25.57
C GLY A 428 30.33 -7.72 -26.22
N LYS A 429 31.01 -7.55 -27.35
CA LYS A 429 31.01 -6.26 -28.07
C LYS A 429 29.63 -5.92 -28.62
N GLU A 430 28.82 -6.94 -28.96
CA GLU A 430 27.56 -6.71 -29.67
C GLU A 430 26.58 -5.87 -28.85
N LEU A 431 26.67 -5.93 -27.52
CA LEU A 431 25.83 -5.09 -26.66
C LEU A 431 26.03 -3.62 -27.01
N SER A 432 27.29 -3.22 -27.24
CA SER A 432 27.58 -1.86 -27.65
C SER A 432 26.81 -1.49 -28.91
N GLU A 433 26.86 -2.38 -29.92
CA GLU A 433 26.09 -2.14 -31.13
C GLU A 433 24.61 -2.07 -30.80
N ALA A 434 24.14 -3.00 -29.97
CA ALA A 434 22.75 -3.00 -29.54
C ALA A 434 22.42 -1.74 -28.78
N PHE A 435 23.35 -1.27 -27.93
CA PHE A 435 23.13 -0.02 -27.24
C PHE A 435 23.07 1.13 -28.24
N LYS A 436 24.00 1.13 -29.20
CA LYS A 436 23.98 2.13 -30.26
C LYS A 436 22.74 2.00 -31.12
N GLN A 437 22.15 0.80 -31.18
CA GLN A 437 20.85 0.69 -31.81
C GLN A 437 19.80 1.40 -30.97
N LYS A 438 19.67 0.98 -29.70
CA LYS A 438 18.49 1.33 -28.88
C LYS A 438 18.35 2.82 -28.73
N THR A 439 19.43 3.49 -28.30
CA THR A 439 19.44 4.94 -28.13
C THR A 439 19.00 5.63 -29.40
N SER A 440 19.60 5.24 -30.53
CA SER A 440 19.29 5.88 -31.79
C SER A 440 17.81 5.75 -32.11
N GLU A 441 17.27 4.54 -31.91
CA GLU A 441 15.87 4.28 -32.19
C GLU A 441 14.99 5.18 -31.34
N ILE A 442 15.26 5.22 -30.03
CA ILE A 442 14.43 6.01 -29.14
C ILE A 442 14.59 7.49 -29.45
N LEU A 443 15.82 7.91 -29.78
CA LEU A 443 16.03 9.30 -30.12
C LEU A 443 15.24 9.68 -31.36
N SER A 444 15.19 8.76 -32.35
CA SER A 444 14.42 9.03 -33.55
C SER A 444 12.96 9.22 -33.21
N HIS A 445 12.43 8.36 -32.32
CA HIS A 445 11.05 8.52 -31.89
C HIS A 445 10.85 9.84 -31.20
N ALA A 446 11.79 10.21 -30.31
CA ALA A 446 11.71 11.49 -29.62
C ALA A 446 11.76 12.63 -30.61
N HIS A 447 12.62 12.49 -31.63
CA HIS A 447 12.73 13.53 -32.65
C HIS A 447 11.40 13.67 -33.37
N ALA A 448 10.78 12.54 -33.72
CA ALA A 448 9.45 12.58 -34.33
C ALA A 448 8.45 13.23 -33.40
N ALA A 449 8.54 12.90 -32.10
CA ALA A 449 7.61 13.45 -31.12
C ALA A 449 7.75 14.96 -31.00
N LEU A 450 8.93 15.49 -31.30
CA LEU A 450 9.06 16.94 -31.25
C LEU A 450 8.64 17.60 -32.55
N ASP A 451 8.71 16.87 -33.67
CA ASP A 451 8.32 17.47 -34.95
C ASP A 451 6.83 17.28 -35.24
N GLN A 452 6.23 16.21 -34.73
CA GLN A 452 4.83 15.95 -34.99
C GLN A 452 3.95 17.00 -34.29
N PRO A 453 3.00 17.61 -34.98
CA PRO A 453 2.14 18.61 -34.36
C PRO A 453 1.19 18.01 -33.34
N LEU A 454 0.68 18.87 -32.45
CA LEU A 454 -0.32 18.42 -31.50
C LEU A 454 -1.72 18.47 -32.12
N PRO A 455 -2.62 17.60 -31.69
CA PRO A 455 -4.02 17.73 -32.09
C PRO A 455 -4.65 18.96 -31.45
N THR A 456 -5.70 19.46 -32.11
CA THR A 456 -6.40 20.64 -31.60
C THR A 456 -7.28 20.33 -30.40
N THR A 457 -7.61 19.07 -30.18
CA THR A 457 -8.51 18.65 -29.10
C THR A 457 -8.30 17.16 -28.87
N LEU A 458 -8.94 16.64 -27.82
CA LEU A 458 -8.91 15.21 -27.56
C LEU A 458 -10.30 14.62 -27.46
N LYS A 459 -11.17 14.95 -28.42
CA LYS A 459 -12.51 14.39 -28.46
C LYS A 459 -12.60 13.13 -29.29
N LYS A 460 -11.59 12.83 -30.10
CA LYS A 460 -11.62 11.71 -31.02
C LYS A 460 -10.41 10.82 -30.75
N GLN A 461 -10.52 9.53 -31.11
CA GLN A 461 -9.60 8.52 -30.61
C GLN A 461 -8.16 8.75 -31.06
N GLU A 462 -7.95 9.05 -32.36
CA GLU A 462 -6.58 9.16 -32.87
C GLU A 462 -5.85 10.36 -32.28
N GLU A 463 -6.58 11.40 -31.87
CA GLU A 463 -5.94 12.51 -31.17
C GLU A 463 -5.34 12.06 -29.84
N LYS A 464 -6.10 11.28 -29.08
CA LYS A 464 -5.58 10.70 -27.85
C LYS A 464 -4.45 9.73 -28.12
N GLU A 465 -4.50 9.03 -29.26
CA GLU A 465 -3.40 8.14 -29.62
C GLU A 465 -2.12 8.92 -29.94
N ILE A 466 -2.25 10.08 -30.59
CA ILE A 466 -1.07 10.92 -30.86
C ILE A 466 -0.46 11.42 -29.55
N LEU A 467 -1.30 11.89 -28.63
CA LEU A 467 -0.80 12.34 -27.33
C LEU A 467 -0.15 11.19 -26.56
N LYS A 468 -0.78 10.01 -26.60
CA LYS A 468 -0.23 8.80 -26.00
C LYS A 468 1.14 8.47 -26.56
N SER A 469 1.28 8.48 -27.88
CA SER A 469 2.54 8.09 -28.51
C SER A 469 3.65 9.08 -28.18
N GLN A 470 3.35 10.38 -28.21
CA GLN A 470 4.38 11.38 -27.91
C GLN A 470 4.83 11.28 -26.45
N LEU A 471 3.88 11.20 -25.52
CA LEU A 471 4.25 11.06 -24.11
C LEU A 471 5.00 9.75 -23.86
N ASP A 472 4.60 8.67 -24.53
CA ASP A 472 5.27 7.38 -24.34
C ASP A 472 6.71 7.42 -24.84
N SER A 473 6.95 8.07 -25.98
CA SER A 473 8.31 8.18 -26.49
C SER A 473 9.19 9.04 -25.59
N LEU A 474 8.66 10.18 -25.11
CA LEU A 474 9.43 11.01 -24.18
C LEU A 474 9.73 10.27 -22.89
N LEU A 475 8.74 9.53 -22.36
CA LEU A 475 8.96 8.79 -21.13
C LEU A 475 9.92 7.63 -21.33
N GLY A 476 9.91 7.01 -22.51
CA GLY A 476 10.90 5.99 -22.80
C GLY A 476 12.31 6.54 -22.83
N LEU A 477 12.49 7.73 -23.41
CA LEU A 477 13.81 8.35 -23.36
C LEU A 477 14.21 8.72 -21.94
N TYR A 478 13.24 9.14 -21.11
CA TYR A 478 13.51 9.36 -19.70
C TYR A 478 13.98 8.08 -19.00
N HIS A 479 13.31 6.96 -19.28
CA HIS A 479 13.71 5.69 -18.68
C HIS A 479 15.11 5.27 -19.12
N LEU A 480 15.44 5.46 -20.40
CA LEU A 480 16.77 5.08 -20.86
C LEU A 480 17.84 5.96 -20.23
N LEU A 481 17.52 7.24 -20.00
CA LEU A 481 18.40 8.08 -19.19
C LEU A 481 18.49 7.57 -17.74
N ASP A 482 17.37 7.06 -17.21
CA ASP A 482 17.24 6.60 -15.83
C ASP A 482 18.05 5.31 -15.60
N TRP A 483 18.42 4.59 -16.67
CA TRP A 483 19.29 3.40 -16.56
C TRP A 483 20.56 3.67 -15.77
N PHE A 484 21.20 4.81 -15.99
CA PHE A 484 22.48 5.08 -15.35
C PHE A 484 22.29 5.48 -13.88
N ALA A 485 23.17 4.97 -13.04
CA ALA A 485 23.14 5.27 -11.62
C ALA A 485 23.73 6.64 -11.33
N VAL A 486 23.18 7.30 -10.32
CA VAL A 486 23.65 8.62 -9.88
C VAL A 486 23.82 8.59 -8.37
N ASP A 487 23.65 7.41 -7.78
CA ASP A 487 23.66 7.22 -6.33
C ASP A 487 25.06 7.45 -5.76
N GLU A 488 25.10 7.81 -4.47
CA GLU A 488 26.35 8.05 -3.77
C GLU A 488 27.15 6.75 -3.61
N SER A 489 28.43 6.92 -3.28
CA SER A 489 29.43 5.88 -3.03
C SER A 489 29.83 5.15 -4.31
N ASN A 490 29.21 5.50 -5.43
CA ASN A 490 29.68 5.08 -6.74
C ASN A 490 30.64 6.12 -7.29
N GLU A 491 31.79 5.67 -7.80
CA GLU A 491 32.81 6.56 -8.34
C GLU A 491 32.42 7.02 -9.75
N VAL A 492 31.44 7.91 -9.77
CA VAL A 492 30.93 8.46 -11.03
C VAL A 492 31.79 9.65 -11.45
N ASP A 493 32.03 9.76 -12.76
CA ASP A 493 32.76 10.90 -13.30
C ASP A 493 31.97 12.18 -13.06
N PRO A 494 32.59 13.24 -12.53
CA PRO A 494 31.85 14.47 -12.23
C PRO A 494 31.26 15.15 -13.45
N GLU A 495 32.01 15.18 -14.55
CA GLU A 495 31.52 15.85 -15.75
C GLU A 495 30.35 15.10 -16.36
N PHE A 496 30.47 13.78 -16.46
CA PHE A 496 29.38 12.95 -16.96
C PHE A 496 28.17 13.01 -16.04
N SER A 497 28.39 12.93 -14.73
CA SER A 497 27.26 12.96 -13.79
C SER A 497 26.56 14.31 -13.83
N ALA A 498 27.31 15.40 -13.97
CA ALA A 498 26.70 16.72 -14.12
C ALA A 498 25.86 16.80 -15.39
N ARG A 499 26.41 16.34 -16.52
CA ARG A 499 25.67 16.37 -17.78
C ARG A 499 24.40 15.52 -17.70
N LEU A 500 24.53 14.30 -17.19
CA LEU A 500 23.40 13.39 -17.12
C LEU A 500 22.34 13.88 -16.14
N THR A 501 22.76 14.40 -14.99
CA THR A 501 21.80 14.94 -14.02
C THR A 501 21.08 16.15 -14.61
N GLY A 502 21.79 16.99 -15.37
CA GLY A 502 21.16 18.08 -16.05
C GLY A 502 20.11 17.69 -17.05
N ILE A 503 20.44 16.75 -17.96
CA ILE A 503 19.46 16.37 -18.98
C ILE A 503 18.30 15.60 -18.35
N LYS A 504 18.59 14.77 -17.34
CA LYS A 504 17.54 14.02 -16.67
C LYS A 504 16.62 14.94 -15.88
N LEU A 505 17.16 16.02 -15.31
CA LEU A 505 16.32 17.02 -14.68
C LEU A 505 15.45 17.74 -15.72
N GLU A 506 16.02 18.00 -16.91
CA GLU A 506 15.24 18.61 -17.97
C GLU A 506 14.13 17.69 -18.48
N MET A 507 14.33 16.38 -18.40
CA MET A 507 13.38 15.43 -18.94
C MET A 507 12.44 14.85 -17.89
N GLU A 508 12.73 15.08 -16.60
CA GLU A 508 11.88 14.63 -15.51
C GLU A 508 10.40 15.05 -15.60
N PRO A 509 10.02 16.28 -15.99
CA PRO A 509 8.58 16.60 -16.07
C PRO A 509 7.79 15.77 -17.06
N SER A 510 8.44 15.05 -17.97
CA SER A 510 7.73 14.14 -18.87
C SER A 510 6.97 13.07 -18.09
N LEU A 511 7.54 12.59 -16.98
CA LEU A 511 6.87 11.60 -16.15
C LEU A 511 5.61 12.19 -15.51
N SER A 512 5.69 13.40 -14.99
CA SER A 512 4.52 14.05 -14.41
C SER A 512 3.47 14.33 -15.46
N PHE A 513 3.90 14.71 -16.67
CA PHE A 513 2.97 14.92 -17.77
C PHE A 513 2.25 13.65 -18.14
N TYR A 514 2.98 12.52 -18.21
CA TYR A 514 2.35 11.24 -18.50
C TYR A 514 1.34 10.86 -17.43
N ASN A 515 1.72 11.00 -16.16
CA ASN A 515 0.82 10.64 -15.07
C ASN A 515 -0.44 11.49 -15.07
N LYS A 516 -0.28 12.81 -15.24
CA LYS A 516 -1.43 13.70 -15.17
C LYS A 516 -2.31 13.58 -16.41
N ALA A 517 -1.71 13.33 -17.58
CA ALA A 517 -2.52 13.11 -18.77
C ALA A 517 -3.29 11.79 -18.69
N ARG A 518 -2.67 10.75 -18.14
CA ARG A 518 -3.37 9.49 -17.93
C ARG A 518 -4.51 9.67 -16.93
N ASN A 519 -4.28 10.45 -15.87
CA ASN A 519 -5.36 10.74 -14.92
C ASN A 519 -6.48 11.53 -15.56
N TYR A 520 -6.15 12.51 -16.42
CA TYR A 520 -7.18 13.27 -17.12
C TYR A 520 -7.99 12.36 -18.05
N ALA A 521 -7.31 11.49 -18.79
CA ALA A 521 -8.01 10.58 -19.70
C ALA A 521 -8.71 9.44 -18.98
N THR A 522 -8.46 9.27 -17.69
CA THR A 522 -9.06 8.22 -16.90
C THR A 522 -10.14 8.76 -15.95
N LYS A 523 -10.12 10.07 -15.68
CA LYS A 523 -10.92 10.67 -14.61
C LYS A 523 -12.42 10.54 -14.87
N LYS A 524 -13.16 10.64 -13.79
CA LYS A 524 -14.61 10.59 -13.86
C LYS A 524 -15.13 11.90 -14.46
N PRO A 525 -16.27 11.87 -15.14
CA PRO A 525 -16.79 13.13 -15.71
C PRO A 525 -17.25 14.14 -14.67
N TYR A 526 -17.58 13.70 -13.46
CA TYR A 526 -17.96 14.57 -12.37
C TYR A 526 -16.75 14.91 -11.51
N SER A 527 -16.97 15.79 -10.53
CA SER A 527 -15.98 16.12 -9.51
C SER A 527 -16.50 15.70 -8.15
N VAL A 528 -15.71 14.89 -7.44
CA VAL A 528 -16.07 14.45 -6.10
C VAL A 528 -15.66 15.45 -5.04
N GLU A 529 -14.71 16.34 -5.35
CA GLU A 529 -14.07 17.23 -4.38
C GLU A 529 -15.07 18.10 -3.64
N LYS A 530 -14.93 18.14 -2.31
CA LYS A 530 -15.85 18.83 -1.43
C LYS A 530 -15.06 19.41 -0.26
N PHE A 531 -15.67 20.37 0.43
CA PHE A 531 -14.99 21.13 1.47
C PHE A 531 -15.78 21.12 2.77
N LYS A 532 -15.06 21.23 3.88
CA LYS A 532 -15.64 21.13 5.21
C LYS A 532 -16.44 22.37 5.56
N LEU A 533 -17.56 22.17 6.25
CA LEU A 533 -18.40 23.26 6.74
C LEU A 533 -18.22 23.46 8.24
N ASN A 534 -18.22 24.73 8.66
CA ASN A 534 -18.01 25.06 10.06
C ASN A 534 -19.13 25.87 10.69
N PHE A 535 -19.95 26.59 9.90
CA PHE A 535 -21.05 27.42 10.40
C PHE A 535 -20.59 28.45 11.43
N GLN A 536 -19.45 29.09 11.15
CA GLN A 536 -18.78 30.05 12.04
C GLN A 536 -18.40 29.45 13.39
N MET A 537 -18.38 28.13 13.51
CA MET A 537 -18.10 27.48 14.77
C MET A 537 -16.81 26.72 14.68
N PRO A 538 -15.82 27.03 15.54
CA PRO A 538 -14.53 26.34 15.45
C PRO A 538 -14.57 24.89 15.92
N THR A 539 -15.65 24.47 16.57
CA THR A 539 -15.76 23.11 17.08
C THR A 539 -17.13 22.53 16.77
N LEU A 540 -17.57 22.67 15.52
CA LEU A 540 -18.83 22.06 15.11
C LEU A 540 -18.73 20.54 15.17
N ALA A 541 -19.67 19.93 15.88
CA ALA A 541 -19.83 18.47 16.01
C ALA A 541 -18.58 17.79 16.55
N SER A 542 -17.75 18.49 17.32
CA SER A 542 -16.58 17.87 17.94
C SER A 542 -16.98 16.83 18.97
N GLY A 543 -18.19 16.93 19.52
CA GLY A 543 -18.67 15.94 20.46
C GLY A 543 -20.16 16.07 20.63
N TRP A 544 -20.73 15.14 21.41
CA TRP A 544 -22.17 15.01 21.49
C TRP A 544 -22.74 15.18 22.88
N ASP A 545 -21.89 15.40 23.90
CA ASP A 545 -22.37 15.51 25.27
C ASP A 545 -23.27 16.72 25.43
N VAL A 546 -24.30 16.57 26.27
CA VAL A 546 -25.29 17.62 26.48
C VAL A 546 -24.67 18.87 27.12
N ASN A 547 -23.60 18.71 27.90
CA ASN A 547 -22.92 19.89 28.45
C ASN A 547 -22.15 20.64 27.37
N LYS A 548 -21.69 19.93 26.33
CA LYS A 548 -21.03 20.55 25.19
C LYS A 548 -21.97 20.78 24.02
N GLU A 549 -23.27 20.50 24.19
CA GLU A 549 -24.26 20.78 23.16
C GLU A 549 -24.27 22.25 22.76
N LYS A 550 -24.04 23.14 23.72
CA LYS A 550 -24.01 24.58 23.43
C LYS A 550 -22.85 24.92 22.51
N ASN A 551 -21.64 24.48 22.85
CA ASN A 551 -20.45 24.87 22.10
C ASN A 551 -20.19 24.02 20.85
N ASN A 552 -20.87 22.89 20.70
CA ASN A 552 -20.66 22.05 19.52
C ASN A 552 -21.78 22.14 18.50
N GLY A 553 -22.97 22.55 18.91
CA GLY A 553 -24.04 22.84 17.98
C GLY A 553 -24.84 21.68 17.43
N ALA A 554 -24.29 20.48 17.40
CA ALA A 554 -24.91 19.38 16.68
C ALA A 554 -25.65 18.43 17.61
N ILE A 555 -26.88 18.08 17.22
CA ILE A 555 -27.75 17.15 17.93
C ILE A 555 -28.48 16.27 16.92
N LEU A 556 -29.06 15.17 17.40
CA LEU A 556 -29.84 14.29 16.53
C LEU A 556 -31.26 14.09 17.04
N PHE A 557 -32.13 13.72 16.11
CA PHE A 557 -33.52 13.38 16.39
C PHE A 557 -33.91 12.12 15.65
N VAL A 558 -34.91 11.41 16.19
CA VAL A 558 -35.55 10.28 15.54
C VAL A 558 -37.05 10.55 15.47
N LYS A 559 -37.62 10.43 14.28
CA LYS A 559 -39.06 10.59 14.11
C LYS A 559 -39.54 9.63 13.03
N ASN A 560 -40.45 8.73 13.42
CA ASN A 560 -41.08 7.75 12.54
C ASN A 560 -40.05 6.91 11.78
N GLY A 561 -38.95 6.58 12.46
CA GLY A 561 -37.91 5.80 11.85
C GLY A 561 -36.97 6.57 10.95
N LEU A 562 -37.16 7.88 10.81
CA LEU A 562 -36.23 8.73 10.07
C LEU A 562 -35.35 9.49 11.06
N TYR A 563 -34.12 9.78 10.63
CA TYR A 563 -33.13 10.37 11.52
C TYR A 563 -32.76 11.75 11.02
N TYR A 564 -32.62 12.70 11.95
CA TYR A 564 -32.37 14.08 11.61
C TYR A 564 -31.20 14.63 12.42
N LEU A 565 -30.48 15.57 11.83
CA LEU A 565 -29.40 16.29 12.47
C LEU A 565 -29.77 17.76 12.62
N GLY A 566 -29.61 18.30 13.82
CA GLY A 566 -29.90 19.70 14.08
C GLY A 566 -28.62 20.44 14.42
N ILE A 567 -28.37 21.52 13.68
CA ILE A 567 -27.23 22.41 13.90
C ILE A 567 -27.76 23.71 14.48
N MET A 568 -27.24 24.12 15.63
CA MET A 568 -27.74 25.34 16.26
C MET A 568 -26.74 26.47 16.06
N PRO A 569 -27.03 27.46 15.22
CA PRO A 569 -26.02 28.48 14.89
C PRO A 569 -25.83 29.49 16.00
N LYS A 570 -24.76 30.27 15.87
CA LYS A 570 -24.55 31.42 16.74
C LYS A 570 -25.53 32.53 16.39
N GLN A 571 -26.14 33.12 17.41
CA GLN A 571 -27.10 34.20 17.23
C GLN A 571 -26.46 35.51 17.66
N LYS A 572 -26.37 36.45 16.71
CA LYS A 572 -25.74 37.77 16.90
C LYS A 572 -24.32 37.65 17.44
N GLY A 573 -23.60 36.64 16.97
CA GLY A 573 -22.27 36.36 17.44
C GLY A 573 -22.18 35.60 18.75
N ARG A 574 -23.24 35.58 19.54
CA ARG A 574 -23.28 34.82 20.78
C ARG A 574 -23.84 33.43 20.50
N TYR A 575 -23.56 32.49 21.40
CA TYR A 575 -24.16 31.16 21.26
C TYR A 575 -25.63 31.21 21.67
N LYS A 576 -25.89 31.45 22.96
CA LYS A 576 -27.21 31.64 23.55
C LYS A 576 -28.16 30.51 23.17
N ALA A 577 -27.67 29.27 23.30
CA ALA A 577 -28.36 28.11 22.76
C ALA A 577 -29.70 27.88 23.44
N LEU A 578 -30.73 27.62 22.64
CA LEU A 578 -32.05 27.32 23.15
C LEU A 578 -32.07 25.92 23.76
N SER A 579 -33.10 25.68 24.55
CA SER A 579 -33.32 24.38 25.17
C SER A 579 -34.76 23.95 24.93
N PHE A 580 -34.94 22.66 24.66
CA PHE A 580 -36.26 22.10 24.44
C PHE A 580 -36.70 21.35 25.68
N GLU A 581 -37.92 21.62 26.14
CA GLU A 581 -38.41 20.82 27.25
C GLU A 581 -38.87 19.45 26.77
N PRO A 582 -38.62 18.40 27.53
CA PRO A 582 -39.23 17.10 27.22
C PRO A 582 -40.73 17.15 27.42
N THR A 583 -41.42 16.27 26.71
CA THR A 583 -42.86 16.13 26.85
C THR A 583 -43.21 14.66 26.98
N GLU A 584 -44.47 14.40 27.29
CA GLU A 584 -44.98 13.04 27.39
C GLU A 584 -44.83 12.30 26.07
N LYS A 585 -44.50 11.00 26.16
CA LYS A 585 -44.13 10.21 24.99
C LYS A 585 -45.26 10.08 23.99
N THR A 586 -46.51 10.14 24.45
CA THR A 586 -47.64 10.04 23.53
C THR A 586 -47.81 11.28 22.66
N SER A 587 -47.27 12.43 23.09
CA SER A 587 -47.37 13.65 22.30
C SER A 587 -46.54 13.54 21.03
N GLU A 588 -47.10 14.02 19.92
CA GLU A 588 -46.50 13.86 18.61
C GLU A 588 -45.32 14.81 18.42
N GLY A 589 -44.22 14.28 17.93
CA GLY A 589 -43.04 15.09 17.66
C GLY A 589 -41.79 14.24 17.63
N PHE A 590 -40.66 14.94 17.49
CA PHE A 590 -39.36 14.28 17.41
C PHE A 590 -38.93 13.72 18.76
N ASP A 591 -38.05 12.71 18.71
CA ASP A 591 -37.34 12.22 19.87
C ASP A 591 -35.88 12.67 19.80
N LYS A 592 -35.45 13.47 20.78
CA LYS A 592 -34.09 13.99 20.80
C LYS A 592 -33.19 13.07 21.61
N MET A 593 -31.98 12.86 21.08
CA MET A 593 -30.94 12.13 21.79
C MET A 593 -30.42 12.95 22.95
N TYR A 594 -30.35 12.33 24.12
CA TYR A 594 -29.66 12.87 25.29
C TYR A 594 -28.44 11.98 25.51
N TYR A 595 -27.26 12.56 25.33
CA TYR A 595 -26.00 11.84 25.23
C TYR A 595 -25.13 12.20 26.42
N ASP A 596 -24.85 11.23 27.29
CA ASP A 596 -24.02 11.44 28.46
C ASP A 596 -22.75 10.63 28.29
N TYR A 597 -21.61 11.30 28.33
CA TYR A 597 -20.33 10.63 28.10
C TYR A 597 -19.28 11.25 28.98
N PHE A 598 -18.36 10.41 29.46
CA PHE A 598 -17.22 10.85 30.26
C PHE A 598 -16.05 10.07 29.70
N PRO A 599 -15.21 10.69 28.88
CA PRO A 599 -14.25 9.93 28.06
C PRO A 599 -13.21 9.23 28.90
N ASP A 600 -12.37 8.45 28.21
CA ASP A 600 -11.59 7.32 28.72
C ASP A 600 -10.99 7.62 30.07
N ALA A 601 -11.31 6.77 31.04
CA ALA A 601 -11.13 7.06 32.46
C ALA A 601 -9.69 7.39 32.80
N ALA A 602 -8.75 6.72 32.12
CA ALA A 602 -7.32 6.87 32.40
C ALA A 602 -6.85 8.30 32.22
N LYS A 603 -7.43 9.03 31.26
CA LYS A 603 -7.04 10.42 31.07
C LYS A 603 -7.95 11.38 31.83
N MET A 604 -9.18 10.99 32.15
CA MET A 604 -10.10 11.99 32.66
C MET A 604 -10.26 12.01 34.18
N ILE A 605 -9.85 10.97 34.92
CA ILE A 605 -9.71 11.14 36.38
C ILE A 605 -8.48 11.95 36.79
N PRO A 606 -7.25 11.66 36.32
CA PRO A 606 -6.16 12.56 36.71
C PRO A 606 -6.27 13.97 36.15
N LYS A 607 -6.99 14.18 35.04
CA LYS A 607 -7.28 15.55 34.61
C LYS A 607 -8.17 16.27 35.60
N CYS A 608 -9.27 15.64 35.98
CA CYS A 608 -10.30 16.30 36.77
C CYS A 608 -10.03 16.24 38.26
N SER A 609 -8.98 15.56 38.70
CA SER A 609 -8.78 15.50 40.14
C SER A 609 -7.36 15.83 40.59
N THR A 610 -6.34 15.34 39.88
CA THR A 610 -5.03 15.26 40.51
C THR A 610 -3.95 16.08 39.77
N GLN A 611 -4.06 16.25 38.46
CA GLN A 611 -3.21 17.19 37.73
C GLN A 611 -3.77 18.61 37.69
N LEU A 612 -4.67 18.97 38.59
CA LEU A 612 -5.15 20.35 38.68
C LEU A 612 -4.04 21.28 39.16
N LYS A 613 -4.11 22.54 38.73
CA LYS A 613 -3.13 23.53 39.16
C LYS A 613 -3.17 23.76 40.66
N ALA A 614 -4.36 23.69 41.27
CA ALA A 614 -4.48 23.96 42.70
C ALA A 614 -3.77 22.90 43.54
N VAL A 615 -3.95 21.63 43.21
CA VAL A 615 -3.34 20.58 44.01
C VAL A 615 -1.83 20.51 43.78
N THR A 616 -1.37 20.74 42.54
CA THR A 616 0.07 20.78 42.29
C THR A 616 0.72 21.97 43.00
N ALA A 617 0.04 23.12 43.04
CA ALA A 617 0.53 24.25 43.82
C ALA A 617 0.56 23.91 45.31
N HIS A 618 -0.46 23.20 45.79
CA HIS A 618 -0.56 22.91 47.21
C HIS A 618 0.52 21.93 47.67
N PHE A 619 0.69 20.84 46.93
CA PHE A 619 1.64 19.80 47.34
C PHE A 619 3.09 20.13 47.03
N GLN A 620 3.37 21.21 46.30
CA GLN A 620 4.75 21.70 46.26
C GLN A 620 5.12 22.47 47.53
N THR A 621 4.12 22.95 48.29
CA THR A 621 4.39 23.74 49.49
C THR A 621 3.76 23.18 50.76
N HIS A 622 2.89 22.17 50.67
CA HIS A 622 2.29 21.59 51.87
C HIS A 622 2.29 20.06 51.76
N THR A 623 1.99 19.44 52.91
CA THR A 623 1.76 18.01 53.01
C THR A 623 0.36 17.66 53.50
N THR A 624 -0.40 18.66 53.97
CA THR A 624 -1.77 18.42 54.40
C THR A 624 -2.62 18.00 53.19
N PRO A 625 -3.47 16.98 53.34
CA PRO A 625 -4.39 16.64 52.24
C PRO A 625 -5.35 17.77 51.93
N ILE A 626 -5.66 17.93 50.64
CA ILE A 626 -6.40 19.07 50.13
C ILE A 626 -7.82 18.63 49.79
N LEU A 627 -8.80 19.42 50.22
CA LEU A 627 -10.20 19.10 50.02
C LEU A 627 -10.71 19.85 48.79
N LEU A 628 -10.91 19.13 47.69
CA LEU A 628 -11.53 19.70 46.52
C LEU A 628 -13.04 19.71 46.69
N SER A 629 -13.67 20.79 46.24
CA SER A 629 -15.11 20.94 46.42
C SER A 629 -15.83 21.25 45.12
N ASN A 630 -15.21 22.06 44.26
CA ASN A 630 -15.88 22.51 43.05
C ASN A 630 -16.07 21.36 42.07
N ASN A 631 -17.27 21.28 41.50
CA ASN A 631 -17.78 20.23 40.61
C ASN A 631 -17.90 18.86 41.29
N PHE A 632 -17.80 18.79 42.61
CA PHE A 632 -18.06 17.58 43.36
C PHE A 632 -19.28 17.78 44.24
N ILE A 633 -20.17 16.77 44.26
CA ILE A 633 -21.38 16.89 45.06
C ILE A 633 -21.05 16.87 46.56
N GLU A 634 -19.96 16.21 46.94
CA GLU A 634 -19.44 16.25 48.30
C GLU A 634 -17.92 16.34 48.17
N PRO A 635 -17.26 16.97 49.14
CA PRO A 635 -15.81 17.22 48.98
C PRO A 635 -15.00 15.93 48.88
N LEU A 636 -13.97 15.98 48.04
CA LEU A 636 -13.06 14.86 47.81
C LEU A 636 -11.72 15.25 48.40
N GLU A 637 -11.22 14.44 49.33
CA GLU A 637 -9.90 14.70 49.89
C GLU A 637 -8.85 14.03 49.02
N ILE A 638 -7.79 14.76 48.72
CA ILE A 638 -6.62 14.21 48.03
C ILE A 638 -5.46 14.22 49.00
N THR A 639 -4.85 13.05 49.17
CA THR A 639 -3.74 12.86 50.07
C THR A 639 -2.46 12.89 49.24
N LYS A 640 -1.38 13.43 49.82
CA LYS A 640 -0.12 13.60 49.12
C LYS A 640 0.42 12.26 48.60
N GLU A 641 0.13 11.17 49.31
CA GLU A 641 0.58 9.85 48.88
C GLU A 641 -0.03 9.46 47.53
N ILE A 642 -1.28 9.85 47.27
CA ILE A 642 -1.89 9.51 45.99
C ILE A 642 -1.30 10.33 44.86
N TYR A 643 -1.05 11.63 45.11
CA TYR A 643 -0.42 12.47 44.11
C TYR A 643 1.00 12.00 43.78
N ASP A 644 1.74 11.56 44.80
CA ASP A 644 3.05 10.97 44.54
C ASP A 644 2.92 9.64 43.82
N LEU A 645 1.84 8.89 44.09
CA LEU A 645 1.58 7.68 43.31
C LEU A 645 1.33 8.00 41.85
N ASN A 646 0.79 9.18 41.54
CA ASN A 646 0.65 9.61 40.15
C ASN A 646 1.84 10.40 39.63
N ASN A 647 2.60 11.07 40.50
CA ASN A 647 3.73 11.91 40.06
C ASN A 647 4.99 11.58 40.86
N PRO A 648 5.60 10.41 40.64
CA PRO A 648 6.73 9.99 41.46
C PRO A 648 8.09 10.53 41.03
N GLU A 649 8.12 11.42 40.02
CA GLU A 649 9.31 12.02 39.41
C GLU A 649 10.15 10.97 38.68
N LYS A 650 9.69 9.73 38.63
CA LYS A 650 10.27 8.69 37.80
C LYS A 650 9.18 8.17 36.86
N GLU A 651 9.61 7.66 35.70
CA GLU A 651 8.64 7.30 34.67
C GLU A 651 7.73 6.12 35.04
N PRO A 652 8.14 5.09 35.81
CA PRO A 652 7.11 4.13 36.24
C PRO A 652 6.31 4.69 37.41
N LYS A 653 5.01 4.85 37.20
CA LYS A 653 4.12 5.09 38.33
C LYS A 653 3.99 3.81 39.15
N LYS A 654 3.81 3.95 40.46
CA LYS A 654 3.90 2.79 41.34
C LYS A 654 2.76 1.79 41.13
N PHE A 655 1.62 2.25 40.63
CA PHE A 655 0.54 1.33 40.26
C PHE A 655 0.65 0.81 38.83
N GLN A 656 1.63 1.28 38.06
CA GLN A 656 1.78 0.90 36.66
C GLN A 656 2.62 -0.35 36.53
N THR A 657 2.31 -1.18 35.53
CA THR A 657 2.96 -2.48 35.39
C THR A 657 4.44 -2.37 35.02
N ALA A 658 4.87 -1.22 34.50
CA ALA A 658 6.30 -1.00 34.28
C ALA A 658 7.07 -1.02 35.59
N TYR A 659 6.46 -0.56 36.68
CA TYR A 659 7.08 -0.64 38.00
C TYR A 659 7.24 -2.09 38.44
N ALA A 660 6.23 -2.93 38.17
CA ALA A 660 6.32 -4.35 38.48
C ALA A 660 7.42 -5.03 37.67
N LYS A 661 7.54 -4.66 36.39
CA LYS A 661 8.62 -5.17 35.56
C LYS A 661 9.99 -4.71 36.08
N LYS A 662 10.08 -3.45 36.50
CA LYS A 662 11.37 -2.89 36.89
C LYS A 662 11.86 -3.45 38.22
N THR A 663 10.96 -3.60 39.20
CA THR A 663 11.39 -3.95 40.55
C THR A 663 11.00 -5.34 40.99
N GLY A 664 9.91 -5.90 40.46
CA GLY A 664 9.39 -7.13 41.03
C GLY A 664 8.70 -6.96 42.36
N ASP A 665 8.40 -5.73 42.77
CA ASP A 665 7.72 -5.45 44.03
C ASP A 665 6.22 -5.72 43.85
N GLN A 666 5.89 -7.01 43.79
CA GLN A 666 4.51 -7.42 43.49
C GLN A 666 3.55 -7.00 44.60
N LYS A 667 3.97 -7.12 45.87
CA LYS A 667 3.11 -6.67 46.96
C LYS A 667 2.95 -5.15 46.95
N GLY A 668 4.03 -4.40 46.65
CA GLY A 668 3.92 -2.97 46.53
C GLY A 668 3.10 -2.55 45.32
N TYR A 669 3.25 -3.27 44.22
CA TYR A 669 2.43 -3.02 43.02
C TYR A 669 0.96 -3.22 43.32
N ARG A 670 0.62 -4.30 44.03
CA ARG A 670 -0.77 -4.57 44.36
C ARG A 670 -1.33 -3.56 45.35
N GLU A 671 -0.53 -3.14 46.33
CA GLU A 671 -0.98 -2.11 47.27
C GLU A 671 -1.24 -0.79 46.56
N ALA A 672 -0.32 -0.38 45.68
CA ALA A 672 -0.49 0.86 44.93
C ALA A 672 -1.71 0.79 44.01
N LEU A 673 -1.90 -0.36 43.35
CA LEU A 673 -3.04 -0.54 42.47
C LEU A 673 -4.36 -0.49 43.23
N CYS A 674 -4.42 -1.14 44.39
CA CYS A 674 -5.63 -1.09 45.20
C CYS A 674 -5.93 0.32 45.67
N LYS A 675 -4.89 1.04 46.11
CA LYS A 675 -5.07 2.42 46.57
C LYS A 675 -5.61 3.31 45.46
N TRP A 676 -5.00 3.23 44.27
CA TRP A 676 -5.44 4.07 43.16
C TRP A 676 -6.84 3.73 42.69
N ILE A 677 -7.15 2.43 42.59
CA ILE A 677 -8.48 2.03 42.14
C ILE A 677 -9.55 2.47 43.14
N ASP A 678 -9.27 2.33 44.43
CA ASP A 678 -10.20 2.82 45.45
C ASP A 678 -10.38 4.33 45.36
N PHE A 679 -9.29 5.07 45.09
CA PHE A 679 -9.41 6.51 44.93
C PHE A 679 -10.28 6.88 43.73
N THR A 680 -10.10 6.18 42.60
CA THR A 680 -10.95 6.47 41.44
C THR A 680 -12.40 6.11 41.70
N ARG A 681 -12.64 5.05 42.49
CA ARG A 681 -14.01 4.73 42.88
C ARG A 681 -14.62 5.85 43.71
N ASP A 682 -13.84 6.41 44.64
CA ASP A 682 -14.31 7.56 45.43
C ASP A 682 -14.60 8.77 44.54
N PHE A 683 -13.70 9.05 43.60
CA PHE A 683 -13.87 10.15 42.66
C PHE A 683 -15.15 9.99 41.84
N LEU A 684 -15.33 8.81 41.24
CA LEU A 684 -16.52 8.56 40.44
C LEU A 684 -17.78 8.58 41.28
N SER A 685 -17.68 8.23 42.57
CA SER A 685 -18.82 8.38 43.46
C SER A 685 -19.10 9.83 43.81
N LYS A 686 -18.10 10.72 43.72
CA LYS A 686 -18.29 12.11 44.13
C LYS A 686 -18.40 13.12 43.00
N TYR A 687 -17.80 12.85 41.83
CA TYR A 687 -17.79 13.85 40.76
C TYR A 687 -19.17 13.97 40.12
N THR A 688 -19.56 15.20 39.78
CA THR A 688 -20.95 15.50 39.47
C THR A 688 -21.40 14.91 38.12
N LYS A 689 -20.47 14.65 37.20
CA LYS A 689 -20.85 13.95 35.97
C LYS A 689 -21.16 12.49 36.24
N THR A 690 -20.46 11.86 37.18
CA THR A 690 -20.49 10.42 37.34
C THR A 690 -21.07 9.94 38.66
N THR A 691 -21.50 10.83 39.54
CA THR A 691 -22.01 10.41 40.85
C THR A 691 -23.28 9.58 40.73
N SER A 692 -24.08 9.79 39.70
CA SER A 692 -25.32 9.04 39.53
C SER A 692 -25.11 7.66 38.91
N ILE A 693 -23.93 7.40 38.35
CA ILE A 693 -23.67 6.13 37.68
C ILE A 693 -23.58 5.02 38.70
N ASP A 694 -24.21 3.88 38.42
CA ASP A 694 -24.14 2.72 39.31
C ASP A 694 -22.84 1.95 39.05
N LEU A 695 -21.85 2.23 39.90
CA LEU A 695 -20.55 1.60 39.84
C LEU A 695 -20.52 0.21 40.47
N SER A 696 -21.65 -0.25 41.03
CA SER A 696 -21.68 -1.52 41.77
C SER A 696 -21.43 -2.74 40.89
N SER A 697 -21.45 -2.59 39.56
CA SER A 697 -21.10 -3.71 38.68
C SER A 697 -19.62 -4.05 38.76
N LEU A 698 -18.80 -3.11 39.19
CA LEU A 698 -17.35 -3.33 39.28
C LEU A 698 -17.03 -4.31 40.41
N ARG A 699 -15.99 -5.11 40.19
CA ARG A 699 -15.50 -6.02 41.21
C ARG A 699 -14.80 -5.23 42.32
N PRO A 700 -14.60 -5.82 43.51
CA PRO A 700 -13.81 -5.14 44.54
C PRO A 700 -12.39 -4.84 44.08
N SER A 701 -11.86 -3.73 44.59
CA SER A 701 -10.68 -3.10 44.02
C SER A 701 -9.44 -3.98 44.06
N SER A 702 -9.30 -4.81 45.10
CA SER A 702 -8.11 -5.64 45.23
C SER A 702 -8.07 -6.79 44.24
N GLN A 703 -9.21 -7.14 43.62
CA GLN A 703 -9.26 -8.30 42.75
C GLN A 703 -8.66 -8.04 41.38
N TYR A 704 -8.49 -6.79 40.98
CA TYR A 704 -8.04 -6.50 39.62
C TYR A 704 -6.55 -6.77 39.48
N LYS A 705 -6.19 -7.46 38.40
CA LYS A 705 -4.80 -7.86 38.20
C LYS A 705 -3.93 -6.69 37.77
N ASP A 706 -4.50 -5.74 37.02
CA ASP A 706 -3.74 -4.61 36.50
C ASP A 706 -4.69 -3.45 36.29
N LEU A 707 -4.11 -2.26 36.13
CA LEU A 707 -4.93 -1.05 35.97
C LEU A 707 -5.64 -1.03 34.62
N GLY A 708 -5.01 -1.62 33.60
CA GLY A 708 -5.61 -1.64 32.29
C GLY A 708 -6.90 -2.44 32.25
N GLU A 709 -6.93 -3.56 32.97
CA GLU A 709 -8.17 -4.33 33.12
C GLU A 709 -9.26 -3.51 33.80
N TYR A 710 -8.88 -2.74 34.83
CA TYR A 710 -9.86 -1.92 35.55
C TYR A 710 -10.46 -0.86 34.64
N TYR A 711 -9.62 -0.14 33.90
CA TYR A 711 -10.15 0.87 32.97
C TYR A 711 -10.94 0.24 31.83
N ALA A 712 -10.51 -0.94 31.35
CA ALA A 712 -11.22 -1.61 30.28
C ALA A 712 -12.62 -2.02 30.70
N GLU A 713 -12.77 -2.47 31.94
CA GLU A 713 -14.11 -2.78 32.44
C GLU A 713 -14.87 -1.51 32.80
N LEU A 714 -14.18 -0.46 33.25
CA LEU A 714 -14.85 0.73 33.76
C LEU A 714 -15.46 1.56 32.64
N ASN A 715 -14.70 1.78 31.56
CA ASN A 715 -15.10 2.71 30.50
C ASN A 715 -16.48 2.51 29.88
N PRO A 716 -16.99 1.30 29.60
CA PRO A 716 -18.35 1.20 29.05
C PRO A 716 -19.46 1.60 30.00
N LEU A 717 -19.18 1.84 31.29
CA LEU A 717 -20.23 2.34 32.17
C LEU A 717 -20.42 3.85 32.05
N LEU A 718 -19.39 4.60 31.67
CA LEU A 718 -19.49 6.05 31.63
C LEU A 718 -20.16 6.59 30.37
N TYR A 719 -20.77 5.73 29.55
CA TYR A 719 -21.41 6.17 28.32
C TYR A 719 -22.86 5.75 28.33
N HIS A 720 -23.74 6.67 27.93
CA HIS A 720 -25.17 6.39 27.97
C HIS A 720 -25.89 7.29 26.96
N ILE A 721 -26.89 6.72 26.29
CA ILE A 721 -27.78 7.44 25.39
C ILE A 721 -29.22 7.18 25.81
N SER A 722 -30.02 8.23 25.87
CA SER A 722 -31.46 8.09 26.04
C SER A 722 -32.14 8.97 25.01
N PHE A 723 -33.46 8.85 24.90
CA PHE A 723 -34.20 9.72 24.02
C PHE A 723 -35.38 10.31 24.78
N GLN A 724 -35.68 11.57 24.49
CA GLN A 724 -36.87 12.20 25.08
C GLN A 724 -37.67 12.91 24.01
N ARG A 725 -38.98 12.78 24.10
CA ARG A 725 -39.89 13.37 23.11
C ARG A 725 -39.95 14.88 23.27
N ILE A 726 -40.00 15.57 22.13
CA ILE A 726 -40.25 17.00 22.07
C ILE A 726 -41.47 17.22 21.20
N ALA A 727 -42.32 18.17 21.58
CA ALA A 727 -43.48 18.52 20.78
C ALA A 727 -43.04 19.04 19.41
N GLU A 728 -43.83 18.70 18.38
CA GLU A 728 -43.53 19.07 17.01
C GLU A 728 -43.44 20.59 16.84
N LYS A 729 -44.36 21.32 17.47
CA LYS A 729 -44.41 22.78 17.30
C LYS A 729 -43.14 23.46 17.81
N GLU A 730 -42.56 22.92 18.88
CA GLU A 730 -41.37 23.53 19.47
C GLU A 730 -40.18 23.47 18.53
N ILE A 731 -40.07 22.41 17.74
CA ILE A 731 -38.98 22.27 16.78
C ILE A 731 -39.31 22.99 15.47
N MET A 732 -40.58 22.91 15.05
CA MET A 732 -41.02 23.60 13.82
C MET A 732 -40.87 25.10 13.93
N ASP A 733 -41.23 25.68 15.08
CA ASP A 733 -41.07 27.11 15.27
C ASP A 733 -39.59 27.50 15.33
N ALA A 734 -38.77 26.65 15.94
CA ALA A 734 -37.34 26.92 16.03
C ALA A 734 -36.68 26.90 14.67
N VAL A 735 -37.10 25.98 13.80
CA VAL A 735 -36.50 25.92 12.47
C VAL A 735 -37.08 27.01 11.56
N GLU A 736 -38.34 27.41 11.82
CA GLU A 736 -38.91 28.55 11.10
C GLU A 736 -38.18 29.85 11.45
N THR A 737 -37.84 30.02 12.72
CA THR A 737 -37.14 31.23 13.16
C THR A 737 -35.71 31.27 12.61
N GLY A 738 -35.13 30.12 12.30
CA GLY A 738 -33.73 30.04 11.95
C GLY A 738 -32.81 29.77 13.11
N LYS A 739 -33.36 29.45 14.28
CA LYS A 739 -32.52 29.07 15.42
C LYS A 739 -31.96 27.65 15.27
N LEU A 740 -32.56 26.83 14.42
CA LEU A 740 -32.14 25.45 14.24
C LEU A 740 -32.09 25.12 12.75
N TYR A 741 -31.01 24.48 12.32
CA TYR A 741 -30.91 23.96 10.95
C TYR A 741 -31.12 22.45 11.01
N LEU A 742 -32.32 22.03 10.63
CA LEU A 742 -32.71 20.63 10.64
C LEU A 742 -32.45 20.00 9.28
N PHE A 743 -31.60 18.97 9.25
CA PHE A 743 -31.33 18.19 8.06
C PHE A 743 -31.82 16.77 8.30
N GLN A 744 -32.22 16.09 7.24
CA GLN A 744 -32.46 14.66 7.33
C GLN A 744 -31.20 13.90 6.95
N ILE A 745 -30.77 13.01 7.83
CA ILE A 745 -29.71 12.05 7.53
C ILE A 745 -30.29 11.01 6.59
N TYR A 746 -29.74 10.94 5.38
CA TYR A 746 -30.35 10.20 4.29
C TYR A 746 -29.33 9.32 3.61
N ASN A 747 -29.80 8.16 3.15
CA ASN A 747 -29.13 7.37 2.13
C ASN A 747 -30.22 6.65 1.34
N LYS A 748 -29.79 5.73 0.46
CA LYS A 748 -30.72 5.03 -0.43
C LYS A 748 -31.77 4.23 0.35
N ASP A 749 -31.41 3.72 1.52
CA ASP A 749 -32.31 2.85 2.26
C ASP A 749 -33.41 3.59 2.99
N PHE A 750 -33.39 4.93 3.00
CA PHE A 750 -34.51 5.70 3.51
C PHE A 750 -35.39 6.29 2.41
N ALA A 751 -35.19 5.85 1.17
CA ALA A 751 -36.00 6.34 0.06
C ALA A 751 -37.43 5.79 0.14
N LYS A 752 -38.32 6.43 -0.61
CA LYS A 752 -39.73 6.05 -0.59
C LYS A 752 -39.96 4.66 -1.17
N GLY A 753 -39.24 4.32 -2.23
CA GLY A 753 -39.38 3.04 -2.89
C GLY A 753 -38.50 1.93 -2.36
N HIS A 754 -37.83 2.14 -1.24
CA HIS A 754 -36.96 1.13 -0.64
C HIS A 754 -37.74 -0.13 -0.26
N HIS A 755 -37.38 -1.25 -0.87
CA HIS A 755 -38.05 -2.51 -0.57
C HIS A 755 -37.08 -3.67 -0.39
N GLY A 756 -35.82 -3.48 -0.77
CA GLY A 756 -34.83 -4.54 -0.70
C GLY A 756 -34.07 -4.55 0.60
N LYS A 757 -32.97 -5.30 0.60
CA LYS A 757 -32.13 -5.42 1.78
C LYS A 757 -31.24 -4.18 1.93
N PRO A 758 -31.13 -3.62 3.12
CA PRO A 758 -30.38 -2.37 3.30
C PRO A 758 -28.87 -2.59 3.28
N ASN A 759 -28.16 -1.47 3.21
CA ASN A 759 -26.70 -1.47 3.27
C ASN A 759 -26.23 -1.87 4.66
N LEU A 760 -24.95 -2.26 4.75
CA LEU A 760 -24.34 -2.47 6.06
C LEU A 760 -24.26 -1.19 6.85
N HIS A 761 -23.95 -0.06 6.19
CA HIS A 761 -23.88 1.20 6.90
C HIS A 761 -25.25 1.70 7.34
N THR A 762 -26.33 1.22 6.73
CA THR A 762 -27.65 1.47 7.30
C THR A 762 -27.93 0.51 8.46
N LEU A 763 -27.43 -0.73 8.37
CA LEU A 763 -27.61 -1.69 9.45
C LEU A 763 -26.89 -1.24 10.73
N TYR A 764 -25.66 -0.73 10.60
CA TYR A 764 -24.96 -0.20 11.77
C TYR A 764 -25.69 0.99 12.36
N TRP A 765 -26.19 1.90 11.52
CA TRP A 765 -26.88 3.09 12.01
C TRP A 765 -28.17 2.74 12.72
N THR A 766 -28.96 1.83 12.14
CA THR A 766 -30.19 1.39 12.79
C THR A 766 -29.89 0.58 14.04
N GLY A 767 -28.84 -0.24 14.02
CA GLY A 767 -28.48 -1.01 15.19
C GLY A 767 -27.98 -0.14 16.34
N LEU A 768 -27.39 1.00 16.01
CA LEU A 768 -26.84 1.90 17.03
C LEU A 768 -27.96 2.47 17.91
N PHE A 769 -29.10 2.81 17.31
CA PHE A 769 -30.27 3.33 18.02
C PHE A 769 -31.36 2.29 18.31
N SER A 770 -31.05 0.99 18.23
CA SER A 770 -32.04 0.01 18.67
C SER A 770 -32.17 0.02 20.19
N PRO A 771 -33.37 -0.29 20.70
CA PRO A 771 -33.54 -0.29 22.18
C PRO A 771 -32.64 -1.25 22.92
N GLU A 772 -32.37 -2.42 22.34
CA GLU A 772 -31.44 -3.34 22.99
C GLU A 772 -30.01 -2.82 22.99
N ASN A 773 -29.65 -1.99 22.00
CA ASN A 773 -28.35 -1.35 22.03
C ASN A 773 -28.29 -0.25 23.10
N LEU A 774 -29.39 0.48 23.27
CA LEU A 774 -29.44 1.49 24.32
C LEU A 774 -29.43 0.86 25.71
N ALA A 775 -29.98 -0.35 25.84
CA ALA A 775 -29.91 -1.06 27.11
C ALA A 775 -28.49 -1.52 27.45
N LYS A 776 -27.73 -1.97 26.45
CA LYS A 776 -26.36 -2.40 26.66
C LYS A 776 -25.57 -2.05 25.41
N THR A 777 -24.68 -1.06 25.53
CA THR A 777 -24.01 -0.47 24.38
C THR A 777 -23.04 -1.45 23.76
N SER A 778 -23.30 -1.83 22.51
CA SER A 778 -22.34 -2.59 21.70
C SER A 778 -21.69 -1.74 20.63
N ILE A 779 -22.42 -0.81 20.02
CA ILE A 779 -21.87 0.16 19.09
C ILE A 779 -21.95 1.55 19.73
N LYS A 780 -20.82 2.25 19.78
CA LYS A 780 -20.74 3.56 20.39
C LYS A 780 -20.83 4.64 19.32
N LEU A 781 -21.55 5.71 19.60
CA LEU A 781 -21.59 6.86 18.71
C LEU A 781 -20.44 7.79 19.06
N ASN A 782 -19.47 7.91 18.17
CA ASN A 782 -18.28 8.71 18.44
C ASN A 782 -18.52 10.18 18.16
N GLY A 783 -17.74 11.01 18.82
CA GLY A 783 -17.69 12.42 18.51
C GLY A 783 -16.84 12.68 17.28
N GLN A 784 -16.57 13.97 17.06
CA GLN A 784 -15.80 14.47 15.92
C GLN A 784 -16.46 14.02 14.60
N ALA A 785 -17.73 14.37 14.46
CA ALA A 785 -18.40 14.24 13.17
C ALA A 785 -18.05 15.44 12.30
N GLU A 786 -18.21 15.30 11.00
CA GLU A 786 -17.78 16.35 10.10
C GLU A 786 -18.82 16.58 9.01
N LEU A 787 -19.17 17.85 8.80
CA LEU A 787 -20.07 18.23 7.72
C LEU A 787 -19.27 18.68 6.51
N PHE A 788 -19.73 18.31 5.33
CA PHE A 788 -19.11 18.71 4.08
C PHE A 788 -20.18 19.19 3.11
N TYR A 789 -19.75 19.94 2.11
CA TYR A 789 -20.65 20.40 1.06
C TYR A 789 -19.97 20.16 -0.27
N ARG A 790 -20.67 19.55 -1.21
CA ARG A 790 -20.13 19.31 -2.54
C ARG A 790 -20.87 20.18 -3.54
N PRO A 791 -20.18 21.06 -4.24
CA PRO A 791 -20.85 21.92 -5.22
C PRO A 791 -21.29 21.13 -6.45
N LYS A 792 -22.25 21.73 -7.17
CA LYS A 792 -22.73 21.16 -8.41
C LYS A 792 -21.62 21.05 -9.43
N SER A 793 -21.51 19.88 -10.07
CA SER A 793 -20.50 19.65 -11.08
C SER A 793 -20.93 20.27 -12.41
N ARG A 794 -19.95 20.53 -13.27
CA ARG A 794 -20.22 20.98 -14.63
C ARG A 794 -20.57 19.71 -15.42
N MET A 795 -21.75 19.16 -15.13
CA MET A 795 -22.20 17.92 -15.73
C MET A 795 -23.01 18.23 -16.99
N LYS A 796 -22.60 17.65 -18.11
CA LYS A 796 -23.43 17.66 -19.31
C LYS A 796 -24.54 16.64 -19.07
N ARG A 797 -25.78 17.13 -19.01
CA ARG A 797 -26.88 16.27 -18.60
C ARG A 797 -27.22 15.28 -19.72
N MET A 798 -27.40 14.02 -19.32
CA MET A 798 -27.93 13.00 -20.22
C MET A 798 -28.99 12.24 -19.44
N ALA A 799 -30.19 12.18 -19.99
CA ALA A 799 -31.30 11.53 -19.32
C ALA A 799 -32.19 10.89 -20.36
N HIS A 800 -32.80 9.77 -19.99
CA HIS A 800 -33.65 9.03 -20.90
C HIS A 800 -35.03 9.68 -20.94
N ARG A 801 -35.37 10.28 -22.07
CA ARG A 801 -36.60 11.04 -22.20
C ARG A 801 -37.79 10.09 -22.27
N LEU A 802 -38.97 10.66 -22.04
CA LEU A 802 -40.21 9.88 -22.16
C LEU A 802 -40.44 9.47 -23.61
N GLY A 803 -40.89 8.24 -23.81
CA GLY A 803 -41.12 7.69 -25.12
C GLY A 803 -39.91 7.07 -25.78
N GLU A 804 -38.73 7.20 -25.19
CA GLU A 804 -37.53 6.56 -25.69
C GLU A 804 -37.50 5.10 -25.26
N LYS A 805 -36.48 4.38 -25.71
CA LYS A 805 -36.29 2.98 -25.35
C LYS A 805 -35.10 2.86 -24.42
N MET A 806 -35.26 2.09 -23.35
CA MET A 806 -34.17 1.76 -22.43
C MET A 806 -33.61 0.41 -22.82
N LEU A 807 -32.29 0.31 -22.89
CA LEU A 807 -31.63 -0.89 -23.38
C LEU A 807 -30.96 -1.63 -22.24
N ASN A 808 -31.32 -2.90 -22.07
CA ASN A 808 -30.73 -3.75 -21.05
C ASN A 808 -29.37 -4.25 -21.51
N LYS A 809 -28.40 -4.23 -20.60
CA LYS A 809 -27.05 -4.70 -20.94
C LYS A 809 -26.94 -6.23 -20.96
N LYS A 810 -27.85 -6.92 -20.29
CA LYS A 810 -27.87 -8.37 -20.32
C LYS A 810 -28.72 -8.91 -21.47
N LEU A 811 -28.44 -10.14 -21.87
CA LEU A 811 -29.23 -10.85 -22.87
C LEU A 811 -30.48 -11.43 -22.18
N LYS A 812 -31.17 -12.40 -22.83
CA LYS A 812 -32.29 -13.05 -22.15
C LYS A 812 -31.81 -13.78 -20.89
N ASP A 813 -30.69 -14.47 -21.00
CA ASP A 813 -30.02 -14.94 -19.79
C ASP A 813 -29.32 -13.76 -19.14
N GLN A 814 -29.48 -13.64 -17.83
CA GLN A 814 -28.85 -12.52 -17.13
C GLN A 814 -27.34 -12.67 -17.07
N LYS A 815 -26.83 -13.89 -17.27
CA LYS A 815 -25.39 -14.16 -17.13
C LYS A 815 -24.56 -13.35 -18.12
N THR A 816 -24.89 -13.46 -19.40
CA THR A 816 -23.95 -12.96 -20.40
C THR A 816 -24.28 -11.53 -20.77
N PRO A 817 -23.33 -10.60 -20.60
CA PRO A 817 -23.58 -9.22 -20.95
C PRO A 817 -23.30 -8.91 -22.42
N ILE A 818 -23.94 -7.86 -22.90
CA ILE A 818 -23.70 -7.34 -24.25
C ILE A 818 -22.30 -6.73 -24.30
N PRO A 819 -21.51 -7.00 -25.34
CA PRO A 819 -20.21 -6.32 -25.48
C PRO A 819 -20.37 -4.83 -25.61
N ASP A 820 -19.54 -4.09 -24.86
CA ASP A 820 -19.73 -2.65 -24.69
C ASP A 820 -19.52 -1.88 -25.98
N THR A 821 -18.76 -2.43 -26.93
CA THR A 821 -18.66 -1.80 -28.24
C THR A 821 -19.96 -1.93 -29.03
N LEU A 822 -20.72 -2.99 -28.81
CA LEU A 822 -21.97 -3.19 -29.53
C LEU A 822 -23.14 -2.47 -28.86
N TYR A 823 -23.03 -2.22 -27.56
CA TYR A 823 -24.14 -1.64 -26.79
C TYR A 823 -24.52 -0.26 -27.31
N GLN A 824 -23.53 0.55 -27.68
CA GLN A 824 -23.79 1.90 -28.15
C GLN A 824 -24.59 1.90 -29.44
N GLU A 825 -24.18 1.10 -30.42
CA GLU A 825 -24.91 1.08 -31.68
C GLU A 825 -26.25 0.36 -31.55
N LEU A 826 -26.36 -0.58 -30.61
CA LEU A 826 -27.66 -1.17 -30.31
C LEU A 826 -28.62 -0.13 -29.76
N TYR A 827 -28.14 0.66 -28.78
CA TYR A 827 -28.97 1.69 -28.16
C TYR A 827 -29.34 2.77 -29.15
N ASP A 828 -28.44 3.08 -30.09
CA ASP A 828 -28.78 3.98 -31.19
C ASP A 828 -29.85 3.37 -32.08
N TYR A 829 -29.76 2.07 -32.36
CA TYR A 829 -30.68 1.44 -33.30
C TYR A 829 -32.10 1.34 -32.73
N VAL A 830 -32.24 0.97 -31.46
CA VAL A 830 -33.59 0.78 -30.93
C VAL A 830 -34.30 2.10 -30.72
N ASN A 831 -33.57 3.20 -30.60
CA ASN A 831 -34.15 4.52 -30.61
C ASN A 831 -34.24 5.10 -32.03
N HIS A 832 -33.84 4.29 -33.03
CA HIS A 832 -33.91 4.64 -34.46
C HIS A 832 -33.15 5.93 -34.77
N ARG A 833 -32.02 6.14 -34.10
CA ARG A 833 -31.24 7.35 -34.28
C ARG A 833 -30.31 7.22 -35.49
N ASP A 840 -22.45 -6.17 -38.15
CA ASP A 840 -23.64 -6.99 -38.28
C ASP A 840 -23.77 -7.95 -37.11
N GLU A 841 -22.85 -7.83 -36.16
CA GLU A 841 -22.93 -8.62 -34.93
C GLU A 841 -24.15 -8.22 -34.11
N ALA A 842 -24.40 -6.90 -34.03
CA ALA A 842 -25.62 -6.41 -33.40
C ALA A 842 -26.86 -6.87 -34.17
N ARG A 843 -26.77 -6.91 -35.49
CA ARG A 843 -27.84 -7.50 -36.28
C ARG A 843 -28.01 -8.98 -35.97
N ALA A 844 -26.91 -9.70 -35.77
CA ALA A 844 -26.99 -11.13 -35.45
C ALA A 844 -27.66 -11.37 -34.10
N LEU A 845 -27.38 -10.53 -33.11
CA LEU A 845 -27.94 -10.67 -31.77
C LEU A 845 -29.13 -9.77 -31.51
N LEU A 846 -29.68 -9.12 -32.54
CA LEU A 846 -30.89 -8.33 -32.41
C LEU A 846 -32.10 -9.04 -31.80
N PRO A 847 -32.43 -10.29 -32.13
CA PRO A 847 -33.53 -10.94 -31.38
C PRO A 847 -33.14 -11.40 -30.00
N ASN A 848 -31.85 -11.31 -29.64
CA ASN A 848 -31.40 -11.72 -28.33
C ASN A 848 -31.54 -10.63 -27.26
N VAL A 849 -31.81 -9.39 -27.66
CA VAL A 849 -31.79 -8.29 -26.72
C VAL A 849 -33.23 -7.95 -26.32
N ILE A 850 -33.38 -7.29 -25.17
CA ILE A 850 -34.67 -6.89 -24.63
C ILE A 850 -34.64 -5.40 -24.31
N THR A 851 -35.70 -4.68 -24.68
CA THR A 851 -35.82 -3.26 -24.47
C THR A 851 -37.01 -2.97 -23.56
N LYS A 852 -36.98 -1.81 -22.91
CA LYS A 852 -38.05 -1.38 -22.03
C LYS A 852 -38.55 -0.01 -22.45
N GLU A 853 -39.83 0.25 -22.19
CA GLU A 853 -40.35 1.61 -22.33
C GLU A 853 -39.82 2.47 -21.19
N VAL A 854 -39.55 3.74 -21.49
CA VAL A 854 -39.15 4.66 -20.44
C VAL A 854 -40.38 4.98 -19.61
N SER A 855 -40.46 4.42 -18.41
CA SER A 855 -41.61 4.69 -17.55
C SER A 855 -41.43 6.02 -16.81
N HIS A 856 -40.24 6.26 -16.28
CA HIS A 856 -39.91 7.50 -15.60
C HIS A 856 -38.46 7.84 -15.92
N GLU A 857 -38.17 9.14 -16.07
CA GLU A 857 -36.88 9.58 -16.56
C GLU A 857 -35.77 9.30 -15.56
N ILE A 858 -34.72 8.64 -16.03
CA ILE A 858 -33.52 8.40 -15.25
C ILE A 858 -32.46 9.39 -15.71
N ILE A 859 -31.83 10.07 -14.76
CA ILE A 859 -30.80 11.05 -15.06
C ILE A 859 -29.44 10.42 -14.77
N LYS A 860 -28.56 10.45 -15.77
CA LYS A 860 -27.24 9.87 -15.59
C LYS A 860 -26.42 10.67 -14.59
N ASP A 861 -25.86 9.97 -13.61
CA ASP A 861 -25.03 10.55 -12.54
C ASP A 861 -25.77 11.67 -11.80
N ARG A 862 -27.00 11.37 -11.38
CA ARG A 862 -27.92 12.38 -10.85
C ARG A 862 -27.39 13.05 -9.60
N ARG A 863 -26.75 12.30 -8.70
CA ARG A 863 -26.33 12.87 -7.42
C ARG A 863 -25.24 13.93 -7.56
N PHE A 864 -24.60 14.04 -8.72
CA PHE A 864 -23.67 15.14 -8.98
C PHE A 864 -24.30 16.28 -9.76
N THR A 865 -25.58 16.18 -10.11
CA THR A 865 -26.23 17.27 -10.83
C THR A 865 -26.68 18.40 -9.91
N SER A 866 -26.58 18.24 -8.60
CA SER A 866 -26.95 19.30 -7.67
C SER A 866 -26.03 19.26 -6.47
N ASP A 867 -25.86 20.41 -5.84
CA ASP A 867 -24.94 20.54 -4.71
C ASP A 867 -25.56 19.95 -3.45
N LYS A 868 -24.76 19.20 -2.70
CA LYS A 868 -25.30 18.34 -1.66
C LYS A 868 -24.47 18.42 -0.39
N PHE A 869 -25.14 18.36 0.76
CA PHE A 869 -24.48 18.30 2.05
C PHE A 869 -24.21 16.86 2.43
N PHE A 870 -23.09 16.63 3.12
CA PHE A 870 -22.71 15.29 3.56
C PHE A 870 -22.26 15.33 5.01
N PHE A 871 -22.29 14.16 5.64
CA PHE A 871 -22.14 14.04 7.09
C PHE A 871 -21.37 12.76 7.38
N HIS A 872 -20.17 12.91 7.93
CA HIS A 872 -19.30 11.78 8.23
C HIS A 872 -19.26 11.59 9.74
N VAL A 873 -19.80 10.49 10.23
CA VAL A 873 -19.96 10.26 11.66
C VAL A 873 -19.22 9.00 12.08
N PRO A 874 -18.26 9.07 13.00
CA PRO A 874 -17.58 7.86 13.43
C PRO A 874 -18.44 7.05 14.41
N ILE A 875 -18.22 5.74 14.40
CA ILE A 875 -18.83 4.81 15.35
C ILE A 875 -17.75 3.82 15.79
N THR A 876 -18.00 3.16 16.91
CA THR A 876 -17.09 2.15 17.45
C THR A 876 -17.87 0.89 17.79
N LEU A 877 -17.58 -0.20 17.10
CA LEU A 877 -18.24 -1.47 17.34
C LEU A 877 -17.44 -2.32 18.32
N ASN A 878 -18.15 -3.27 18.95
CA ASN A 878 -17.60 -4.10 20.04
C ASN A 878 -17.07 -3.24 21.18
N TYR A 879 -17.84 -2.22 21.56
CA TYR A 879 -17.38 -1.23 22.52
C TYR A 879 -17.09 -1.84 23.90
N GLN A 880 -17.72 -2.97 24.23
CA GLN A 880 -17.45 -3.62 25.51
C GLN A 880 -16.07 -4.26 25.57
N ALA A 881 -15.47 -4.56 24.42
CA ALA A 881 -14.22 -5.31 24.38
C ALA A 881 -13.01 -4.40 24.57
N ALA A 882 -11.82 -4.99 24.58
CA ALA A 882 -10.59 -4.26 24.77
C ALA A 882 -10.24 -3.42 23.54
N ASN A 883 -9.31 -2.50 23.73
CA ASN A 883 -8.90 -1.60 22.65
C ASN A 883 -8.14 -2.32 21.54
N SER A 884 -7.51 -3.45 21.83
CA SER A 884 -6.69 -4.16 20.85
C SER A 884 -6.67 -5.62 21.24
N PRO A 885 -6.68 -6.53 20.26
CA PRO A 885 -6.64 -7.95 20.60
C PRO A 885 -5.28 -8.37 21.11
N SER A 886 -5.29 -9.36 21.99
CA SER A 886 -4.07 -9.96 22.51
C SER A 886 -4.04 -11.43 22.13
N LYS A 887 -2.91 -11.86 21.56
CA LYS A 887 -2.63 -13.25 21.12
C LYS A 887 -3.81 -13.88 20.39
N PHE A 888 -4.34 -13.14 19.41
CA PHE A 888 -5.49 -13.58 18.63
C PHE A 888 -5.17 -14.84 17.84
N ASN A 889 -3.97 -14.90 17.24
CA ASN A 889 -3.55 -16.09 16.52
C ASN A 889 -3.46 -17.30 17.43
N GLN A 890 -3.10 -17.10 18.70
CA GLN A 890 -3.05 -18.21 19.63
C GLN A 890 -4.45 -18.73 19.96
N ARG A 891 -5.43 -17.82 20.08
CA ARG A 891 -6.82 -18.26 20.25
C ARG A 891 -7.31 -19.04 19.04
N VAL A 892 -7.01 -18.56 17.83
CA VAL A 892 -7.44 -19.24 16.61
C VAL A 892 -6.79 -20.62 16.52
N ASN A 893 -5.50 -20.70 16.82
CA ASN A 893 -4.81 -21.98 16.75
C ASN A 893 -5.26 -22.94 17.84
N ALA A 894 -5.65 -22.42 19.01
CA ALA A 894 -6.21 -23.29 20.04
C ALA A 894 -7.54 -23.88 19.58
N TYR A 895 -8.38 -23.06 18.95
CA TYR A 895 -9.63 -23.58 18.39
C TYR A 895 -9.38 -24.61 17.30
N LEU A 896 -8.39 -24.36 16.43
CA LEU A 896 -8.09 -25.29 15.35
C LEU A 896 -7.54 -26.61 15.89
N LYS A 897 -6.70 -26.56 16.92
CA LYS A 897 -6.24 -27.78 17.56
C LYS A 897 -7.39 -28.53 18.22
N GLU A 898 -8.35 -27.80 18.79
CA GLU A 898 -9.50 -28.46 19.41
C GLU A 898 -10.41 -29.11 18.37
N HIS A 899 -10.44 -28.57 17.14
CA HIS A 899 -11.31 -29.08 16.08
C HIS A 899 -10.49 -29.47 14.85
N PRO A 900 -9.88 -30.66 14.85
CA PRO A 900 -9.18 -31.12 13.65
C PRO A 900 -10.08 -31.37 12.45
N GLU A 901 -11.38 -31.50 12.65
CA GLU A 901 -12.32 -31.76 11.56
C GLU A 901 -12.62 -30.53 10.71
N THR A 902 -11.98 -29.39 10.99
CA THR A 902 -12.27 -28.12 10.34
C THR A 902 -12.00 -28.19 8.85
N PRO A 903 -12.98 -27.87 8.00
CA PRO A 903 -12.73 -27.79 6.56
C PRO A 903 -11.78 -26.65 6.21
N ILE A 904 -11.17 -26.74 5.04
CA ILE A 904 -10.17 -25.77 4.58
C ILE A 904 -10.62 -25.25 3.22
N ILE A 905 -10.67 -23.93 3.08
CA ILE A 905 -11.14 -23.30 1.84
C ILE A 905 -9.93 -22.70 1.14
N GLY A 906 -9.49 -23.32 0.05
CA GLY A 906 -8.34 -22.86 -0.70
C GLY A 906 -8.79 -21.97 -1.85
N ILE A 907 -8.08 -20.86 -2.03
CA ILE A 907 -8.51 -19.80 -2.94
C ILE A 907 -7.42 -19.57 -3.99
N ASP A 908 -7.79 -19.54 -5.27
CA ASP A 908 -6.75 -19.29 -6.26
C ASP A 908 -7.40 -18.52 -7.39
N ARG A 909 -6.59 -17.78 -8.14
CA ARG A 909 -7.05 -17.02 -9.28
C ARG A 909 -6.54 -17.64 -10.58
N GLY A 910 -7.48 -18.01 -11.45
CA GLY A 910 -7.18 -18.88 -12.57
C GLY A 910 -7.07 -18.14 -13.89
N GLU A 911 -6.91 -18.93 -14.95
CA GLU A 911 -6.67 -18.39 -16.29
C GLU A 911 -7.93 -18.29 -17.12
N ARG A 912 -8.92 -19.16 -16.90
CA ARG A 912 -10.18 -19.09 -17.63
C ARG A 912 -11.38 -18.87 -16.73
N ASN A 913 -11.20 -18.82 -15.41
CA ASN A 913 -12.18 -18.23 -14.51
C ASN A 913 -11.43 -17.39 -13.49
N LEU A 914 -12.07 -16.29 -13.09
CA LEU A 914 -11.36 -15.21 -12.40
C LEU A 914 -10.83 -15.66 -11.04
N ILE A 915 -11.69 -16.21 -10.20
CA ILE A 915 -11.28 -16.81 -8.94
C ILE A 915 -12.01 -18.14 -8.78
N TYR A 916 -11.26 -19.19 -8.47
CA TYR A 916 -11.82 -20.51 -8.24
C TYR A 916 -11.55 -20.90 -6.79
N ILE A 917 -12.54 -21.53 -6.16
CA ILE A 917 -12.42 -21.94 -4.76
C ILE A 917 -12.55 -23.46 -4.71
N THR A 918 -11.81 -24.08 -3.79
CA THR A 918 -12.09 -25.46 -3.42
C THR A 918 -12.08 -25.62 -1.91
N VAL A 919 -13.15 -26.19 -1.37
CA VAL A 919 -13.26 -26.52 0.04
C VAL A 919 -12.98 -28.00 0.18
N ILE A 920 -12.00 -28.34 1.03
CA ILE A 920 -11.57 -29.70 1.26
C ILE A 920 -11.79 -30.05 2.72
N ASP A 921 -11.96 -31.34 2.97
CA ASP A 921 -12.14 -31.89 4.31
C ASP A 921 -10.77 -32.04 4.98
N SER A 922 -10.78 -32.50 6.24
CA SER A 922 -9.54 -32.82 6.94
C SER A 922 -8.79 -33.99 6.32
N THR A 923 -9.47 -34.85 5.56
CA THR A 923 -8.80 -35.98 4.91
C THR A 923 -8.21 -35.61 3.56
N GLY A 924 -8.37 -34.37 3.11
CA GLY A 924 -7.97 -33.98 1.78
C GLY A 924 -9.00 -34.25 0.70
N LYS A 925 -10.13 -34.87 1.05
CA LYS A 925 -11.19 -35.10 0.08
C LYS A 925 -11.87 -33.79 -0.29
N ILE A 926 -12.27 -33.68 -1.55
CA ILE A 926 -12.95 -32.47 -2.02
C ILE A 926 -14.35 -32.44 -1.44
N LEU A 927 -14.68 -31.36 -0.74
CA LEU A 927 -16.05 -31.14 -0.30
C LEU A 927 -16.84 -30.33 -1.32
N GLU A 928 -16.23 -29.30 -1.90
CA GLU A 928 -16.90 -28.48 -2.89
C GLU A 928 -15.85 -27.81 -3.76
N GLN A 929 -16.16 -27.61 -5.03
CA GLN A 929 -15.25 -26.88 -5.91
C GLN A 929 -16.07 -26.07 -6.90
N ARG A 930 -15.81 -24.77 -6.97
CA ARG A 930 -16.64 -23.94 -7.84
C ARG A 930 -15.94 -22.64 -8.22
N SER A 931 -16.28 -22.15 -9.39
CA SER A 931 -15.74 -20.90 -9.92
C SER A 931 -16.61 -19.73 -9.50
N LEU A 932 -15.97 -18.57 -9.37
CA LEU A 932 -16.66 -17.33 -9.04
C LEU A 932 -16.78 -16.38 -10.24
N ASN A 933 -17.00 -16.93 -11.43
CA ASN A 933 -17.32 -16.08 -12.57
C ASN A 933 -18.68 -15.42 -12.42
N THR A 934 -19.70 -16.20 -12.14
CA THR A 934 -21.07 -15.71 -12.08
C THR A 934 -21.41 -15.40 -10.63
N ILE A 935 -21.39 -14.13 -10.29
CA ILE A 935 -21.83 -13.67 -8.98
C ILE A 935 -23.03 -12.76 -9.19
N GLN A 936 -24.14 -13.09 -8.52
CA GLN A 936 -25.42 -12.40 -8.67
C GLN A 936 -25.88 -12.36 -10.13
N GLN A 937 -26.00 -13.57 -10.70
CA GLN A 937 -26.36 -13.87 -12.08
C GLN A 937 -25.68 -12.97 -13.11
N PHE A 938 -24.45 -12.53 -12.88
CA PHE A 938 -23.72 -11.77 -13.88
C PHE A 938 -22.34 -12.40 -14.07
N ASP A 939 -22.03 -12.73 -15.33
CA ASP A 939 -20.77 -13.41 -15.66
C ASP A 939 -19.70 -12.34 -15.81
N TYR A 940 -18.88 -12.17 -14.77
CA TYR A 940 -17.83 -11.17 -14.82
C TYR A 940 -16.70 -11.57 -15.77
N GLN A 941 -16.50 -12.86 -16.00
CA GLN A 941 -15.45 -13.29 -16.93
C GLN A 941 -15.76 -12.86 -18.36
N LYS A 942 -17.02 -12.99 -18.78
CA LYS A 942 -17.39 -12.56 -20.12
C LYS A 942 -17.24 -11.06 -20.27
N LYS A 943 -17.60 -10.31 -19.21
CA LYS A 943 -17.43 -8.86 -19.21
C LYS A 943 -15.96 -8.47 -19.32
N LEU A 944 -15.09 -9.12 -18.55
CA LEU A 944 -13.67 -8.79 -18.61
C LEU A 944 -13.06 -9.23 -19.95
N ASP A 945 -13.54 -10.34 -20.51
CA ASP A 945 -13.08 -10.76 -21.84
C ASP A 945 -13.46 -9.74 -22.90
N ASN A 946 -14.69 -9.21 -22.83
CA ASN A 946 -15.10 -8.16 -23.76
C ASN A 946 -14.27 -6.89 -23.58
N ARG A 947 -14.00 -6.52 -22.33
CA ARG A 947 -13.17 -5.35 -22.07
C ARG A 947 -11.75 -5.53 -22.58
N GLU A 948 -11.17 -6.72 -22.41
CA GLU A 948 -9.82 -6.98 -22.93
C GLU A 948 -9.82 -6.98 -24.47
N LYS A 949 -10.88 -7.51 -25.08
CA LYS A 949 -10.99 -7.49 -26.53
C LYS A 949 -11.03 -6.08 -27.06
N GLU A 950 -11.83 -5.21 -26.44
CA GLU A 950 -11.85 -3.82 -26.87
C GLU A 950 -10.59 -3.07 -26.44
N ARG A 951 -9.88 -3.55 -25.42
CA ARG A 951 -8.60 -2.96 -25.05
C ARG A 951 -7.57 -3.18 -26.14
N VAL A 952 -7.51 -4.41 -26.66
CA VAL A 952 -6.62 -4.71 -27.78
C VAL A 952 -7.08 -3.97 -29.03
N ALA A 953 -8.40 -3.90 -29.23
CA ALA A 953 -8.94 -3.15 -30.36
C ALA A 953 -8.60 -1.66 -30.29
N ALA A 954 -8.61 -1.08 -29.09
CA ALA A 954 -8.32 0.33 -28.91
C ALA A 954 -6.85 0.63 -28.68
N ARG A 955 -5.95 -0.28 -29.06
CA ARG A 955 -4.48 -0.17 -28.97
C ARG A 955 -4.03 0.39 -27.61
N GLN A 956 -4.62 -0.15 -26.54
CA GLN A 956 -4.26 0.13 -25.15
C GLN A 956 -4.37 1.62 -24.79
N ALA A 957 -5.54 2.20 -25.08
CA ALA A 957 -5.86 3.54 -24.59
C ALA A 957 -5.98 3.53 -23.07
N TRP A 958 -5.90 4.73 -22.48
CA TRP A 958 -5.93 4.84 -21.03
C TRP A 958 -7.33 4.58 -20.46
N SER A 959 -8.37 4.94 -21.22
CA SER A 959 -9.74 4.82 -20.72
C SER A 959 -10.11 3.37 -20.47
N VAL A 960 -9.79 2.48 -21.41
CA VAL A 960 -10.19 1.08 -21.29
C VAL A 960 -9.43 0.39 -20.15
N VAL A 961 -8.16 0.72 -19.97
CA VAL A 961 -7.42 0.08 -18.87
C VAL A 961 -7.90 0.62 -17.52
N GLY A 962 -8.34 1.88 -17.47
CA GLY A 962 -9.00 2.37 -16.27
C GLY A 962 -10.28 1.62 -15.96
N THR A 963 -11.13 1.44 -16.98
CA THR A 963 -12.39 0.74 -16.81
C THR A 963 -12.22 -0.77 -16.67
N ILE A 964 -11.02 -1.28 -16.83
CA ILE A 964 -10.70 -2.67 -16.51
C ILE A 964 -10.24 -2.81 -15.07
N LYS A 965 -9.35 -1.91 -14.62
CA LYS A 965 -8.90 -1.94 -13.23
C LYS A 965 -10.04 -1.70 -12.25
N ASP A 966 -10.92 -0.74 -12.55
CA ASP A 966 -12.05 -0.50 -11.64
C ASP A 966 -13.04 -1.66 -11.64
N LEU A 967 -13.20 -2.32 -12.78
CA LEU A 967 -14.07 -3.48 -12.85
C LEU A 967 -13.51 -4.64 -12.02
N LYS A 968 -12.20 -4.84 -12.06
CA LYS A 968 -11.59 -5.88 -11.22
C LYS A 968 -11.76 -5.57 -9.74
N GLN A 969 -11.65 -4.29 -9.37
CA GLN A 969 -11.87 -3.90 -7.98
C GLN A 969 -13.31 -4.21 -7.53
N GLY A 970 -14.29 -3.87 -8.37
CA GLY A 970 -15.67 -4.18 -8.04
C GLY A 970 -15.94 -5.67 -7.96
N TYR A 971 -15.36 -6.43 -8.89
CA TYR A 971 -15.53 -7.87 -8.88
C TYR A 971 -14.99 -8.49 -7.60
N LEU A 972 -13.81 -8.04 -7.16
CA LEU A 972 -13.28 -8.53 -5.90
C LEU A 972 -14.12 -8.10 -4.70
N SER A 973 -14.78 -6.95 -4.77
CA SER A 973 -15.73 -6.61 -3.73
C SER A 973 -16.94 -7.54 -3.70
N GLN A 974 -17.32 -8.13 -4.83
CA GLN A 974 -18.32 -9.21 -4.79
C GLN A 974 -17.74 -10.51 -4.21
N VAL A 975 -16.48 -10.77 -4.57
CA VAL A 975 -15.79 -11.99 -4.13
C VAL A 975 -15.70 -12.04 -2.60
N ILE A 976 -15.55 -10.88 -1.96
CA ILE A 976 -15.46 -10.85 -0.50
C ILE A 976 -16.71 -11.44 0.15
N HIS A 977 -17.89 -11.04 -0.31
CA HIS A 977 -19.12 -11.61 0.23
C HIS A 977 -19.22 -13.10 -0.06
N GLU A 978 -18.87 -13.52 -1.27
CA GLU A 978 -18.94 -14.96 -1.57
C GLU A 978 -18.04 -15.77 -0.64
N ILE A 979 -16.82 -15.27 -0.42
CA ILE A 979 -15.84 -15.94 0.43
C ILE A 979 -16.36 -16.03 1.85
N VAL A 980 -16.93 -14.94 2.36
CA VAL A 980 -17.27 -14.91 3.77
C VAL A 980 -18.56 -15.70 4.02
N ASP A 981 -19.46 -15.77 3.04
CA ASP A 981 -20.65 -16.61 3.17
C ASP A 981 -20.23 -18.06 3.24
N LEU A 982 -19.28 -18.47 2.39
CA LEU A 982 -18.81 -19.85 2.41
C LEU A 982 -18.06 -20.17 3.69
N MET A 983 -17.30 -19.20 4.20
CA MET A 983 -16.56 -19.38 5.44
C MET A 983 -17.50 -19.57 6.62
N ILE A 984 -18.59 -18.79 6.69
CA ILE A 984 -19.54 -18.99 7.76
C ILE A 984 -20.29 -20.30 7.60
N HIS A 985 -20.59 -20.70 6.36
CA HIS A 985 -21.34 -21.93 6.14
C HIS A 985 -20.54 -23.16 6.57
N TYR A 986 -19.26 -23.23 6.20
CA TYR A 986 -18.48 -24.40 6.56
C TYR A 986 -17.78 -24.29 7.90
N GLN A 987 -17.73 -23.08 8.49
CA GLN A 987 -16.97 -22.79 9.70
C GLN A 987 -15.51 -23.22 9.54
N ALA A 988 -14.91 -22.68 8.49
CA ALA A 988 -13.68 -23.22 7.92
C ALA A 988 -12.57 -22.18 7.94
N VAL A 989 -11.34 -22.67 8.03
CA VAL A 989 -10.16 -21.82 7.82
C VAL A 989 -10.04 -21.53 6.33
N VAL A 990 -9.61 -20.32 5.99
CA VAL A 990 -9.50 -19.89 4.60
C VAL A 990 -8.03 -19.67 4.29
N VAL A 991 -7.54 -20.32 3.24
CA VAL A 991 -6.13 -20.25 2.88
C VAL A 991 -6.00 -19.63 1.49
N LEU A 992 -5.11 -18.64 1.40
CA LEU A 992 -5.00 -17.72 0.28
C LEU A 992 -3.57 -17.70 -0.23
N GLU A 993 -3.40 -17.17 -1.44
CA GLU A 993 -2.09 -17.10 -2.08
C GLU A 993 -1.25 -15.99 -1.48
N ASN A 994 -0.06 -16.34 -0.96
CA ASN A 994 0.89 -15.35 -0.45
C ASN A 994 1.58 -14.69 -1.63
N LEU A 995 1.41 -13.38 -1.77
CA LEU A 995 1.95 -12.65 -2.91
C LEU A 995 3.42 -12.27 -2.77
N ASN A 996 4.04 -12.55 -1.63
CA ASN A 996 5.45 -12.22 -1.46
C ASN A 996 6.35 -13.14 -2.29
N PHE A 997 5.89 -14.34 -2.61
CA PHE A 997 6.75 -15.39 -3.16
C PHE A 997 6.57 -15.56 -4.67
N GLY A 998 5.37 -15.91 -5.11
CA GLY A 998 5.16 -16.33 -6.48
C GLY A 998 5.00 -15.18 -7.44
N PHE A 999 4.73 -15.55 -8.70
CA PHE A 999 4.41 -14.59 -9.75
C PHE A 999 3.41 -15.27 -10.67
N LYS A 1000 2.53 -14.46 -11.27
CA LYS A 1000 1.47 -14.97 -12.11
C LYS A 1000 1.59 -14.38 -13.51
N SER A 1001 1.31 -15.20 -14.51
CA SER A 1001 1.41 -14.78 -15.90
C SER A 1001 0.31 -13.78 -16.23
N LYS A 1002 0.53 -13.02 -17.31
CA LYS A 1002 -0.49 -12.11 -17.82
C LYS A 1002 -1.72 -12.83 -18.35
N ARG A 1003 -1.62 -14.14 -18.60
CA ARG A 1003 -2.79 -14.90 -19.04
C ARG A 1003 -3.84 -15.00 -17.94
N THR A 1004 -3.44 -14.95 -16.68
CA THR A 1004 -4.38 -15.03 -15.58
C THR A 1004 -5.14 -13.72 -15.42
N GLY A 1005 -6.44 -13.82 -15.20
CA GLY A 1005 -7.20 -12.65 -14.79
C GLY A 1005 -6.83 -12.22 -13.38
N ILE A 1006 -6.92 -10.92 -13.13
CA ILE A 1006 -6.46 -10.26 -11.90
C ILE A 1006 -5.00 -10.61 -11.70
N ALA A 1007 -4.20 -10.43 -12.76
CA ALA A 1007 -2.77 -10.72 -12.68
C ALA A 1007 -2.03 -9.70 -11.82
N GLU A 1008 -2.55 -8.49 -11.70
CA GLU A 1008 -1.86 -7.40 -11.01
C GLU A 1008 -1.68 -7.70 -9.53
N LYS A 1009 -0.44 -7.59 -9.05
CA LYS A 1009 -0.14 -7.88 -7.65
C LYS A 1009 -0.81 -6.87 -6.71
N ALA A 1010 -0.84 -5.60 -7.10
CA ALA A 1010 -1.40 -4.57 -6.24
C ALA A 1010 -2.90 -4.75 -6.04
N VAL A 1011 -3.62 -5.14 -7.09
CA VAL A 1011 -5.07 -5.31 -7.00
C VAL A 1011 -5.42 -6.47 -6.07
N TYR A 1012 -4.71 -7.60 -6.19
CA TYR A 1012 -5.02 -8.73 -5.34
C TYR A 1012 -4.53 -8.51 -3.92
N GLN A 1013 -3.42 -7.78 -3.75
CA GLN A 1013 -3.00 -7.38 -2.41
C GLN A 1013 -4.05 -6.52 -1.72
N GLN A 1014 -4.63 -5.57 -2.46
CA GLN A 1014 -5.67 -4.75 -1.86
C GLN A 1014 -6.94 -5.55 -1.63
N PHE A 1015 -7.18 -6.59 -2.44
CA PHE A 1015 -8.31 -7.49 -2.15
C PHE A 1015 -8.09 -8.26 -0.86
N GLU A 1016 -6.87 -8.75 -0.63
CA GLU A 1016 -6.58 -9.46 0.62
C GLU A 1016 -6.68 -8.54 1.83
N LYS A 1017 -6.22 -7.29 1.67
CA LYS A 1017 -6.40 -6.28 2.72
C LYS A 1017 -7.87 -6.03 3.00
N MET A 1018 -8.68 -5.90 1.96
CA MET A 1018 -10.11 -5.68 2.13
C MET A 1018 -10.80 -6.90 2.74
N LEU A 1019 -10.31 -8.10 2.43
CA LEU A 1019 -10.85 -9.30 3.06
C LEU A 1019 -10.55 -9.34 4.55
N ILE A 1020 -9.33 -8.97 4.93
CA ILE A 1020 -8.99 -8.85 6.36
C ILE A 1020 -9.89 -7.82 7.03
N ASP A 1021 -10.08 -6.66 6.38
CA ASP A 1021 -10.90 -5.60 6.97
C ASP A 1021 -12.37 -6.01 7.09
N LYS A 1022 -12.90 -6.74 6.11
CA LYS A 1022 -14.25 -7.29 6.23
C LYS A 1022 -14.33 -8.28 7.38
N LEU A 1023 -13.35 -9.16 7.48
CA LEU A 1023 -13.49 -10.28 8.39
C LEU A 1023 -13.18 -9.91 9.84
N ASN A 1024 -12.70 -8.68 10.08
CA ASN A 1024 -12.56 -8.19 11.45
C ASN A 1024 -13.89 -7.89 12.11
N CYS A 1025 -14.86 -7.37 11.37
CA CYS A 1025 -16.10 -6.88 11.93
C CYS A 1025 -17.24 -7.40 11.06
N LEU A 1026 -17.23 -8.71 10.83
CA LEU A 1026 -18.15 -9.35 9.90
C LEU A 1026 -19.58 -9.30 10.45
N VAL A 1027 -20.48 -8.71 9.66
CA VAL A 1027 -21.90 -8.68 9.95
C VAL A 1027 -22.66 -9.25 8.77
N LEU A 1028 -23.55 -10.21 9.02
CA LEU A 1028 -24.38 -10.80 7.98
C LEU A 1028 -25.75 -10.14 8.02
N LYS A 1029 -26.27 -9.78 6.83
CA LYS A 1029 -27.49 -9.00 6.75
C LYS A 1029 -28.71 -9.76 7.24
N ASP A 1030 -28.83 -11.05 6.92
CA ASP A 1030 -30.05 -11.79 7.22
C ASP A 1030 -30.21 -12.10 8.69
N TYR A 1031 -29.13 -12.07 9.47
CA TYR A 1031 -29.15 -12.53 10.84
C TYR A 1031 -29.89 -11.54 11.75
N PRO A 1032 -30.55 -12.03 12.80
CA PRO A 1032 -31.06 -11.13 13.83
C PRO A 1032 -29.93 -10.43 14.56
N ALA A 1033 -30.21 -9.24 15.08
CA ALA A 1033 -29.18 -8.41 15.69
C ALA A 1033 -28.58 -9.06 16.94
N GLU A 1034 -29.36 -9.86 17.66
CA GLU A 1034 -28.85 -10.50 18.87
C GLU A 1034 -28.02 -11.75 18.58
N LYS A 1035 -28.15 -12.33 17.39
CA LYS A 1035 -27.40 -13.53 17.06
C LYS A 1035 -25.95 -13.16 16.78
N VAL A 1036 -25.04 -14.09 17.10
CA VAL A 1036 -23.64 -13.90 16.75
C VAL A 1036 -23.51 -13.86 15.24
N GLY A 1037 -22.91 -12.80 14.73
CA GLY A 1037 -22.97 -12.47 13.33
C GLY A 1037 -23.97 -11.39 12.99
N GLY A 1038 -24.80 -11.01 13.94
CA GLY A 1038 -25.73 -9.91 13.74
C GLY A 1038 -25.05 -8.57 13.87
N VAL A 1039 -25.87 -7.52 13.83
CA VAL A 1039 -25.36 -6.16 13.92
C VAL A 1039 -24.69 -5.91 15.28
N LEU A 1040 -25.32 -6.36 16.36
CA LEU A 1040 -24.78 -6.10 17.69
C LEU A 1040 -23.75 -7.13 18.14
N ASN A 1041 -23.60 -8.25 17.42
CA ASN A 1041 -22.61 -9.27 17.79
C ASN A 1041 -21.85 -9.73 16.54
N PRO A 1042 -21.02 -8.87 15.96
CA PRO A 1042 -20.30 -9.26 14.75
C PRO A 1042 -19.26 -10.34 15.02
N TYR A 1043 -19.04 -11.18 14.01
CA TYR A 1043 -17.93 -12.12 14.04
C TYR A 1043 -16.62 -11.37 13.96
N GLN A 1044 -15.61 -11.85 14.69
CA GLN A 1044 -14.24 -11.34 14.59
C GLN A 1044 -13.33 -12.53 14.37
N LEU A 1045 -12.98 -12.78 13.11
CA LEU A 1045 -12.23 -13.98 12.75
C LEU A 1045 -10.82 -13.66 12.25
N THR A 1046 -10.36 -12.42 12.42
CA THR A 1046 -9.08 -12.01 11.86
C THR A 1046 -8.49 -10.91 12.75
N ASP A 1047 -7.18 -10.84 12.80
CA ASP A 1047 -6.48 -9.78 13.51
C ASP A 1047 -6.44 -8.51 12.67
N GLN A 1048 -6.15 -7.40 13.33
CA GLN A 1048 -6.06 -6.11 12.64
C GLN A 1048 -4.90 -6.11 11.65
N PHE A 1049 -5.17 -5.60 10.46
CA PHE A 1049 -4.14 -5.48 9.44
C PHE A 1049 -3.11 -4.43 9.81
N THR A 1050 -1.84 -4.75 9.56
CA THR A 1050 -0.76 -3.79 9.79
C THR A 1050 -0.02 -3.46 8.51
N SER A 1051 0.49 -4.50 7.84
CA SER A 1051 1.29 -4.33 6.63
C SER A 1051 1.37 -5.67 5.93
N PHE A 1052 1.55 -5.63 4.61
CA PHE A 1052 1.68 -6.85 3.82
C PHE A 1052 2.95 -7.63 4.15
N ALA A 1053 4.06 -6.93 4.37
CA ALA A 1053 5.31 -7.62 4.67
C ALA A 1053 5.38 -8.12 6.10
N LYS A 1054 4.50 -7.64 6.97
CA LYS A 1054 4.55 -7.98 8.39
C LYS A 1054 3.45 -8.93 8.84
N MET A 1055 2.41 -9.13 8.03
CA MET A 1055 1.31 -10.00 8.43
C MET A 1055 1.70 -11.47 8.46
N GLY A 1056 2.78 -11.85 7.80
CA GLY A 1056 3.30 -13.21 7.89
C GLY A 1056 2.39 -14.25 7.26
N THR A 1057 2.52 -15.47 7.77
CA THR A 1057 1.83 -16.63 7.22
C THR A 1057 0.42 -16.81 7.77
N GLN A 1058 -0.01 -16.02 8.75
CA GLN A 1058 -1.33 -16.22 9.33
C GLN A 1058 -1.86 -14.89 9.83
N SER A 1059 -3.12 -14.61 9.54
CA SER A 1059 -3.87 -13.54 10.20
C SER A 1059 -5.20 -14.10 10.62
N GLY A 1060 -5.32 -14.43 11.91
CA GLY A 1060 -6.54 -15.06 12.41
C GLY A 1060 -6.81 -16.38 11.72
N PHE A 1061 -8.00 -16.52 11.15
CA PHE A 1061 -8.37 -17.67 10.35
C PHE A 1061 -7.93 -17.58 8.90
N LEU A 1062 -7.13 -16.59 8.51
CA LEU A 1062 -6.63 -16.51 7.14
C LEU A 1062 -5.19 -17.02 7.10
N PHE A 1063 -4.96 -18.05 6.30
CA PHE A 1063 -3.63 -18.62 6.12
C PHE A 1063 -3.08 -18.18 4.77
N TYR A 1064 -1.81 -17.82 4.75
CA TYR A 1064 -1.14 -17.40 3.52
C TYR A 1064 -0.01 -18.37 3.23
N VAL A 1065 -0.10 -19.04 2.08
CA VAL A 1065 0.86 -20.07 1.70
C VAL A 1065 1.51 -19.64 0.39
N PRO A 1066 2.77 -19.98 0.14
CA PRO A 1066 3.43 -19.55 -1.10
C PRO A 1066 2.79 -20.17 -2.33
N ALA A 1067 2.74 -19.37 -3.40
CA ALA A 1067 2.12 -19.81 -4.64
C ALA A 1067 2.74 -21.01 -5.35
N PRO A 1068 4.08 -21.16 -5.51
CA PRO A 1068 4.60 -22.13 -6.49
C PRO A 1068 4.24 -23.58 -6.21
N TYR A 1069 4.21 -24.36 -7.30
CA TYR A 1069 4.00 -25.80 -7.28
C TYR A 1069 2.62 -26.18 -6.75
N THR A 1070 1.64 -25.31 -6.99
CA THR A 1070 0.25 -25.62 -6.71
C THR A 1070 -0.57 -25.83 -7.97
N SER A 1071 -0.24 -25.15 -9.06
CA SER A 1071 -0.99 -25.27 -10.30
C SER A 1071 -0.44 -26.39 -11.19
N LYS A 1072 0.84 -26.32 -11.52
CA LYS A 1072 1.47 -27.32 -12.39
C LYS A 1072 1.90 -28.57 -11.64
N ILE A 1073 1.00 -29.20 -10.90
CA ILE A 1073 1.29 -30.41 -10.14
C ILE A 1073 0.13 -31.40 -10.33
N ASP A 1074 0.46 -32.66 -10.51
CA ASP A 1074 -0.54 -33.70 -10.68
C ASP A 1074 -1.19 -33.99 -9.33
N PRO A 1075 -2.51 -33.92 -9.21
CA PRO A 1075 -3.14 -34.14 -7.89
C PRO A 1075 -3.05 -35.57 -7.38
N LEU A 1076 -2.93 -36.57 -8.26
CA LEU A 1076 -3.00 -37.97 -7.80
C LEU A 1076 -1.74 -38.42 -7.09
N THR A 1077 -0.56 -38.01 -7.56
CA THR A 1077 0.68 -38.45 -6.92
C THR A 1077 1.71 -37.33 -6.78
N GLY A 1078 1.32 -36.09 -7.02
CA GLY A 1078 2.20 -34.97 -6.75
C GLY A 1078 3.40 -34.84 -7.65
N PHE A 1079 3.37 -35.43 -8.85
CA PHE A 1079 4.50 -35.33 -9.75
C PHE A 1079 4.65 -33.91 -10.29
N VAL A 1080 5.89 -33.44 -10.35
CA VAL A 1080 6.25 -32.17 -10.96
C VAL A 1080 7.39 -32.47 -11.93
N ASP A 1081 7.38 -31.82 -13.09
CA ASP A 1081 8.50 -31.97 -14.00
C ASP A 1081 9.75 -31.35 -13.37
N PRO A 1082 10.80 -32.13 -13.12
CA PRO A 1082 11.93 -31.60 -12.35
C PRO A 1082 12.88 -30.74 -13.16
N PHE A 1083 12.78 -30.77 -14.48
CA PHE A 1083 13.80 -30.15 -15.32
C PHE A 1083 13.56 -28.66 -15.50
N VAL A 1084 14.62 -27.95 -15.85
CA VAL A 1084 14.54 -26.59 -16.37
C VAL A 1084 15.01 -26.65 -17.82
N TRP A 1085 14.12 -26.30 -18.74
CA TRP A 1085 14.42 -26.48 -20.16
C TRP A 1085 15.37 -25.41 -20.70
N LYS A 1086 15.59 -24.33 -19.96
CA LYS A 1086 16.51 -23.29 -20.41
C LYS A 1086 17.97 -23.75 -20.39
N THR A 1087 18.28 -24.82 -19.66
CA THR A 1087 19.63 -25.36 -19.60
C THR A 1087 19.80 -26.58 -20.50
N ILE A 1088 18.96 -26.73 -21.51
CA ILE A 1088 18.94 -27.94 -22.33
C ILE A 1088 19.13 -27.67 -23.82
N LYS A 1089 18.89 -26.45 -24.29
CA LYS A 1089 18.68 -26.19 -25.72
C LYS A 1089 19.92 -26.45 -26.58
N ASN A 1090 21.12 -26.40 -26.01
CA ASN A 1090 22.30 -26.73 -26.80
C ASN A 1090 22.44 -28.24 -26.96
N HIS A 1091 23.07 -28.65 -28.06
CA HIS A 1091 23.02 -30.05 -28.49
C HIS A 1091 23.69 -31.00 -27.50
N GLU A 1092 24.81 -30.57 -26.91
CA GLU A 1092 25.50 -31.42 -25.95
C GLU A 1092 24.66 -31.65 -24.69
N SER A 1093 23.95 -30.62 -24.24
CA SER A 1093 23.12 -30.74 -23.06
C SER A 1093 21.97 -31.71 -23.29
N ARG A 1094 21.28 -31.61 -24.43
CA ARG A 1094 20.18 -32.53 -24.69
C ARG A 1094 20.67 -33.95 -24.96
N LYS A 1095 21.86 -34.09 -25.54
CA LYS A 1095 22.46 -35.41 -25.67
C LYS A 1095 22.70 -36.04 -24.30
N HIS A 1096 23.28 -35.28 -23.38
CA HIS A 1096 23.49 -35.76 -22.02
C HIS A 1096 22.15 -36.05 -21.33
N PHE A 1097 21.14 -35.23 -21.60
CA PHE A 1097 19.82 -35.38 -21.02
C PHE A 1097 19.19 -36.70 -21.44
N LEU A 1098 19.29 -37.04 -22.74
CA LEU A 1098 18.84 -38.34 -23.22
C LEU A 1098 19.66 -39.49 -22.64
N GLU A 1099 20.97 -39.29 -22.52
CA GLU A 1099 21.84 -40.31 -21.94
C GLU A 1099 21.46 -40.60 -20.49
N GLY A 1100 21.01 -39.58 -19.75
CA GLY A 1100 20.79 -39.71 -18.33
C GLY A 1100 19.55 -40.50 -17.93
N PHE A 1101 18.57 -40.65 -18.82
CA PHE A 1101 17.47 -41.54 -18.55
C PHE A 1101 17.94 -42.99 -18.56
N ASP A 1102 17.27 -43.84 -17.79
CA ASP A 1102 17.61 -45.25 -17.83
C ASP A 1102 17.14 -45.89 -19.12
N PHE A 1103 15.84 -46.13 -19.25
CA PHE A 1103 15.33 -46.78 -20.45
C PHE A 1103 13.83 -46.53 -20.61
N LEU A 1104 13.37 -46.70 -21.84
CA LEU A 1104 11.95 -46.60 -22.19
C LEU A 1104 11.61 -47.70 -23.17
N HIS A 1105 10.36 -48.15 -23.12
CA HIS A 1105 9.93 -49.29 -23.92
C HIS A 1105 8.46 -49.18 -24.28
N TYR A 1106 8.10 -49.83 -25.38
CA TYR A 1106 6.71 -49.87 -25.83
C TYR A 1106 6.01 -51.02 -25.12
N ASP A 1107 4.85 -50.72 -24.54
CA ASP A 1107 4.02 -51.74 -23.90
C ASP A 1107 3.19 -52.39 -24.99
N VAL A 1108 3.43 -53.68 -25.23
CA VAL A 1108 2.73 -54.43 -26.26
C VAL A 1108 1.24 -54.53 -25.97
N LYS A 1109 0.87 -54.63 -24.70
CA LYS A 1109 -0.52 -54.84 -24.31
C LYS A 1109 -1.35 -53.56 -24.39
N THR A 1110 -0.85 -52.48 -23.78
CA THR A 1110 -1.61 -51.24 -23.71
C THR A 1110 -1.35 -50.30 -24.89
N GLY A 1111 -0.23 -50.45 -25.57
CA GLY A 1111 0.16 -49.52 -26.61
C GLY A 1111 0.83 -48.27 -26.12
N ASP A 1112 1.03 -48.13 -24.81
CA ASP A 1112 1.72 -46.99 -24.25
C ASP A 1112 3.22 -47.11 -24.47
N PHE A 1113 3.94 -46.02 -24.22
CA PHE A 1113 5.39 -46.08 -24.00
C PHE A 1113 5.66 -45.70 -22.54
N ILE A 1114 6.55 -46.45 -21.89
CA ILE A 1114 6.89 -46.16 -20.50
C ILE A 1114 8.37 -45.82 -20.44
N LEU A 1115 8.69 -44.69 -19.80
CA LEU A 1115 10.04 -44.19 -19.63
C LEU A 1115 10.36 -44.14 -18.14
N HIS A 1116 11.51 -44.67 -17.75
CA HIS A 1116 11.85 -44.79 -16.35
C HIS A 1116 12.92 -43.77 -16.01
N PHE A 1117 12.68 -42.97 -14.97
CA PHE A 1117 13.65 -41.97 -14.54
C PHE A 1117 13.90 -42.16 -13.05
N LYS A 1118 15.17 -42.01 -12.67
CA LYS A 1118 15.62 -42.09 -11.28
C LYS A 1118 16.09 -40.70 -10.86
N MET A 1119 15.62 -40.26 -9.69
CA MET A 1119 15.77 -38.87 -9.26
C MET A 1119 17.22 -38.45 -9.03
N ASN A 1120 18.15 -39.39 -8.96
CA ASN A 1120 19.57 -39.09 -8.76
C ASN A 1120 20.32 -38.82 -10.05
N ARG A 1121 19.63 -38.76 -11.19
CA ARG A 1121 20.24 -38.46 -12.47
C ARG A 1121 19.91 -37.04 -12.91
N ASN A 1122 20.68 -36.55 -13.89
CA ASN A 1122 20.44 -35.27 -14.58
C ASN A 1122 20.44 -34.07 -13.64
N LEU A 1123 21.32 -34.08 -12.64
CA LEU A 1123 21.37 -32.98 -11.67
C LEU A 1123 21.75 -31.65 -12.31
N SER A 1124 22.51 -31.68 -13.41
CA SER A 1124 22.78 -30.45 -14.15
C SER A 1124 21.55 -29.90 -14.86
N PHE A 1125 20.49 -30.70 -14.99
CA PHE A 1125 19.27 -30.28 -15.67
C PHE A 1125 18.09 -30.15 -14.75
N GLN A 1126 18.12 -30.81 -13.59
CA GLN A 1126 17.07 -30.67 -12.60
C GLN A 1126 17.07 -29.28 -11.99
N ARG A 1127 15.89 -28.85 -11.54
CA ARG A 1127 15.82 -27.78 -10.57
C ARG A 1127 16.31 -28.31 -9.21
N GLY A 1128 16.53 -27.39 -8.28
CA GLY A 1128 17.11 -27.74 -7.01
C GLY A 1128 16.17 -28.34 -5.99
N LEU A 1129 15.15 -29.07 -6.44
CA LEU A 1129 14.10 -29.59 -5.56
C LEU A 1129 13.93 -31.10 -5.74
N PRO A 1130 14.68 -31.91 -5.00
CA PRO A 1130 14.40 -33.35 -4.96
C PRO A 1130 13.02 -33.64 -4.38
N GLY A 1131 12.33 -34.59 -4.98
CA GLY A 1131 11.06 -35.06 -4.47
C GLY A 1131 11.22 -36.17 -3.45
N PHE A 1132 10.08 -36.67 -2.98
CA PHE A 1132 10.12 -37.79 -2.04
C PHE A 1132 10.28 -39.12 -2.75
N MET A 1133 9.63 -39.27 -3.91
CA MET A 1133 9.73 -40.52 -4.65
C MET A 1133 11.11 -40.66 -5.29
N PRO A 1134 11.72 -41.84 -5.19
CA PRO A 1134 13.01 -42.04 -5.87
C PRO A 1134 12.90 -42.11 -7.38
N ALA A 1135 11.77 -42.54 -7.93
CA ALA A 1135 11.71 -42.84 -9.36
C ALA A 1135 10.34 -42.49 -9.92
N TRP A 1136 10.30 -42.29 -11.23
CA TRP A 1136 9.06 -42.02 -11.95
C TRP A 1136 8.96 -42.87 -13.21
N ASP A 1137 7.76 -43.37 -13.45
CA ASP A 1137 7.42 -44.08 -14.67
C ASP A 1137 6.56 -43.14 -15.51
N ILE A 1138 7.21 -42.35 -16.35
CA ILE A 1138 6.50 -41.44 -17.25
C ILE A 1138 5.83 -42.25 -18.34
N VAL A 1139 4.57 -41.93 -18.65
CA VAL A 1139 3.79 -42.72 -19.59
C VAL A 1139 3.37 -41.85 -20.77
N PHE A 1140 3.73 -42.29 -21.97
CA PHE A 1140 3.13 -41.84 -23.22
C PHE A 1140 1.88 -42.68 -23.41
N GLU A 1141 0.73 -42.09 -23.08
CA GLU A 1141 -0.54 -42.79 -23.19
C GLU A 1141 -0.91 -43.04 -24.64
N LYS A 1142 -1.50 -44.20 -24.90
CA LYS A 1142 -2.06 -44.49 -26.23
C LYS A 1142 -3.19 -43.53 -26.53
N ASN A 1143 -3.06 -42.79 -27.63
CA ASN A 1143 -4.09 -41.84 -28.03
C ASN A 1143 -5.36 -42.57 -28.44
N GLU A 1144 -6.46 -42.28 -27.76
CA GLU A 1144 -7.70 -43.02 -27.89
C GLU A 1144 -8.85 -42.12 -27.48
N THR A 1145 -10.00 -42.29 -28.13
CA THR A 1145 -11.17 -41.52 -27.76
C THR A 1145 -11.75 -42.00 -26.43
N GLN A 1146 -11.30 -41.39 -25.33
CA GLN A 1146 -11.92 -41.63 -24.05
C GLN A 1146 -13.21 -40.84 -23.95
N PHE A 1147 -14.04 -41.19 -22.97
CA PHE A 1147 -15.31 -40.51 -22.77
C PHE A 1147 -15.43 -40.09 -21.31
N ASP A 1148 -15.97 -38.90 -21.09
CA ASP A 1148 -16.10 -38.33 -19.76
C ASP A 1148 -17.41 -38.79 -19.09
N ALA A 1149 -17.64 -38.25 -17.88
CA ALA A 1149 -18.86 -38.55 -17.14
C ALA A 1149 -20.11 -38.04 -17.86
N LYS A 1150 -19.99 -36.97 -18.63
CA LYS A 1150 -21.11 -36.50 -19.46
C LYS A 1150 -21.28 -37.35 -20.71
N GLY A 1151 -20.18 -37.83 -21.28
CA GLY A 1151 -20.21 -38.68 -22.44
C GLY A 1151 -19.59 -38.11 -23.71
N THR A 1152 -18.99 -36.93 -23.67
CA THR A 1152 -18.37 -36.41 -24.88
C THR A 1152 -16.99 -37.03 -25.10
N PRO A 1153 -16.63 -37.34 -26.34
CA PRO A 1153 -15.31 -37.92 -26.61
C PRO A 1153 -14.20 -36.89 -26.48
N PHE A 1154 -13.02 -37.39 -26.10
CA PHE A 1154 -11.80 -36.59 -26.10
C PHE A 1154 -10.61 -37.50 -26.31
N ILE A 1155 -9.59 -36.96 -26.97
CA ILE A 1155 -8.40 -37.74 -27.29
C ILE A 1155 -7.52 -37.83 -26.06
N ALA A 1156 -7.28 -39.05 -25.58
CA ALA A 1156 -6.41 -39.25 -24.44
C ALA A 1156 -4.97 -38.90 -24.78
N GLY A 1157 -4.28 -38.27 -23.85
CA GLY A 1157 -2.87 -37.95 -24.03
C GLY A 1157 -2.57 -36.77 -24.92
N LYS A 1158 -3.59 -36.08 -25.43
CA LYS A 1158 -3.38 -34.93 -26.30
C LYS A 1158 -2.67 -33.81 -25.55
N ARG A 1159 -1.71 -33.18 -26.21
CA ARG A 1159 -0.99 -32.04 -25.65
C ARG A 1159 -1.20 -30.83 -26.53
N ILE A 1160 -1.28 -29.66 -25.93
CA ILE A 1160 -1.37 -28.40 -26.66
C ILE A 1160 -0.10 -27.62 -26.38
N VAL A 1161 0.69 -27.37 -27.42
CA VAL A 1161 2.01 -26.78 -27.25
C VAL A 1161 2.07 -25.42 -27.93
N PRO A 1162 2.73 -24.44 -27.31
CA PRO A 1162 2.87 -23.13 -27.95
C PRO A 1162 3.93 -23.16 -29.04
N VAL A 1163 3.64 -22.48 -30.14
CA VAL A 1163 4.59 -22.41 -31.24
C VAL A 1163 5.58 -21.28 -30.95
N ILE A 1164 6.87 -21.57 -31.12
CA ILE A 1164 7.93 -20.61 -30.85
C ILE A 1164 8.70 -20.33 -32.13
N GLU A 1165 8.81 -19.05 -32.47
CA GLU A 1165 9.75 -18.58 -33.49
C GLU A 1165 10.52 -17.40 -32.91
N ASN A 1166 11.77 -17.27 -33.34
CA ASN A 1166 12.74 -16.23 -32.90
C ASN A 1166 12.81 -16.09 -31.38
N HIS A 1167 12.73 -17.25 -30.70
CA HIS A 1167 12.81 -17.39 -29.24
C HIS A 1167 11.72 -16.61 -28.52
N ARG A 1168 10.55 -16.47 -29.14
CA ARG A 1168 9.43 -15.77 -28.55
C ARG A 1168 8.14 -16.53 -28.82
N PHE A 1169 7.22 -16.43 -27.88
CA PHE A 1169 5.90 -17.05 -28.00
C PHE A 1169 5.12 -16.39 -29.13
N THR A 1170 4.66 -17.18 -30.09
CA THR A 1170 3.98 -16.61 -31.26
C THR A 1170 2.53 -16.22 -30.98
N GLY A 1171 1.92 -16.73 -29.92
CA GLY A 1171 0.49 -16.55 -29.79
C GLY A 1171 -0.35 -17.56 -30.55
N ARG A 1172 0.26 -18.61 -31.07
CA ARG A 1172 -0.43 -19.72 -31.71
C ARG A 1172 -0.13 -21.00 -30.94
N TYR A 1173 -1.07 -21.94 -31.00
CA TYR A 1173 -0.93 -23.24 -30.37
C TYR A 1173 -1.12 -24.32 -31.41
N ARG A 1174 -0.51 -25.49 -31.18
CA ARG A 1174 -0.80 -26.63 -32.03
C ARG A 1174 -0.96 -27.87 -31.17
N ASP A 1175 -1.63 -28.87 -31.73
CA ASP A 1175 -1.99 -30.08 -31.01
C ASP A 1175 -1.04 -31.21 -31.36
N LEU A 1176 -0.55 -31.90 -30.34
CA LEU A 1176 0.31 -33.06 -30.49
C LEU A 1176 -0.35 -34.29 -29.88
N TYR A 1177 -0.06 -35.43 -30.49
CA TYR A 1177 -0.49 -36.73 -30.00
C TYR A 1177 0.79 -37.53 -29.82
N PRO A 1178 1.41 -37.45 -28.64
CA PRO A 1178 2.81 -37.90 -28.49
C PRO A 1178 3.06 -39.36 -28.79
N ALA A 1179 2.10 -40.25 -28.50
CA ALA A 1179 2.28 -41.66 -28.83
C ALA A 1179 2.30 -41.87 -30.33
N ASN A 1180 1.33 -41.30 -31.04
CA ASN A 1180 1.25 -41.45 -32.50
C ASN A 1180 2.46 -40.81 -33.19
N GLU A 1181 2.88 -39.64 -32.70
CA GLU A 1181 4.07 -38.98 -33.24
C GLU A 1181 5.31 -39.81 -33.00
N LEU A 1182 5.41 -40.44 -31.83
CA LEU A 1182 6.58 -41.26 -31.52
C LEU A 1182 6.60 -42.54 -32.36
N ILE A 1183 5.44 -43.14 -32.62
CA ILE A 1183 5.39 -44.28 -33.55
C ILE A 1183 5.81 -43.86 -34.94
N ALA A 1184 5.37 -42.66 -35.38
CA ALA A 1184 5.79 -42.16 -36.68
C ALA A 1184 7.31 -41.98 -36.73
N LEU A 1185 7.89 -41.47 -35.64
CA LEU A 1185 9.34 -41.36 -35.50
C LEU A 1185 10.02 -42.71 -35.59
N LEU A 1186 9.51 -43.68 -34.85
CA LEU A 1186 10.15 -45.00 -34.75
C LEU A 1186 10.11 -45.73 -36.08
N GLU A 1187 8.98 -45.67 -36.79
CA GLU A 1187 8.91 -46.30 -38.10
C GLU A 1187 9.68 -45.51 -39.16
N GLU A 1188 9.83 -44.20 -39.00
CA GLU A 1188 10.67 -43.46 -39.94
C GLU A 1188 12.13 -43.82 -39.76
N LYS A 1189 12.59 -43.98 -38.52
CA LYS A 1189 13.95 -44.48 -38.29
C LYS A 1189 14.07 -45.97 -38.58
N GLY A 1190 12.98 -46.72 -38.50
CA GLY A 1190 13.01 -48.12 -38.87
C GLY A 1190 13.68 -49.04 -37.89
N ILE A 1191 14.13 -48.53 -36.75
CA ILE A 1191 14.70 -49.40 -35.72
C ILE A 1191 13.60 -50.23 -35.09
N VAL A 1192 13.93 -51.48 -34.75
CA VAL A 1192 12.92 -52.43 -34.31
C VAL A 1192 12.40 -52.06 -32.93
N PHE A 1193 11.09 -52.14 -32.78
CA PHE A 1193 10.38 -51.85 -31.54
C PHE A 1193 9.12 -52.72 -31.51
N ARG A 1194 8.18 -52.40 -30.62
CA ARG A 1194 6.94 -53.16 -30.41
C ARG A 1194 7.27 -54.57 -29.92
N ASP A 1195 8.34 -54.67 -29.13
CA ASP A 1195 8.81 -55.94 -28.61
C ASP A 1195 9.31 -55.88 -27.17
N GLY A 1196 9.17 -54.73 -26.49
CA GLY A 1196 9.63 -54.57 -25.14
C GLY A 1196 11.10 -54.25 -24.98
N SER A 1197 11.84 -54.12 -26.08
CA SER A 1197 13.25 -53.82 -25.99
C SER A 1197 13.47 -52.33 -25.67
N ASN A 1198 14.69 -52.02 -25.25
CA ASN A 1198 15.04 -50.67 -24.86
C ASN A 1198 15.24 -49.81 -26.10
N ILE A 1199 14.48 -48.71 -26.18
CA ILE A 1199 14.49 -47.85 -27.37
C ILE A 1199 15.68 -46.89 -27.36
N LEU A 1200 16.09 -46.43 -26.17
CA LEU A 1200 16.97 -45.27 -26.05
C LEU A 1200 18.36 -45.45 -26.66
N PRO A 1201 19.12 -46.54 -26.41
CA PRO A 1201 20.42 -46.66 -27.09
C PRO A 1201 20.30 -46.83 -28.59
N LYS A 1202 19.31 -47.59 -29.06
CA LYS A 1202 19.11 -47.74 -30.50
C LYS A 1202 18.74 -46.43 -31.17
N LEU A 1203 18.15 -45.50 -30.41
CA LEU A 1203 17.87 -44.17 -30.95
C LEU A 1203 19.12 -43.29 -30.93
N LEU A 1204 19.81 -43.22 -29.81
CA LEU A 1204 20.91 -42.28 -29.68
C LEU A 1204 22.21 -42.76 -30.33
N GLU A 1205 22.32 -44.04 -30.70
CA GLU A 1205 23.57 -44.53 -31.26
C GLU A 1205 23.87 -43.99 -32.65
N ASN A 1206 22.85 -43.56 -33.40
CA ASN A 1206 23.11 -42.94 -34.69
C ASN A 1206 23.76 -41.56 -34.55
N ASP A 1207 23.59 -40.93 -33.39
CA ASP A 1207 23.96 -39.53 -33.11
C ASP A 1207 23.34 -38.64 -34.19
N ASP A 1208 22.06 -38.85 -34.47
CA ASP A 1208 21.29 -37.97 -35.35
C ASP A 1208 20.79 -36.79 -34.53
N SER A 1209 21.24 -35.57 -34.87
CA SER A 1209 20.84 -34.39 -34.12
C SER A 1209 19.33 -34.15 -34.20
N HIS A 1210 18.75 -34.44 -35.36
CA HIS A 1210 17.30 -34.28 -35.54
C HIS A 1210 16.51 -35.20 -34.61
N ALA A 1211 16.97 -36.45 -34.48
CA ALA A 1211 16.29 -37.40 -33.60
C ALA A 1211 16.31 -36.95 -32.15
N ILE A 1212 17.46 -36.46 -31.68
CA ILE A 1212 17.57 -36.00 -30.30
C ILE A 1212 16.75 -34.72 -30.09
N ASP A 1213 16.75 -33.82 -31.07
CA ASP A 1213 15.93 -32.61 -30.98
C ASP A 1213 14.45 -32.95 -30.83
N THR A 1214 13.93 -33.81 -31.71
CA THR A 1214 12.52 -34.15 -31.62
C THR A 1214 12.20 -35.05 -30.42
N MET A 1215 13.17 -35.82 -29.93
CA MET A 1215 12.98 -36.57 -28.69
C MET A 1215 12.83 -35.64 -27.49
N VAL A 1216 13.70 -34.63 -27.40
CA VAL A 1216 13.60 -33.64 -26.33
C VAL A 1216 12.30 -32.87 -26.45
N ALA A 1217 11.89 -32.57 -27.68
CA ALA A 1217 10.59 -31.91 -27.89
C ALA A 1217 9.44 -32.79 -27.40
N LEU A 1218 9.51 -34.09 -27.66
CA LEU A 1218 8.47 -35.02 -27.20
C LEU A 1218 8.44 -35.11 -25.68
N ILE A 1219 9.61 -35.19 -25.05
CA ILE A 1219 9.70 -35.29 -23.59
C ILE A 1219 9.18 -34.01 -22.95
N ARG A 1220 9.52 -32.85 -23.51
CA ARG A 1220 8.98 -31.60 -23.01
C ARG A 1220 7.48 -31.51 -23.25
N SER A 1221 6.99 -32.13 -24.32
CA SER A 1221 5.56 -32.12 -24.61
C SER A 1221 4.77 -32.96 -23.61
N VAL A 1222 5.27 -34.15 -23.26
CA VAL A 1222 4.52 -34.99 -22.33
C VAL A 1222 4.54 -34.41 -20.92
N LEU A 1223 5.63 -33.72 -20.56
CA LEU A 1223 5.68 -33.11 -19.24
C LEU A 1223 4.90 -31.80 -19.16
N GLN A 1224 4.24 -31.38 -20.25
CA GLN A 1224 3.36 -30.23 -20.24
C GLN A 1224 2.13 -30.58 -19.42
N MET A 1225 2.04 -30.02 -18.21
CA MET A 1225 0.92 -30.35 -17.32
C MET A 1225 -0.34 -29.63 -17.76
N ARG A 1226 -0.32 -28.29 -17.71
CA ARG A 1226 -1.45 -27.49 -18.16
C ARG A 1226 -1.46 -27.43 -19.68
N ASN A 1227 -2.57 -27.85 -20.28
CA ASN A 1227 -2.76 -27.72 -21.72
C ASN A 1227 -4.02 -26.91 -21.94
N SER A 1228 -3.88 -25.76 -22.62
CA SER A 1228 -5.00 -24.85 -22.73
C SER A 1228 -4.91 -24.07 -24.03
N ASN A 1229 -6.09 -23.81 -24.60
CA ASN A 1229 -6.25 -22.98 -25.78
C ASN A 1229 -7.58 -22.27 -25.60
N ALA A 1230 -7.53 -20.94 -25.46
CA ALA A 1230 -8.73 -20.15 -25.24
C ALA A 1230 -9.64 -20.17 -26.46
N ALA A 1231 -9.08 -20.33 -27.65
CA ALA A 1231 -9.88 -20.30 -28.87
C ALA A 1231 -10.80 -21.51 -28.96
N THR A 1232 -10.27 -22.71 -28.72
CA THR A 1232 -11.11 -23.90 -28.66
C THR A 1232 -11.77 -24.06 -27.31
N GLY A 1233 -11.32 -23.33 -26.29
CA GLY A 1233 -11.85 -23.47 -24.96
C GLY A 1233 -11.25 -24.58 -24.13
N GLU A 1234 -10.20 -25.23 -24.61
CA GLU A 1234 -9.59 -26.32 -23.87
C GLU A 1234 -8.80 -25.77 -22.69
N ASP A 1235 -8.96 -26.38 -21.51
CA ASP A 1235 -8.11 -26.02 -20.37
C ASP A 1235 -8.12 -27.22 -19.42
N TYR A 1236 -7.04 -27.99 -19.42
CA TYR A 1236 -7.04 -29.24 -18.68
C TYR A 1236 -5.64 -29.61 -18.22
N ILE A 1237 -5.60 -30.58 -17.31
CA ILE A 1237 -4.36 -31.18 -16.82
C ILE A 1237 -4.40 -32.68 -17.11
N ASN A 1238 -3.31 -33.19 -17.66
CA ASN A 1238 -3.14 -34.64 -17.84
C ASN A 1238 -1.80 -35.00 -17.23
N SER A 1239 -1.83 -35.95 -16.31
CA SER A 1239 -0.60 -36.39 -15.66
C SER A 1239 0.14 -37.38 -16.55
N PRO A 1240 1.43 -37.18 -16.79
CA PRO A 1240 2.19 -38.17 -17.55
C PRO A 1240 2.68 -39.32 -16.68
N VAL A 1241 2.18 -39.41 -15.46
CA VAL A 1241 2.62 -40.40 -14.48
C VAL A 1241 1.37 -41.05 -13.90
N ARG A 1242 1.43 -42.37 -13.71
CA ARG A 1242 0.31 -43.13 -13.21
C ARG A 1242 0.61 -43.57 -11.78
N ASP A 1243 -0.43 -43.57 -10.95
CA ASP A 1243 -0.29 -43.82 -9.53
C ASP A 1243 -0.29 -45.32 -9.23
N LEU A 1244 -0.49 -45.68 -7.97
CA LEU A 1244 -0.50 -47.08 -7.56
C LEU A 1244 -1.72 -47.83 -8.10
N ASN A 1245 -2.77 -47.12 -8.49
CA ASN A 1245 -3.91 -47.75 -9.15
C ASN A 1245 -3.71 -47.91 -10.65
N GLY A 1246 -2.57 -47.46 -11.18
CA GLY A 1246 -2.23 -47.70 -12.57
C GLY A 1246 -2.99 -46.87 -13.57
N VAL A 1247 -3.49 -45.70 -13.18
CA VAL A 1247 -4.28 -44.85 -14.06
C VAL A 1247 -3.67 -43.45 -14.06
N CYS A 1248 -3.67 -42.82 -15.23
CA CYS A 1248 -3.21 -41.45 -15.36
C CYS A 1248 -4.35 -40.48 -15.10
N PHE A 1249 -4.02 -39.35 -14.47
CA PHE A 1249 -5.02 -38.33 -14.24
C PHE A 1249 -5.43 -37.64 -15.53
N ASP A 1250 -6.69 -37.26 -15.59
CA ASP A 1250 -7.21 -36.40 -16.64
C ASP A 1250 -8.37 -35.62 -16.06
N SER A 1251 -8.24 -34.29 -16.01
CA SER A 1251 -9.38 -33.46 -15.62
C SER A 1251 -10.52 -33.57 -16.62
N ARG A 1252 -10.21 -33.96 -17.85
CA ARG A 1252 -11.22 -34.12 -18.89
C ARG A 1252 -12.16 -35.29 -18.67
N PHE A 1253 -11.90 -36.19 -17.71
CA PHE A 1253 -12.93 -37.14 -17.35
C PHE A 1253 -14.07 -36.50 -16.56
N GLN A 1254 -13.81 -35.34 -15.94
CA GLN A 1254 -14.78 -34.59 -15.16
C GLN A 1254 -15.32 -35.39 -13.97
N ASN A 1255 -14.44 -36.09 -13.26
CA ASN A 1255 -14.82 -36.83 -12.06
C ASN A 1255 -14.94 -35.84 -10.90
N PRO A 1256 -16.04 -35.84 -10.14
CA PRO A 1256 -16.17 -34.92 -9.00
C PRO A 1256 -15.09 -35.07 -7.93
N GLU A 1257 -14.45 -36.23 -7.80
CA GLU A 1257 -13.55 -36.49 -6.69
C GLU A 1257 -12.25 -35.69 -6.80
N TRP A 1258 -11.93 -35.20 -7.99
CA TRP A 1258 -10.65 -34.59 -8.28
C TRP A 1258 -10.95 -33.26 -8.98
N PRO A 1259 -9.98 -32.33 -9.10
CA PRO A 1259 -10.28 -31.03 -9.73
C PRO A 1259 -10.81 -31.17 -11.15
N MET A 1260 -12.04 -30.67 -11.34
CA MET A 1260 -12.77 -30.88 -12.59
C MET A 1260 -12.14 -30.13 -13.75
N ASP A 1261 -11.82 -28.85 -13.54
CA ASP A 1261 -11.11 -28.08 -14.55
C ASP A 1261 -9.75 -27.69 -13.97
N ALA A 1262 -8.80 -27.39 -14.86
CA ALA A 1262 -7.41 -27.25 -14.46
C ALA A 1262 -7.16 -26.07 -13.53
N ASP A 1263 -8.04 -25.06 -13.53
CA ASP A 1263 -7.89 -23.98 -12.56
C ASP A 1263 -8.22 -24.42 -11.14
N ALA A 1264 -9.05 -25.46 -11.00
CA ALA A 1264 -9.39 -25.96 -9.67
C ALA A 1264 -8.21 -26.62 -8.99
N ASN A 1265 -7.25 -27.11 -9.77
CA ASN A 1265 -6.11 -27.84 -9.22
C ASN A 1265 -5.25 -26.94 -8.35
N GLY A 1266 -5.08 -25.69 -8.77
CA GLY A 1266 -4.29 -24.75 -7.98
C GLY A 1266 -4.94 -24.42 -6.65
N ALA A 1267 -6.25 -24.20 -6.65
CA ALA A 1267 -6.96 -23.94 -5.39
C ALA A 1267 -6.95 -25.16 -4.50
N TYR A 1268 -7.04 -26.35 -5.09
CA TYR A 1268 -6.95 -27.58 -4.33
C TYR A 1268 -5.59 -27.70 -3.63
N HIS A 1269 -4.52 -27.37 -4.33
CA HIS A 1269 -3.21 -27.49 -3.68
C HIS A 1269 -2.91 -26.32 -2.74
N ILE A 1270 -3.54 -25.15 -2.93
CA ILE A 1270 -3.48 -24.12 -1.90
C ILE A 1270 -4.15 -24.61 -0.62
N ALA A 1271 -5.30 -25.28 -0.77
CA ALA A 1271 -5.96 -25.89 0.38
C ALA A 1271 -5.10 -26.98 1.00
N LEU A 1272 -4.38 -27.74 0.19
CA LEU A 1272 -3.49 -28.77 0.73
C LEU A 1272 -2.30 -28.19 1.46
N LYS A 1273 -1.78 -27.04 1.00
CA LYS A 1273 -0.74 -26.35 1.78
C LYS A 1273 -1.30 -25.82 3.10
N GLY A 1274 -2.55 -25.38 3.09
CA GLY A 1274 -3.20 -25.02 4.34
C GLY A 1274 -3.33 -26.21 5.28
N GLN A 1275 -3.66 -27.38 4.72
CA GLN A 1275 -3.69 -28.60 5.52
C GLN A 1275 -2.28 -28.97 6.03
N LEU A 1276 -1.25 -28.66 5.24
CA LEU A 1276 0.12 -28.89 5.69
C LEU A 1276 0.45 -28.06 6.93
N LEU A 1277 0.14 -26.76 6.88
CA LEU A 1277 0.33 -25.90 8.04
C LEU A 1277 -0.51 -26.36 9.22
N LEU A 1278 -1.76 -26.75 8.98
CA LEU A 1278 -2.64 -27.17 10.06
C LEU A 1278 -2.15 -28.48 10.69
N ASN A 1279 -1.60 -29.39 9.89
CA ASN A 1279 -1.07 -30.63 10.43
C ASN A 1279 0.17 -30.39 11.28
N HIS A 1280 1.07 -29.51 10.81
CA HIS A 1280 2.23 -29.16 11.63
C HIS A 1280 1.81 -28.43 12.90
N LEU A 1281 0.72 -27.65 12.85
CA LEU A 1281 0.18 -27.05 14.06
C LEU A 1281 -0.35 -28.11 15.01
N LYS A 1282 -1.06 -29.11 14.47
CA LYS A 1282 -1.63 -30.18 15.28
C LYS A 1282 -0.54 -31.00 15.95
N GLU A 1283 0.55 -31.27 15.24
CA GLU A 1283 1.65 -32.02 15.84
C GLU A 1283 2.41 -31.19 16.87
N SER A 1284 2.35 -29.86 16.78
CA SER A 1284 3.12 -29.00 17.67
C SER A 1284 2.41 -28.83 19.01
N LYS A 1285 3.13 -28.25 19.95
CA LYS A 1285 2.64 -27.99 21.30
C LYS A 1285 2.53 -26.51 21.63
N ASP A 1286 2.81 -25.61 20.69
CA ASP A 1286 3.01 -24.20 21.05
C ASP A 1286 2.17 -23.26 20.20
N LEU A 1287 1.09 -23.75 19.58
CA LEU A 1287 0.05 -22.94 18.94
C LEU A 1287 0.58 -22.04 17.82
N LYS A 1288 1.67 -22.44 17.17
CA LYS A 1288 2.30 -21.62 16.15
C LYS A 1288 2.42 -22.39 14.85
N LEU A 1289 2.27 -21.69 13.74
CA LEU A 1289 2.55 -22.27 12.44
C LEU A 1289 4.06 -22.26 12.17
N GLN A 1290 4.45 -22.91 11.08
CA GLN A 1290 5.87 -23.13 10.77
C GLN A 1290 6.56 -21.87 10.24
N ASN A 1291 5.82 -20.77 10.06
CA ASN A 1291 6.25 -19.47 9.55
C ASN A 1291 6.68 -19.52 8.10
N GLY A 1292 6.35 -20.58 7.37
CA GLY A 1292 6.63 -20.66 5.96
C GLY A 1292 6.76 -22.08 5.50
N ILE A 1293 6.48 -22.29 4.22
CA ILE A 1293 6.61 -23.59 3.57
C ILE A 1293 7.70 -23.48 2.53
N SER A 1294 8.77 -24.24 2.72
CA SER A 1294 9.78 -24.39 1.69
C SER A 1294 9.27 -25.32 0.60
N ASN A 1295 9.70 -25.06 -0.64
CA ASN A 1295 9.25 -25.87 -1.77
C ASN A 1295 9.72 -27.31 -1.66
N GLN A 1296 10.88 -27.54 -1.05
CA GLN A 1296 11.32 -28.91 -0.79
C GLN A 1296 10.37 -29.63 0.15
N ASP A 1297 9.94 -28.95 1.22
CA ASP A 1297 9.02 -29.58 2.18
C ASP A 1297 7.67 -29.89 1.55
N TRP A 1298 7.15 -28.97 0.74
CA TRP A 1298 5.88 -29.21 0.04
C TRP A 1298 6.02 -30.35 -0.97
N LEU A 1299 7.04 -30.30 -1.82
CA LEU A 1299 7.27 -31.34 -2.81
C LEU A 1299 7.74 -32.65 -2.19
N ALA A 1300 8.03 -32.67 -0.89
CA ALA A 1300 8.14 -33.94 -0.19
C ALA A 1300 6.79 -34.40 0.34
N TYR A 1301 6.08 -33.50 1.03
CA TYR A 1301 4.87 -33.84 1.77
C TYR A 1301 3.75 -34.31 0.85
N ILE A 1302 3.51 -33.59 -0.25
CA ILE A 1302 2.31 -33.86 -1.04
C ILE A 1302 2.41 -35.21 -1.74
N GLN A 1303 3.61 -35.58 -2.22
CA GLN A 1303 3.75 -36.88 -2.86
C GLN A 1303 4.07 -37.98 -1.87
N GLU A 1304 4.49 -37.66 -0.64
CA GLU A 1304 4.53 -38.69 0.39
C GLU A 1304 3.11 -39.03 0.85
N LEU A 1305 2.24 -38.03 0.95
CA LEU A 1305 0.86 -38.24 1.38
C LEU A 1305 0.10 -39.10 0.39
N ARG A 1306 0.35 -38.91 -0.89
CA ARG A 1306 -0.32 -39.69 -1.92
C ARG A 1306 0.44 -40.95 -2.31
N ASN A 1307 1.70 -41.06 -1.86
CA ASN A 1307 2.61 -42.19 -2.10
C ASN A 1307 2.78 -42.24 -3.62
#